data_8FI9
#
_entry.id   8FI9
#
_cell.length_a   141.508
_cell.length_b   115.565
_cell.length_c   142.167
_cell.angle_alpha   90.00
_cell.angle_beta   111.97
_cell.angle_gamma   90.00
#
_symmetry.space_group_name_H-M   'P 1 21 1'
#
loop_
_entity.id
_entity.type
_entity.pdbx_description
1 polymer 'Spike protein S1'
2 polymer 'WRAIR-5001 Fab Light chain'
3 polymer 'WRAIR-5001 Fab Heavy chain'
4 non-polymer 2-acetamido-2-deoxy-beta-D-glucopyranose
5 non-polymer GLYCEROL
6 water water
#
loop_
_entity_poly.entity_id
_entity_poly.type
_entity_poly.pdbx_seq_one_letter_code
_entity_poly.pdbx_strand_id
1 'polypeptide(L)'
;NITNLCPFGEVFNATRFASVYAWNRKRISNCVADYSVLYNSASFSTFKCYGVSPTKLNDLCFTNVYADSFVIRGDEVRQI
APGQTGKIADYNYKLPDDFTGCVIAWNSNNLDSKVGGNYNYLYRLFRKSNLKPFERDISTEIYQAGSTPCNGVEGFNCYF
PLQSYGFQPTNGVGYQPYRVVVLSFELLHAPATVCGPGSHHHHHH
;
A,C,K,O
2 'polypeptide(L)'
;SYELTQPRSVSVSPGQTARITCGGDNIASKNVHWYQQKLAQAPVLVIYYDSDRPSGIPERFSGSNSGNTATLTISGVEAG
DEADYYCQVWDSYSGHHVLFGGGTRLTVLGQPKAAPSVTLFPPSSEELQANKATLVCLISDFYPGAVEVAWKADGSAVNA
GVETTKPSKQSNNKYAASSYLSLTSDQWKSHKSYSCQVTHEGSTVEKTVAPAECS
;
F,I,L,N
3 'polypeptide(L)'
;QVQLVQSGAEVKKPGASVKLSCKASGYTFTSYSINWVRQAPGQGLEWMGWVNPSNGVTVYAQKFQGRVTMTRDTSTSTAY
MELSSLRFEDTAVYYCARERDQLVVYFDHWGQGALVTVSSASTKGPSVFPLAPSSRSTSESTAALGCLVKDYFPEPVTVS
WNSGSLTSGVHTFPAVLQSSGLYSLSSVVTVPSSSLGTQTYVCNVNHKPSNTKVDKRVEIKTC
;
G,H,J,Q
#
loop_
_chem_comp.id
_chem_comp.type
_chem_comp.name
_chem_comp.formula
GOL non-polymer GLYCEROL 'C3 H8 O3'
NAG D-saccharide, beta linking 2-acetamido-2-deoxy-beta-D-glucopyranose 'C8 H15 N O6'
#
# COMPACT_ATOMS: atom_id res chain seq x y z
N THR A 3 1.71 3.42 49.15
CA THR A 3 1.80 2.28 50.06
C THR A 3 1.25 1.01 49.39
N ASN A 4 0.30 1.19 48.49
CA ASN A 4 -0.22 0.09 47.67
C ASN A 4 0.50 0.11 46.33
N LEU A 5 1.02 -1.04 45.92
CA LEU A 5 1.77 -1.14 44.70
C LEU A 5 0.85 -1.35 43.51
N CYS A 6 1.34 -0.99 42.33
CA CYS A 6 0.49 -0.95 41.15
C CYS A 6 0.00 -2.35 40.80
N PRO A 7 -1.23 -2.49 40.31
CA PRO A 7 -1.88 -3.80 40.18
C PRO A 7 -1.57 -4.49 38.85
N PHE A 8 -0.28 -4.73 38.60
CA PHE A 8 0.11 -5.43 37.38
C PHE A 8 -0.27 -6.91 37.43
N GLY A 9 -0.20 -7.52 38.61
CA GLY A 9 -0.54 -8.93 38.71
C GLY A 9 -1.95 -9.22 38.23
N GLU A 10 -2.89 -8.33 38.54
CA GLU A 10 -4.28 -8.52 38.15
C GLU A 10 -4.57 -8.09 36.73
N VAL A 11 -3.57 -7.61 36.00
CA VAL A 11 -3.73 -7.26 34.59
C VAL A 11 -3.31 -8.40 33.68
N PHE A 12 -2.19 -9.04 33.99
CA PHE A 12 -1.73 -10.19 33.20
C PHE A 12 -2.46 -11.45 33.63
N ASN A 13 -2.50 -11.70 34.94
CA ASN A 13 -3.14 -12.93 35.46
C ASN A 13 -4.67 -12.81 35.32
N ALA A 14 -5.17 -11.70 34.79
CA ALA A 14 -6.59 -11.56 34.57
C ALA A 14 -7.08 -12.70 33.69
N THR A 15 -8.30 -13.18 33.97
CA THR A 15 -8.81 -14.36 33.30
C THR A 15 -9.45 -14.04 31.95
N ARG A 16 -9.76 -12.78 31.67
CA ARG A 16 -10.49 -12.39 30.46
C ARG A 16 -9.73 -11.31 29.72
N PHE A 17 -9.63 -11.47 28.41
CA PHE A 17 -8.97 -10.49 27.56
C PHE A 17 -9.92 -10.07 26.44
N ALA A 18 -9.67 -8.88 25.90
CA ALA A 18 -10.55 -8.25 24.93
C ALA A 18 -10.07 -8.50 23.51
N SER A 19 -11.01 -8.42 22.57
CA SER A 19 -10.67 -8.51 21.16
C SER A 19 -9.81 -7.32 20.77
N VAL A 20 -8.96 -7.53 19.75
CA VAL A 20 -7.92 -6.54 19.46
C VAL A 20 -8.53 -5.21 19.03
N TYR A 21 -9.56 -5.24 18.20
CA TYR A 21 -10.23 -4.00 17.82
C TYR A 21 -10.94 -3.35 18.99
N ALA A 22 -11.20 -4.12 20.05
CA ALA A 22 -11.85 -3.64 21.26
C ALA A 22 -10.89 -3.72 22.44
N TRP A 23 -9.63 -3.34 22.21
CA TRP A 23 -8.59 -3.44 23.24
C TRP A 23 -8.93 -2.56 24.42
N ASN A 24 -8.53 -3.01 25.62
CA ASN A 24 -8.83 -2.25 26.82
C ASN A 24 -7.61 -1.51 27.33
N ARG A 25 -7.82 -0.25 27.72
CA ARG A 25 -6.77 0.57 28.30
C ARG A 25 -7.11 0.88 29.75
N LYS A 26 -6.14 0.68 30.64
CA LYS A 26 -6.23 1.06 32.03
C LYS A 26 -5.15 2.09 32.38
N ARG A 27 -5.55 3.15 33.05
CA ARG A 27 -4.64 4.18 33.53
C ARG A 27 -4.12 3.78 34.91
N ILE A 28 -2.81 3.65 35.02
CA ILE A 28 -2.14 3.28 36.26
C ILE A 28 -1.50 4.53 36.84
N SER A 29 -1.80 4.82 38.09
CA SER A 29 -1.38 6.04 38.75
C SER A 29 -1.27 5.80 40.25
N ASN A 30 -0.50 6.67 40.91
CA ASN A 30 -0.47 6.77 42.37
C ASN A 30 -0.04 5.45 43.01
N CYS A 31 1.08 4.91 42.56
CA CYS A 31 1.61 3.69 43.16
C CYS A 31 3.04 3.45 42.70
N VAL A 32 3.65 2.43 43.30
CA VAL A 32 4.98 1.97 42.94
C VAL A 32 4.83 0.66 42.20
N ALA A 33 5.27 0.65 40.95
CA ALA A 33 5.17 -0.52 40.08
C ALA A 33 6.49 -1.26 40.11
N ASP A 34 6.46 -2.53 40.49
CA ASP A 34 7.66 -3.35 40.49
C ASP A 34 7.76 -4.02 39.13
N TYR A 35 8.43 -3.35 38.19
CA TYR A 35 8.55 -3.87 36.84
C TYR A 35 9.34 -5.17 36.78
N SER A 36 10.19 -5.42 37.78
CA SER A 36 11.03 -6.61 37.74
C SER A 36 10.19 -7.88 37.61
N VAL A 37 9.12 -7.97 38.40
CA VAL A 37 8.26 -9.15 38.42
C VAL A 37 7.71 -9.46 37.04
N LEU A 38 7.69 -8.48 36.13
CA LEU A 38 7.31 -8.78 34.76
C LEU A 38 8.40 -9.61 34.07
N TYR A 39 9.61 -9.06 33.98
CA TYR A 39 10.67 -9.80 33.28
C TYR A 39 11.29 -10.89 34.14
N ASN A 40 11.04 -10.89 35.45
CA ASN A 40 11.36 -12.08 36.25
C ASN A 40 10.53 -13.26 35.80
N SER A 41 9.26 -13.01 35.44
CA SER A 41 8.41 -14.03 34.83
C SER A 41 8.88 -14.19 33.38
N ALA A 42 9.98 -14.92 33.23
CA ALA A 42 10.57 -15.15 31.91
C ALA A 42 9.77 -16.20 31.16
N SER A 43 8.46 -15.98 31.03
CA SER A 43 7.56 -16.86 30.32
C SER A 43 7.01 -16.23 29.05
N PHE A 44 7.27 -14.95 28.83
CA PHE A 44 6.68 -14.22 27.72
C PHE A 44 7.37 -14.57 26.41
N SER A 45 6.57 -14.77 25.36
CA SER A 45 7.13 -14.96 24.03
C SER A 45 7.59 -13.64 23.43
N THR A 46 6.97 -12.53 23.83
CA THR A 46 7.39 -11.20 23.39
C THR A 46 7.61 -10.33 24.61
N PHE A 47 8.80 -9.77 24.72
CA PHE A 47 9.10 -8.80 25.78
C PHE A 47 10.12 -7.83 25.18
N LYS A 48 9.62 -6.77 24.56
CA LYS A 48 10.48 -5.84 23.83
C LYS A 48 10.19 -4.42 24.29
N CYS A 49 11.23 -3.71 24.71
CA CYS A 49 11.09 -2.39 25.31
C CYS A 49 11.76 -1.35 24.43
N TYR A 50 11.11 -0.20 24.30
CA TYR A 50 11.54 0.87 23.40
C TYR A 50 11.69 2.14 24.22
N GLY A 51 12.85 2.77 24.09
CA GLY A 51 13.11 4.03 24.76
C GLY A 51 13.56 3.89 26.20
N VAL A 52 13.17 2.79 26.85
CA VAL A 52 13.44 2.58 28.26
C VAL A 52 14.00 1.18 28.48
N SER A 53 15.04 1.08 29.30
CA SER A 53 15.66 -0.21 29.62
C SER A 53 14.80 -0.96 30.62
N PRO A 54 14.43 -2.22 30.36
CA PRO A 54 13.53 -2.93 31.26
C PRO A 54 14.06 -3.08 32.69
N THR A 55 15.34 -3.37 32.87
CA THR A 55 15.86 -3.59 34.22
C THR A 55 16.01 -2.28 34.99
N LYS A 56 16.25 -1.17 34.31
CA LYS A 56 16.36 0.12 34.94
C LYS A 56 15.00 0.80 35.11
N LEU A 57 13.94 0.20 34.58
CA LEU A 57 12.59 0.69 34.81
C LEU A 57 12.27 0.79 36.29
N ASN A 58 12.81 -0.13 37.10
CA ASN A 58 12.58 -0.11 38.54
C ASN A 58 13.16 1.13 39.20
N ASP A 59 13.96 1.92 38.48
CA ASP A 59 14.51 3.16 38.99
C ASP A 59 13.85 4.38 38.34
N LEU A 60 12.66 4.22 37.79
CA LEU A 60 12.04 5.25 36.98
C LEU A 60 10.72 5.71 37.58
N CYS A 61 10.37 6.95 37.28
CA CYS A 61 9.14 7.58 37.76
C CYS A 61 8.38 8.16 36.56
N PHE A 62 7.05 8.09 36.62
CA PHE A 62 6.20 8.56 35.54
C PHE A 62 4.97 9.26 36.10
N THR A 63 4.45 10.22 35.33
CA THR A 63 3.18 10.83 35.72
C THR A 63 2.04 9.84 35.58
N ASN A 64 2.07 9.01 34.54
CA ASN A 64 1.02 8.01 34.34
C ASN A 64 1.57 6.86 33.52
N VAL A 65 1.03 5.67 33.79
CA VAL A 65 1.31 4.50 32.98
C VAL A 65 -0.01 4.09 32.33
N TYR A 66 0.07 3.50 31.14
CA TYR A 66 -1.13 2.98 30.49
C TYR A 66 -0.89 1.55 30.04
N ALA A 67 -1.83 0.69 30.36
CA ALA A 67 -1.78 -0.72 29.99
C ALA A 67 -2.88 -1.02 29.00
N ASP A 68 -2.52 -1.54 27.83
CA ASP A 68 -3.46 -1.90 26.79
C ASP A 68 -3.43 -3.41 26.59
N SER A 69 -4.56 -4.06 26.83
CA SER A 69 -4.68 -5.50 26.83
C SER A 69 -5.61 -5.95 25.71
N PHE A 70 -5.17 -6.96 24.95
CA PHE A 70 -6.02 -7.60 23.94
C PHE A 70 -5.42 -8.94 23.56
N VAL A 71 -5.97 -9.56 22.50
CA VAL A 71 -5.55 -10.87 22.02
C VAL A 71 -5.46 -10.85 20.51
N ILE A 72 -4.42 -11.48 19.96
CA ILE A 72 -4.28 -11.64 18.50
C ILE A 72 -3.68 -13.01 18.20
N ARG A 73 -3.69 -13.37 16.92
CA ARG A 73 -3.01 -14.59 16.50
C ARG A 73 -1.51 -14.31 16.38
N GLY A 74 -0.70 -15.32 16.72
CA GLY A 74 0.71 -15.11 16.97
C GLY A 74 1.47 -14.51 15.80
N ASP A 75 1.10 -14.91 14.58
CA ASP A 75 1.75 -14.34 13.41
C ASP A 75 1.56 -12.83 13.35
N GLU A 76 0.41 -12.34 13.84
CA GLU A 76 0.15 -10.91 13.85
C GLU A 76 0.87 -10.19 14.98
N VAL A 77 1.54 -10.91 15.88
CA VAL A 77 2.21 -10.27 17.01
C VAL A 77 3.19 -9.21 16.52
N ARG A 78 3.95 -9.52 15.48
CA ARG A 78 4.97 -8.60 14.98
C ARG A 78 4.36 -7.29 14.48
N GLN A 79 3.05 -7.25 14.23
CA GLN A 79 2.42 -5.99 13.89
C GLN A 79 2.30 -5.05 15.09
N ILE A 80 2.55 -5.54 16.29
CA ILE A 80 2.50 -4.70 17.50
C ILE A 80 3.89 -4.10 17.64
N ALA A 81 4.14 -3.05 16.87
CA ALA A 81 5.42 -2.36 16.88
C ALA A 81 5.30 -1.03 16.15
N PRO A 82 6.13 -0.04 16.49
CA PRO A 82 6.04 1.25 15.81
C PRO A 82 6.33 1.12 14.33
N GLY A 83 5.62 1.91 13.52
CA GLY A 83 5.82 1.94 12.09
C GLY A 83 5.43 0.67 11.35
N GLN A 84 4.77 -0.27 12.02
CA GLN A 84 4.40 -1.51 11.38
C GLN A 84 3.16 -1.31 10.51
N THR A 85 2.99 -2.22 9.56
CA THR A 85 1.90 -2.15 8.59
C THR A 85 1.28 -3.53 8.41
N GLY A 86 -0.04 -3.54 8.30
CA GLY A 86 -0.78 -4.78 8.20
C GLY A 86 -2.21 -4.57 8.63
N LYS A 87 -2.93 -5.69 8.77
CA LYS A 87 -4.33 -5.62 9.15
C LYS A 87 -4.51 -5.03 10.54
N ILE A 88 -3.79 -5.57 11.53
CA ILE A 88 -3.94 -5.11 12.91
C ILE A 88 -3.45 -3.67 13.05
N ALA A 89 -2.28 -3.38 12.49
CA ALA A 89 -1.70 -2.05 12.63
C ALA A 89 -2.59 -0.98 12.00
N ASP A 90 -3.10 -1.24 10.80
CA ASP A 90 -3.89 -0.24 10.10
C ASP A 90 -5.28 -0.10 10.72
N TYR A 91 -5.90 -1.20 11.11
CA TYR A 91 -7.32 -1.18 11.43
C TYR A 91 -7.67 -1.51 12.87
N ASN A 92 -6.73 -1.97 13.68
CA ASN A 92 -7.08 -2.38 15.04
C ASN A 92 -6.36 -1.60 16.12
N TYR A 93 -5.03 -1.50 16.07
CA TYR A 93 -4.29 -0.89 17.17
C TYR A 93 -2.95 -0.38 16.64
N LYS A 94 -2.80 0.94 16.58
CA LYS A 94 -1.68 1.59 15.93
C LYS A 94 -0.77 2.24 16.97
N LEU A 95 0.53 1.95 16.89
CA LEU A 95 1.60 2.48 17.72
C LEU A 95 2.29 3.66 17.07
N PRO A 96 2.62 4.69 17.85
CA PRO A 96 3.33 5.84 17.30
C PRO A 96 4.78 5.52 17.02
N ASP A 97 5.38 6.32 16.15
CA ASP A 97 6.77 6.10 15.76
C ASP A 97 7.76 6.49 16.85
N ASP A 98 7.29 6.91 18.02
CA ASP A 98 8.15 7.28 19.13
C ASP A 98 7.76 6.55 20.40
N PHE A 99 7.25 5.33 20.27
CA PHE A 99 6.70 4.62 21.42
C PHE A 99 7.77 4.38 22.47
N THR A 100 7.59 4.98 23.64
CA THR A 100 8.46 4.76 24.79
C THR A 100 7.71 3.87 25.78
N GLY A 101 7.95 2.57 25.67
CA GLY A 101 7.26 1.61 26.50
C GLY A 101 7.58 0.20 26.04
N CYS A 102 6.90 -0.75 26.65
CA CYS A 102 7.19 -2.16 26.43
C CYS A 102 5.99 -2.89 25.85
N VAL A 103 6.29 -3.92 25.07
CA VAL A 103 5.29 -4.80 24.48
C VAL A 103 5.56 -6.21 25.00
N ILE A 104 4.54 -6.80 25.62
CA ILE A 104 4.62 -8.12 26.24
C ILE A 104 3.52 -8.99 25.65
N ALA A 105 3.85 -10.23 25.32
CA ALA A 105 2.89 -11.14 24.72
C ALA A 105 3.26 -12.56 25.08
N TRP A 106 2.24 -13.40 25.23
CA TRP A 106 2.47 -14.80 25.58
C TRP A 106 1.33 -15.66 25.05
N ASN A 107 1.68 -16.88 24.65
CA ASN A 107 0.73 -17.77 24.01
C ASN A 107 -0.30 -18.28 25.00
N SER A 108 -1.59 -18.12 24.66
CA SER A 108 -2.69 -18.57 25.50
C SER A 108 -3.61 -19.51 24.73
N ASN A 109 -3.03 -20.44 23.99
CA ASN A 109 -3.83 -21.42 23.26
C ASN A 109 -4.62 -22.31 24.21
N ASN A 110 -4.01 -22.71 25.32
CA ASN A 110 -4.70 -23.52 26.31
C ASN A 110 -5.91 -22.82 26.92
N LEU A 111 -5.94 -21.48 26.87
CA LEU A 111 -7.01 -20.69 27.47
C LEU A 111 -8.05 -20.20 26.46
N ASP A 112 -7.61 -19.54 25.41
CA ASP A 112 -8.53 -18.84 24.51
C ASP A 112 -8.78 -19.59 23.21
N SER A 113 -8.32 -20.83 23.10
CA SER A 113 -8.69 -21.73 22.01
C SER A 113 -9.58 -22.84 22.58
N LYS A 114 -10.89 -22.69 22.40
CA LYS A 114 -11.84 -23.68 22.87
C LYS A 114 -12.20 -24.63 21.72
N VAL A 115 -12.31 -25.92 22.03
CA VAL A 115 -12.51 -26.93 20.99
C VAL A 115 -13.78 -26.62 20.22
N GLY A 116 -13.74 -26.85 18.91
CA GLY A 116 -14.78 -26.37 18.04
C GLY A 116 -14.70 -24.89 17.75
N GLY A 117 -13.67 -24.21 18.25
CA GLY A 117 -13.49 -22.79 18.01
C GLY A 117 -13.90 -21.91 19.17
N ASN A 118 -13.15 -20.83 19.38
CA ASN A 118 -13.55 -19.74 20.25
C ASN A 118 -13.61 -18.51 19.36
N TYR A 119 -14.78 -18.26 18.79
CA TYR A 119 -14.97 -17.19 17.82
C TYR A 119 -15.32 -15.87 18.47
N ASN A 120 -15.28 -15.79 19.79
CA ASN A 120 -15.57 -14.54 20.49
C ASN A 120 -14.57 -13.45 20.12
N TYR A 121 -13.29 -13.80 20.06
CA TYR A 121 -12.26 -12.81 19.79
C TYR A 121 -12.31 -12.38 18.33
N LEU A 122 -12.40 -11.08 18.09
CA LEU A 122 -12.64 -10.52 16.77
C LEU A 122 -11.50 -9.59 16.39
N TYR A 123 -11.51 -9.18 15.12
CA TYR A 123 -10.63 -8.13 14.66
C TYR A 123 -11.24 -7.43 13.46
N ARG A 124 -10.89 -6.16 13.31
CA ARG A 124 -11.44 -5.34 12.24
C ARG A 124 -10.75 -5.66 10.93
N LEU A 125 -11.49 -5.56 9.84
CA LEU A 125 -10.99 -5.90 8.52
C LEU A 125 -10.83 -4.69 7.60
N PHE A 126 -11.75 -3.73 7.64
CA PHE A 126 -11.64 -2.52 6.82
C PHE A 126 -11.77 -1.30 7.71
N ARG A 127 -11.53 -0.14 7.10
CA ARG A 127 -11.83 1.15 7.69
C ARG A 127 -11.59 2.20 6.61
N LYS A 128 -12.31 3.32 6.73
CA LYS A 128 -12.16 4.40 5.75
C LYS A 128 -10.79 5.08 5.84
N SER A 129 -10.12 5.00 6.98
CA SER A 129 -8.78 5.55 7.12
C SER A 129 -8.01 4.69 8.11
N ASN A 130 -6.68 4.67 7.95
CA ASN A 130 -5.86 3.91 8.88
C ASN A 130 -5.86 4.57 10.25
N LEU A 131 -5.64 3.76 11.27
CA LEU A 131 -5.80 4.22 12.64
C LEU A 131 -4.69 5.17 13.06
N LYS A 132 -5.06 6.21 13.79
CA LYS A 132 -4.11 7.08 14.47
C LYS A 132 -3.51 6.34 15.68
N PRO A 133 -2.38 6.81 16.21
CA PRO A 133 -1.76 6.13 17.35
C PRO A 133 -2.70 6.03 18.54
N PHE A 134 -2.68 4.86 19.19
CA PHE A 134 -3.52 4.59 20.36
C PHE A 134 -4.99 4.86 20.09
N GLU A 135 -5.47 4.47 18.90
CA GLU A 135 -6.86 4.68 18.56
C GLU A 135 -7.59 3.35 18.52
N ARG A 136 -8.79 3.34 19.09
CA ARG A 136 -9.65 2.17 19.15
C ARG A 136 -10.91 2.43 18.33
N ASP A 137 -11.31 1.43 17.55
CA ASP A 137 -12.52 1.49 16.75
C ASP A 137 -13.33 0.23 16.99
N ILE A 138 -14.57 0.38 17.42
CA ILE A 138 -15.44 -0.76 17.67
C ILE A 138 -16.77 -0.56 16.98
N SER A 139 -16.82 0.40 16.06
CA SER A 139 -18.02 0.62 15.28
C SER A 139 -18.32 -0.62 14.44
N THR A 140 -19.55 -0.68 13.94
CA THR A 140 -19.97 -1.80 13.11
C THR A 140 -20.72 -1.33 11.86
N GLU A 141 -20.46 -0.10 11.40
CA GLU A 141 -21.05 0.36 10.15
C GLU A 141 -20.56 -0.49 8.99
N ILE A 142 -21.46 -0.76 8.05
CA ILE A 142 -21.17 -1.66 6.93
C ILE A 142 -20.27 -0.94 5.93
N TYR A 143 -19.08 -1.49 5.72
CA TYR A 143 -18.07 -0.83 4.89
C TYR A 143 -18.55 -0.68 3.46
N GLN A 144 -18.07 0.37 2.80
CA GLN A 144 -18.40 0.68 1.41
C GLN A 144 -17.11 0.64 0.58
N ALA A 145 -16.77 -0.54 0.07
CA ALA A 145 -15.61 -0.62 -0.85
C ALA A 145 -16.11 -0.17 -2.22
N GLY A 146 -17.35 -0.54 -2.56
CA GLY A 146 -17.96 -0.11 -3.82
C GLY A 146 -18.23 1.38 -3.83
N SER A 147 -18.17 2.02 -4.99
CA SER A 147 -18.45 3.47 -5.11
C SER A 147 -19.90 3.72 -4.68
N THR A 148 -20.81 2.82 -5.06
CA THR A 148 -22.25 3.00 -4.76
C THR A 148 -22.46 3.01 -3.25
N PRO A 149 -23.39 3.84 -2.72
CA PRO A 149 -23.62 3.95 -1.28
C PRO A 149 -24.16 2.63 -0.70
N CYS A 150 -23.78 2.30 0.53
CA CYS A 150 -24.18 0.99 1.12
C CYS A 150 -25.57 1.11 1.73
N ASN A 151 -26.61 1.06 0.91
CA ASN A 151 -28.00 1.08 1.44
C ASN A 151 -28.33 -0.29 2.03
N GLY A 152 -27.34 -1.20 2.02
CA GLY A 152 -27.57 -2.57 2.52
C GLY A 152 -26.66 -2.92 3.68
N VAL A 153 -27.22 -3.50 4.75
CA VAL A 153 -26.38 -3.95 5.90
C VAL A 153 -25.43 -5.02 5.38
N GLU A 154 -25.92 -5.92 4.53
CA GLU A 154 -25.01 -6.92 3.90
C GLU A 154 -25.30 -6.91 2.40
N GLY A 155 -24.30 -7.18 1.56
CA GLY A 155 -24.57 -7.28 0.11
C GLY A 155 -23.36 -7.05 -0.76
N PHE A 156 -23.55 -7.06 -2.07
CA PHE A 156 -22.43 -6.89 -3.00
C PHE A 156 -21.79 -5.53 -2.79
N ASN A 157 -20.48 -5.51 -2.58
CA ASN A 157 -19.70 -4.31 -2.29
C ASN A 157 -20.12 -3.63 -0.98
N CYS A 158 -20.82 -4.33 -0.10
CA CYS A 158 -21.12 -3.82 1.23
C CYS A 158 -20.92 -4.97 2.21
N TYR A 159 -19.86 -4.89 3.01
CA TYR A 159 -19.39 -6.01 3.81
C TYR A 159 -19.43 -5.67 5.28
N PHE A 160 -19.74 -6.67 6.09
CA PHE A 160 -19.62 -6.56 7.54
C PHE A 160 -18.16 -6.43 7.91
N PRO A 161 -17.75 -5.38 8.62
CA PRO A 161 -16.32 -5.07 8.76
C PRO A 161 -15.59 -5.82 9.86
N LEU A 162 -16.15 -6.85 10.48
CA LEU A 162 -15.47 -7.56 11.54
C LEU A 162 -15.29 -9.04 11.19
N GLN A 163 -14.21 -9.62 11.70
CA GLN A 163 -13.86 -11.01 11.46
C GLN A 163 -13.63 -11.71 12.78
N SER A 164 -13.84 -13.02 12.80
CA SER A 164 -13.69 -13.83 14.00
C SER A 164 -12.41 -14.65 13.90
N TYR A 165 -11.67 -14.70 15.00
CA TYR A 165 -10.53 -15.59 15.12
C TYR A 165 -11.03 -16.99 15.46
N GLY A 166 -10.77 -17.96 14.59
CA GLY A 166 -11.19 -19.32 14.87
C GLY A 166 -10.23 -20.04 15.77
N PHE A 167 -10.21 -19.67 17.05
CA PHE A 167 -9.23 -20.21 17.98
C PHE A 167 -9.62 -21.63 18.38
N GLN A 168 -8.86 -22.61 17.88
CA GLN A 168 -9.08 -24.01 18.15
C GLN A 168 -7.78 -24.62 18.69
N PRO A 169 -7.88 -25.62 19.55
CA PRO A 169 -6.66 -26.15 20.19
C PRO A 169 -5.70 -26.83 19.23
N THR A 170 -6.16 -27.24 18.04
CA THR A 170 -5.29 -27.88 17.05
C THR A 170 -4.81 -26.90 15.98
N ASN A 171 -5.01 -25.60 16.20
CA ASN A 171 -4.63 -24.59 15.23
C ASN A 171 -3.11 -24.61 14.99
N GLY A 172 -2.70 -23.92 13.93
CA GLY A 172 -1.30 -23.59 13.79
C GLY A 172 -0.87 -22.59 14.86
N VAL A 173 0.41 -22.69 15.26
CA VAL A 173 0.92 -21.78 16.28
C VAL A 173 0.85 -20.34 15.78
N GLY A 174 1.19 -20.12 14.52
CA GLY A 174 1.06 -18.79 13.94
C GLY A 174 -0.33 -18.22 14.09
N TYR A 175 -1.34 -19.09 14.11
CA TYR A 175 -2.72 -18.69 14.37
C TYR A 175 -3.19 -19.03 15.77
N GLN A 176 -2.33 -19.57 16.63
CA GLN A 176 -2.73 -19.78 18.00
C GLN A 176 -2.96 -18.43 18.69
N PRO A 177 -3.88 -18.38 19.64
CA PRO A 177 -4.14 -17.11 20.34
C PRO A 177 -2.99 -16.72 21.26
N TYR A 178 -2.71 -15.43 21.30
CA TYR A 178 -1.67 -14.84 22.13
C TYR A 178 -2.25 -13.62 22.83
N ARG A 179 -1.96 -13.51 24.13
CA ARG A 179 -2.39 -12.38 24.93
C ARG A 179 -1.30 -11.31 24.91
N VAL A 180 -1.74 -10.06 24.75
CA VAL A 180 -0.86 -8.93 24.45
C VAL A 180 -1.15 -7.81 25.44
N VAL A 181 -0.08 -7.27 26.02
CA VAL A 181 -0.11 -6.10 26.89
C VAL A 181 0.90 -5.08 26.37
N VAL A 182 0.47 -3.84 26.25
CA VAL A 182 1.33 -2.73 25.86
C VAL A 182 1.37 -1.75 27.02
N LEU A 183 2.57 -1.47 27.52
CA LEU A 183 2.77 -0.52 28.61
C LEU A 183 3.40 0.73 28.02
N SER A 184 2.71 1.85 28.16
CA SER A 184 3.19 3.15 27.70
C SER A 184 3.41 4.06 28.90
N PHE A 185 4.46 4.87 28.83
CA PHE A 185 4.92 5.68 29.94
C PHE A 185 4.76 7.16 29.56
N GLU A 186 3.77 7.82 30.15
CA GLU A 186 3.49 9.22 29.84
C GLU A 186 3.94 10.09 31.01
N LEU A 187 4.86 11.00 30.74
CA LEU A 187 5.24 12.05 31.68
C LEU A 187 4.47 13.32 31.31
N LEU A 188 3.72 13.85 32.25
CA LEU A 188 2.92 15.03 32.01
C LEU A 188 3.41 16.16 32.92
N HIS A 189 3.05 17.40 32.57
CA HIS A 189 3.50 18.53 33.35
C HIS A 189 2.73 18.59 34.68
N ALA A 190 2.86 17.53 35.46
CA ALA A 190 2.23 17.37 36.76
C ALA A 190 3.03 16.33 37.53
N PRO A 191 2.91 16.31 38.86
CA PRO A 191 3.75 15.41 39.65
C PRO A 191 3.61 13.95 39.23
N ALA A 192 4.73 13.25 39.24
CA ALA A 192 4.73 11.83 38.89
C ALA A 192 3.91 11.04 39.90
N THR A 193 3.27 9.97 39.42
CA THR A 193 2.39 9.16 40.24
C THR A 193 2.78 7.69 40.29
N VAL A 194 3.36 7.14 39.23
CA VAL A 194 3.85 5.76 39.22
C VAL A 194 5.36 5.80 39.27
N CYS A 195 5.94 5.09 40.23
CA CYS A 195 7.39 5.08 40.37
C CYS A 195 7.90 3.65 40.55
N GLY A 196 9.14 3.44 40.09
CA GLY A 196 9.81 2.18 40.29
C GLY A 196 10.29 2.02 41.72
N PRO A 197 10.50 0.78 42.14
CA PRO A 197 10.98 0.55 43.52
C PRO A 197 12.35 1.13 43.78
N GLY A 198 13.24 1.13 42.79
CA GLY A 198 14.60 1.59 42.98
C GLY A 198 14.78 3.09 42.96
N SER A 199 13.71 3.85 42.77
CA SER A 199 13.79 5.30 42.79
C SER A 199 13.97 5.79 44.23
N HIS A 200 15.16 5.58 44.79
CA HIS A 200 15.45 5.92 46.17
C HIS A 200 16.85 6.53 46.32
N THR B 3 -28.27 -29.88 -34.46
CA THR B 3 -26.95 -29.81 -33.83
C THR B 3 -26.93 -28.77 -32.70
N ASN B 4 -27.74 -29.02 -31.67
CA ASN B 4 -27.80 -28.13 -30.51
C ASN B 4 -26.77 -28.56 -29.48
N LEU B 5 -25.92 -27.62 -29.06
CA LEU B 5 -24.78 -27.91 -28.21
C LEU B 5 -25.12 -27.59 -26.76
N CYS B 6 -24.76 -28.50 -25.86
CA CYS B 6 -24.85 -28.18 -24.45
C CYS B 6 -23.90 -27.03 -24.15
N PRO B 7 -24.36 -25.95 -23.52
CA PRO B 7 -23.56 -24.73 -23.42
C PRO B 7 -22.54 -24.77 -22.28
N PHE B 8 -21.57 -25.67 -22.40
CA PHE B 8 -20.47 -25.71 -21.44
C PHE B 8 -19.61 -24.46 -21.55
N GLY B 9 -19.34 -24.00 -22.77
CA GLY B 9 -18.58 -22.79 -22.98
C GLY B 9 -19.21 -21.57 -22.35
N GLU B 10 -20.51 -21.61 -22.08
CA GLU B 10 -21.21 -20.55 -21.38
C GLU B 10 -21.38 -20.82 -19.89
N VAL B 11 -20.84 -21.94 -19.40
CA VAL B 11 -20.91 -22.25 -17.98
C VAL B 11 -19.57 -21.94 -17.32
N PHE B 12 -18.51 -22.59 -17.80
CA PHE B 12 -17.19 -22.32 -17.25
C PHE B 12 -16.74 -20.91 -17.56
N ASN B 13 -16.86 -20.49 -18.83
CA ASN B 13 -16.35 -19.15 -19.20
C ASN B 13 -17.26 -18.04 -18.64
N ALA B 14 -18.29 -18.39 -17.87
CA ALA B 14 -19.22 -17.40 -17.35
C ALA B 14 -18.47 -16.35 -16.52
N THR B 15 -18.94 -15.10 -16.61
CA THR B 15 -18.18 -13.98 -16.05
C THR B 15 -18.13 -14.03 -14.54
N ARG B 16 -19.21 -14.42 -13.89
CA ARG B 16 -19.27 -14.39 -12.43
C ARG B 16 -19.62 -15.76 -11.89
N PHE B 17 -19.04 -16.09 -10.74
CA PHE B 17 -19.32 -17.33 -10.03
C PHE B 17 -19.92 -17.01 -8.66
N ALA B 18 -20.57 -18.01 -8.07
CA ALA B 18 -21.19 -17.83 -6.77
C ALA B 18 -20.23 -18.26 -5.67
N SER B 19 -20.51 -17.78 -4.45
CA SER B 19 -19.77 -18.25 -3.30
C SER B 19 -20.13 -19.70 -3.00
N VAL B 20 -19.27 -20.34 -2.20
CA VAL B 20 -19.34 -21.80 -2.08
C VAL B 20 -20.60 -22.24 -1.34
N TYR B 21 -20.92 -21.57 -0.22
CA TYR B 21 -22.14 -21.96 0.49
C TYR B 21 -23.39 -21.62 -0.33
N ALA B 22 -23.27 -20.72 -1.29
CA ALA B 22 -24.34 -20.35 -2.20
C ALA B 22 -24.06 -20.88 -3.61
N TRP B 23 -23.65 -22.15 -3.69
CA TRP B 23 -23.26 -22.73 -4.96
C TRP B 23 -24.44 -22.82 -5.91
N ASN B 24 -24.18 -22.56 -7.20
CA ASN B 24 -25.23 -22.52 -8.20
C ASN B 24 -25.27 -23.82 -8.98
N ARG B 25 -26.44 -24.45 -9.04
CA ARG B 25 -26.63 -25.66 -9.80
C ARG B 25 -27.39 -25.35 -11.07
N LYS B 26 -26.92 -25.92 -12.18
CA LYS B 26 -27.66 -25.90 -13.44
C LYS B 26 -27.94 -27.32 -13.90
N ARG B 27 -29.20 -27.57 -14.25
CA ARG B 27 -29.60 -28.84 -14.83
C ARG B 27 -29.45 -28.78 -16.34
N ILE B 28 -28.88 -29.83 -16.92
CA ILE B 28 -28.60 -29.93 -18.34
C ILE B 28 -29.33 -31.15 -18.86
N SER B 29 -30.20 -30.93 -19.85
CA SER B 29 -30.99 -31.97 -20.46
C SER B 29 -31.19 -31.66 -21.92
N ASN B 30 -31.40 -32.71 -22.72
CA ASN B 30 -31.84 -32.59 -24.11
C ASN B 30 -30.80 -31.89 -24.98
N CYS B 31 -29.58 -32.40 -24.96
CA CYS B 31 -28.56 -31.92 -25.89
C CYS B 31 -27.44 -32.95 -25.98
N VAL B 32 -26.49 -32.66 -26.87
CA VAL B 32 -25.28 -33.46 -27.00
C VAL B 32 -24.15 -32.68 -26.35
N ALA B 33 -23.55 -33.28 -25.33
CA ALA B 33 -22.47 -32.68 -24.56
C ALA B 33 -21.14 -33.12 -25.13
N ASP B 34 -20.30 -32.14 -25.51
CA ASP B 34 -18.96 -32.43 -25.97
C ASP B 34 -18.02 -32.30 -24.78
N TYR B 35 -17.90 -33.40 -24.02
CA TYR B 35 -16.97 -33.42 -22.90
C TYR B 35 -15.55 -33.17 -23.35
N SER B 36 -15.23 -33.56 -24.59
CA SER B 36 -13.87 -33.42 -25.11
C SER B 36 -13.34 -32.01 -24.94
N VAL B 37 -14.15 -31.01 -25.31
CA VAL B 37 -13.71 -29.62 -25.26
C VAL B 37 -13.26 -29.23 -23.86
N LEU B 38 -13.83 -29.86 -22.84
CA LEU B 38 -13.43 -29.54 -21.47
C LEU B 38 -11.98 -29.92 -21.21
N TYR B 39 -11.62 -31.18 -21.47
CA TYR B 39 -10.26 -31.64 -21.23
C TYR B 39 -9.39 -31.59 -22.48
N ASN B 40 -9.86 -30.95 -23.55
CA ASN B 40 -8.98 -30.63 -24.67
C ASN B 40 -7.89 -29.66 -24.21
N SER B 41 -8.25 -28.67 -23.40
CA SER B 41 -7.32 -27.67 -22.90
C SER B 41 -7.02 -27.98 -21.43
N ALA B 42 -5.74 -28.25 -21.13
CA ALA B 42 -5.34 -28.51 -19.76
C ALA B 42 -5.12 -27.19 -19.03
N SER B 43 -6.09 -26.29 -19.15
CA SER B 43 -6.08 -25.03 -18.41
C SER B 43 -6.64 -25.19 -17.01
N PHE B 44 -7.06 -26.40 -16.66
CA PHE B 44 -7.66 -26.70 -15.36
C PHE B 44 -6.62 -27.35 -14.45
N SER B 45 -6.51 -26.82 -13.23
CA SER B 45 -5.67 -27.47 -12.23
C SER B 45 -6.31 -28.73 -11.66
N THR B 46 -7.62 -28.87 -11.75
CA THR B 46 -8.32 -30.04 -11.25
C THR B 46 -9.29 -30.56 -12.32
N PHE B 47 -9.11 -31.82 -12.72
CA PHE B 47 -10.02 -32.50 -13.63
C PHE B 47 -10.22 -33.94 -13.18
N LYS B 48 -10.45 -34.15 -11.88
CA LYS B 48 -10.58 -35.51 -11.41
C LYS B 48 -11.94 -36.08 -11.78
N CYS B 49 -11.98 -37.38 -12.04
CA CYS B 49 -13.20 -38.05 -12.42
C CYS B 49 -13.37 -39.32 -11.60
N TYR B 50 -14.61 -39.56 -11.16
CA TYR B 50 -14.95 -40.66 -10.29
C TYR B 50 -16.01 -41.50 -10.99
N GLY B 51 -15.71 -42.78 -11.19
CA GLY B 51 -16.61 -43.74 -11.80
C GLY B 51 -16.52 -43.88 -13.30
N VAL B 52 -16.26 -42.77 -14.00
CA VAL B 52 -16.35 -42.71 -15.45
C VAL B 52 -15.01 -42.25 -16.02
N SER B 53 -14.62 -42.81 -17.14
CA SER B 53 -13.42 -42.39 -17.83
C SER B 53 -13.66 -41.03 -18.48
N PRO B 54 -12.86 -40.01 -18.18
CA PRO B 54 -13.09 -38.70 -18.80
C PRO B 54 -13.00 -38.73 -20.31
N THR B 55 -12.03 -39.45 -20.86
CA THR B 55 -11.88 -39.51 -22.32
C THR B 55 -12.99 -40.30 -22.97
N LYS B 56 -13.56 -41.27 -22.26
CA LYS B 56 -14.66 -42.07 -22.77
C LYS B 56 -16.02 -41.41 -22.52
N LEU B 57 -16.05 -40.28 -21.81
CA LEU B 57 -17.30 -39.59 -21.54
C LEU B 57 -18.05 -39.24 -22.82
N ASN B 58 -17.34 -38.95 -23.91
CA ASN B 58 -17.99 -38.56 -25.15
C ASN B 58 -18.80 -39.70 -25.75
N ASP B 59 -18.65 -40.92 -25.25
CA ASP B 59 -19.43 -42.07 -25.71
C ASP B 59 -20.43 -42.56 -24.65
N LEU B 60 -20.97 -41.64 -23.87
CA LEU B 60 -21.91 -41.98 -22.80
C LEU B 60 -23.16 -41.12 -22.92
N CYS B 61 -24.29 -41.68 -22.50
CA CYS B 61 -25.57 -41.01 -22.52
C CYS B 61 -26.13 -40.95 -21.10
N PHE B 62 -26.79 -39.84 -20.77
CA PHE B 62 -27.32 -39.64 -19.43
C PHE B 62 -28.71 -39.06 -19.51
N THR B 63 -29.52 -39.34 -18.48
CA THR B 63 -30.83 -38.71 -18.37
C THR B 63 -30.71 -37.22 -18.05
N ASN B 64 -29.79 -36.86 -17.15
CA ASN B 64 -29.62 -35.48 -16.76
C ASN B 64 -28.18 -35.26 -16.30
N VAL B 65 -27.71 -34.02 -16.40
CA VAL B 65 -26.38 -33.66 -15.91
C VAL B 65 -26.51 -32.42 -15.04
N TYR B 66 -25.90 -32.44 -13.87
CA TYR B 66 -25.93 -31.30 -12.96
C TYR B 66 -24.55 -30.67 -12.88
N ALA B 67 -24.47 -29.38 -13.20
CA ALA B 67 -23.23 -28.60 -13.12
C ALA B 67 -23.33 -27.67 -11.93
N ASP B 68 -22.39 -27.79 -11.00
CA ASP B 68 -22.34 -26.96 -9.81
C ASP B 68 -21.15 -26.00 -9.94
N SER B 69 -21.42 -24.71 -9.84
CA SER B 69 -20.39 -23.68 -9.94
C SER B 69 -20.26 -22.94 -8.62
N PHE B 70 -19.03 -22.77 -8.16
CA PHE B 70 -18.72 -21.93 -7.00
C PHE B 70 -17.23 -21.59 -7.02
N VAL B 71 -16.77 -20.94 -5.95
CA VAL B 71 -15.37 -20.52 -5.82
C VAL B 71 -14.89 -20.83 -4.42
N ILE B 72 -13.71 -21.44 -4.30
CA ILE B 72 -13.09 -21.70 -3.00
C ILE B 72 -11.60 -21.36 -3.08
N ARG B 73 -10.98 -21.21 -1.91
CA ARG B 73 -9.54 -20.97 -1.89
C ARG B 73 -8.79 -22.25 -2.22
N GLY B 74 -7.55 -22.08 -2.68
CA GLY B 74 -6.84 -23.18 -3.30
C GLY B 74 -6.62 -24.37 -2.38
N ASP B 75 -6.19 -24.09 -1.14
CA ASP B 75 -5.94 -25.19 -0.21
C ASP B 75 -7.22 -25.97 0.11
N GLU B 76 -8.39 -25.39 -0.11
CA GLU B 76 -9.65 -26.07 0.09
C GLU B 76 -10.06 -26.91 -1.11
N VAL B 77 -9.33 -26.81 -2.23
CA VAL B 77 -9.70 -27.53 -3.44
C VAL B 77 -9.69 -29.02 -3.11
N ARG B 78 -8.76 -29.46 -2.26
CA ARG B 78 -8.65 -30.86 -1.91
C ARG B 78 -9.89 -31.40 -1.20
N GLN B 79 -10.73 -30.54 -0.62
CA GLN B 79 -11.95 -31.01 0.02
C GLN B 79 -13.12 -31.35 -0.89
N ILE B 80 -13.03 -31.05 -2.18
CA ILE B 80 -14.12 -31.39 -3.12
C ILE B 80 -13.82 -32.78 -3.65
N ALA B 81 -14.21 -33.79 -2.87
CA ALA B 81 -14.02 -35.19 -3.20
C ALA B 81 -14.83 -36.05 -2.24
N PRO B 82 -15.28 -37.23 -2.68
CA PRO B 82 -16.04 -38.10 -1.78
C PRO B 82 -15.23 -38.47 -0.56
N GLY B 83 -15.92 -38.56 0.58
CA GLY B 83 -15.26 -38.97 1.82
C GLY B 83 -14.19 -38.00 2.29
N GLN B 84 -14.41 -36.71 2.09
CA GLN B 84 -13.48 -35.70 2.56
C GLN B 84 -13.99 -35.03 3.84
N THR B 85 -13.07 -34.38 4.53
CA THR B 85 -13.38 -33.66 5.76
C THR B 85 -12.74 -32.28 5.72
N GLY B 86 -13.40 -31.33 6.35
CA GLY B 86 -12.92 -29.97 6.38
C GLY B 86 -14.09 -29.00 6.49
N LYS B 87 -13.77 -27.72 6.33
CA LYS B 87 -14.79 -26.68 6.44
C LYS B 87 -15.79 -26.77 5.31
N ILE B 88 -15.30 -26.87 4.06
CA ILE B 88 -16.17 -26.82 2.90
C ILE B 88 -17.04 -28.06 2.81
N ALA B 89 -16.44 -29.23 3.00
CA ALA B 89 -17.19 -30.48 2.87
C ALA B 89 -18.27 -30.61 3.94
N ASP B 90 -18.00 -30.09 5.14
CA ASP B 90 -18.94 -30.25 6.24
C ASP B 90 -19.97 -29.14 6.32
N TYR B 91 -19.68 -27.94 5.80
CA TYR B 91 -20.54 -26.80 6.02
C TYR B 91 -21.00 -26.06 4.76
N ASN B 92 -20.41 -26.33 3.60
CA ASN B 92 -20.77 -25.56 2.42
C ASN B 92 -21.26 -26.42 1.26
N TYR B 93 -20.55 -27.48 0.91
CA TYR B 93 -20.92 -28.29 -0.25
C TYR B 93 -20.25 -29.65 -0.13
N LYS B 94 -21.05 -30.71 0.00
CA LYS B 94 -20.55 -32.05 0.29
C LYS B 94 -20.84 -32.98 -0.88
N LEU B 95 -19.92 -33.92 -1.10
CA LEU B 95 -20.06 -34.94 -2.13
C LEU B 95 -20.37 -36.29 -1.51
N PRO B 96 -21.18 -37.11 -2.17
CA PRO B 96 -21.46 -38.45 -1.66
C PRO B 96 -20.30 -39.40 -1.90
N ASP B 97 -20.31 -40.50 -1.15
CA ASP B 97 -19.27 -41.53 -1.27
C ASP B 97 -19.41 -42.39 -2.53
N ASP B 98 -20.32 -42.06 -3.45
CA ASP B 98 -20.49 -42.79 -4.69
C ASP B 98 -20.68 -41.82 -5.86
N PHE B 99 -19.97 -40.69 -5.80
CA PHE B 99 -20.11 -39.69 -6.86
C PHE B 99 -19.66 -40.25 -8.19
N THR B 100 -20.50 -40.04 -9.21
CA THR B 100 -20.24 -40.49 -10.57
C THR B 100 -20.19 -39.26 -11.47
N GLY B 101 -19.00 -38.73 -11.70
CA GLY B 101 -18.86 -37.50 -12.44
C GLY B 101 -17.47 -36.91 -12.22
N CYS B 102 -17.33 -35.65 -12.61
CA CYS B 102 -16.01 -35.04 -12.63
C CYS B 102 -15.99 -33.69 -11.91
N VAL B 103 -14.96 -33.51 -11.09
CA VAL B 103 -14.68 -32.27 -10.39
C VAL B 103 -13.62 -31.52 -11.21
N ILE B 104 -13.95 -30.29 -11.62
CA ILE B 104 -13.09 -29.47 -12.46
C ILE B 104 -12.90 -28.14 -11.75
N ALA B 105 -11.69 -27.60 -11.83
CA ALA B 105 -11.38 -26.36 -11.12
C ALA B 105 -10.12 -25.73 -11.70
N TRP B 106 -10.08 -24.40 -11.66
CA TRP B 106 -8.95 -23.67 -12.20
C TRP B 106 -8.76 -22.36 -11.45
N ASN B 107 -7.53 -21.84 -11.50
CA ASN B 107 -7.17 -20.65 -10.74
C ASN B 107 -7.76 -19.40 -11.39
N SER B 108 -8.56 -18.65 -10.62
CA SER B 108 -9.19 -17.42 -11.10
C SER B 108 -8.62 -16.20 -10.39
N ASN B 109 -7.35 -16.25 -10.00
CA ASN B 109 -6.75 -15.14 -9.27
C ASN B 109 -6.76 -13.87 -10.10
N ASN B 110 -6.64 -13.99 -11.42
CA ASN B 110 -6.65 -12.83 -12.30
C ASN B 110 -8.04 -12.23 -12.46
N LEU B 111 -9.09 -12.94 -12.06
CA LEU B 111 -10.46 -12.45 -12.19
C LEU B 111 -11.05 -12.02 -10.86
N ASP B 112 -11.06 -12.92 -9.88
CA ASP B 112 -11.80 -12.70 -8.65
C ASP B 112 -10.99 -11.97 -7.58
N SER B 113 -9.68 -11.84 -7.74
CA SER B 113 -8.86 -11.16 -6.75
C SER B 113 -8.73 -9.70 -7.15
N LYS B 114 -9.20 -8.81 -6.27
CA LYS B 114 -9.10 -7.38 -6.49
C LYS B 114 -8.10 -6.79 -5.50
N VAL B 115 -7.43 -5.72 -5.94
CA VAL B 115 -6.48 -5.02 -5.07
C VAL B 115 -7.24 -4.42 -3.89
N GLY B 116 -6.68 -4.59 -2.70
CA GLY B 116 -7.41 -4.25 -1.50
C GLY B 116 -8.38 -5.31 -1.05
N GLY B 117 -8.46 -6.43 -1.76
CA GLY B 117 -9.28 -7.55 -1.33
C GLY B 117 -10.69 -7.55 -1.89
N ASN B 118 -11.07 -8.63 -2.57
CA ASN B 118 -12.45 -8.85 -3.00
C ASN B 118 -13.10 -9.75 -1.97
N TYR B 119 -14.00 -9.18 -1.17
CA TYR B 119 -14.65 -9.89 -0.08
C TYR B 119 -16.06 -10.33 -0.44
N ASN B 120 -16.43 -10.24 -1.71
CA ASN B 120 -17.79 -10.60 -2.10
C ASN B 120 -18.00 -12.11 -2.03
N TYR B 121 -16.96 -12.90 -2.25
CA TYR B 121 -17.08 -14.35 -2.14
C TYR B 121 -17.02 -14.77 -0.68
N LEU B 122 -17.93 -15.65 -0.28
CA LEU B 122 -18.11 -16.02 1.12
C LEU B 122 -17.99 -17.53 1.28
N TYR B 123 -18.03 -17.97 2.54
CA TYR B 123 -18.14 -19.39 2.85
C TYR B 123 -18.75 -19.56 4.24
N ARG B 124 -19.55 -20.61 4.40
CA ARG B 124 -20.20 -20.89 5.67
C ARG B 124 -19.17 -21.33 6.70
N LEU B 125 -19.36 -20.88 7.93
CA LEU B 125 -18.37 -21.06 8.99
C LEU B 125 -18.74 -22.11 10.02
N PHE B 126 -20.01 -22.17 10.42
CA PHE B 126 -20.49 -23.17 11.37
C PHE B 126 -21.77 -23.79 10.86
N ARG B 127 -22.21 -24.85 11.54
CA ARG B 127 -23.57 -25.36 11.38
C ARG B 127 -23.85 -26.30 12.54
N LYS B 128 -25.15 -26.45 12.83
CA LYS B 128 -25.56 -27.35 13.91
C LYS B 128 -25.23 -28.79 13.59
N SER B 129 -25.14 -29.14 12.31
CA SER B 129 -24.77 -30.48 11.90
C SER B 129 -24.13 -30.42 10.52
N ASN B 130 -23.43 -31.49 10.17
CA ASN B 130 -22.78 -31.55 8.87
C ASN B 130 -23.80 -31.68 7.74
N LEU B 131 -23.41 -31.20 6.56
CA LEU B 131 -24.28 -31.21 5.40
C LEU B 131 -24.40 -32.62 4.80
N LYS B 132 -25.58 -32.93 4.29
CA LYS B 132 -25.76 -34.11 3.47
C LYS B 132 -25.31 -33.81 2.04
N PRO B 133 -24.99 -34.84 1.26
CA PRO B 133 -24.49 -34.59 -0.11
C PRO B 133 -25.49 -33.79 -0.93
N PHE B 134 -24.95 -32.87 -1.73
CA PHE B 134 -25.70 -31.99 -2.63
C PHE B 134 -26.63 -31.03 -1.91
N GLU B 135 -26.53 -30.94 -0.58
CA GLU B 135 -27.33 -29.99 0.16
C GLU B 135 -26.77 -28.58 0.01
N ARG B 136 -27.67 -27.60 0.02
CA ARG B 136 -27.30 -26.19 0.09
C ARG B 136 -27.93 -25.56 1.31
N ASP B 137 -27.16 -24.75 2.02
CA ASP B 137 -27.66 -24.02 3.18
C ASP B 137 -27.40 -22.54 2.99
N ILE B 138 -28.42 -21.73 3.26
CA ILE B 138 -28.34 -20.29 3.06
C ILE B 138 -28.55 -19.51 4.35
N SER B 139 -29.05 -20.16 5.41
CA SER B 139 -29.52 -19.44 6.59
C SER B 139 -28.44 -18.55 7.18
N THR B 140 -28.86 -17.39 7.67
CA THR B 140 -27.97 -16.46 8.36
C THR B 140 -28.34 -16.30 9.82
N GLU B 141 -29.05 -17.28 10.39
CA GLU B 141 -29.32 -17.28 11.82
C GLU B 141 -28.02 -17.37 12.61
N ILE B 142 -27.95 -16.64 13.72
CA ILE B 142 -26.71 -16.53 14.49
C ILE B 142 -26.47 -17.81 15.27
N TYR B 143 -25.30 -18.41 15.06
CA TYR B 143 -24.95 -19.70 15.65
C TYR B 143 -24.92 -19.61 17.17
N GLN B 144 -25.16 -20.76 17.81
CA GLN B 144 -25.08 -20.89 19.26
C GLN B 144 -23.91 -21.81 19.60
N ALA B 145 -22.81 -21.21 20.05
CA ALA B 145 -21.64 -21.95 20.53
C ALA B 145 -21.59 -22.05 22.04
N GLY B 146 -22.58 -21.49 22.75
CA GLY B 146 -22.64 -21.56 24.19
C GLY B 146 -23.61 -22.62 24.68
N SER B 147 -23.78 -22.66 26.00
CA SER B 147 -24.67 -23.64 26.61
C SER B 147 -26.13 -23.22 26.50
N THR B 148 -26.48 -22.10 27.13
CA THR B 148 -27.83 -21.58 27.07
C THR B 148 -28.11 -21.00 25.68
N PRO B 149 -29.38 -20.88 25.30
CA PRO B 149 -29.71 -20.40 23.95
C PRO B 149 -29.22 -18.99 23.69
N CYS B 150 -29.01 -18.69 22.41
CA CYS B 150 -28.51 -17.38 21.99
C CYS B 150 -29.56 -16.32 22.28
N ASN B 151 -29.30 -15.48 23.29
CA ASN B 151 -30.21 -14.41 23.66
C ASN B 151 -29.80 -13.12 22.94
N GLY B 152 -30.78 -12.44 22.35
CA GLY B 152 -30.52 -11.25 21.58
C GLY B 152 -30.19 -11.55 20.13
N VAL B 153 -30.06 -10.49 19.35
CA VAL B 153 -29.70 -10.63 17.93
C VAL B 153 -28.30 -11.22 17.79
N GLU B 154 -27.40 -10.87 18.69
CA GLU B 154 -26.03 -11.38 18.67
C GLU B 154 -25.42 -11.17 20.06
N GLY B 155 -24.18 -11.60 20.21
CA GLY B 155 -23.46 -11.41 21.45
C GLY B 155 -22.25 -12.34 21.51
N PHE B 156 -21.67 -12.40 22.70
CA PHE B 156 -20.62 -13.38 22.93
C PHE B 156 -21.22 -14.79 22.88
N ASN B 157 -20.45 -15.72 22.34
CA ASN B 157 -20.89 -17.09 22.08
C ASN B 157 -22.04 -17.16 21.08
N CYS B 158 -22.18 -16.13 20.23
CA CYS B 158 -23.20 -16.12 19.18
C CYS B 158 -22.63 -15.33 18.01
N TYR B 159 -22.32 -16.00 16.90
CA TYR B 159 -21.67 -15.32 15.79
C TYR B 159 -22.40 -15.56 14.48
N PHE B 160 -22.27 -14.56 13.60
CA PHE B 160 -22.64 -14.51 12.19
C PHE B 160 -22.01 -15.69 11.47
N PRO B 161 -22.80 -16.63 10.98
CA PRO B 161 -22.25 -17.94 10.55
C PRO B 161 -21.60 -17.95 9.16
N LEU B 162 -21.27 -16.80 8.60
CA LEU B 162 -20.57 -16.75 7.32
C LEU B 162 -19.30 -15.94 7.46
N GLN B 163 -18.27 -16.37 6.73
CA GLN B 163 -16.97 -15.72 6.72
C GLN B 163 -16.66 -15.24 5.31
N SER B 164 -15.90 -14.16 5.21
CA SER B 164 -15.59 -13.53 3.94
C SER B 164 -14.17 -13.86 3.51
N TYR B 165 -14.03 -14.31 2.26
CA TYR B 165 -12.72 -14.57 1.68
C TYR B 165 -11.98 -13.25 1.41
N GLY B 166 -10.74 -13.16 1.86
CA GLY B 166 -9.96 -11.96 1.63
C GLY B 166 -9.08 -12.04 0.41
N PHE B 167 -9.68 -12.28 -0.76
CA PHE B 167 -8.91 -12.53 -1.98
C PHE B 167 -8.16 -11.28 -2.42
N GLN B 168 -6.84 -11.33 -2.37
CA GLN B 168 -5.96 -10.25 -2.80
C GLN B 168 -4.96 -10.78 -3.80
N PRO B 169 -4.46 -9.94 -4.70
CA PRO B 169 -3.49 -10.43 -5.71
C PRO B 169 -2.22 -11.00 -5.10
N THR B 170 -1.76 -10.47 -3.97
CA THR B 170 -0.53 -10.91 -3.34
C THR B 170 -0.74 -12.10 -2.40
N ASN B 171 -1.93 -12.68 -2.39
CA ASN B 171 -2.25 -13.73 -1.45
C ASN B 171 -1.51 -15.02 -1.78
N GLY B 172 -1.51 -15.94 -0.82
CA GLY B 172 -0.87 -17.22 -1.03
C GLY B 172 -1.62 -18.07 -2.04
N VAL B 173 -0.88 -19.01 -2.64
CA VAL B 173 -1.46 -19.88 -3.65
C VAL B 173 -2.60 -20.70 -3.06
N GLY B 174 -2.36 -21.29 -1.89
CA GLY B 174 -3.42 -22.02 -1.20
C GLY B 174 -4.62 -21.17 -0.87
N TYR B 175 -4.43 -19.85 -0.77
CA TYR B 175 -5.52 -18.93 -0.49
C TYR B 175 -6.00 -18.17 -1.72
N GLN B 176 -5.43 -18.45 -2.89
CA GLN B 176 -5.90 -17.81 -4.11
C GLN B 176 -7.29 -18.35 -4.48
N PRO B 177 -8.10 -17.55 -5.18
CA PRO B 177 -9.44 -18.02 -5.56
C PRO B 177 -9.38 -18.96 -6.75
N TYR B 178 -10.14 -20.04 -6.65
CA TYR B 178 -10.27 -21.02 -7.70
C TYR B 178 -11.75 -21.25 -7.99
N ARG B 179 -12.07 -21.39 -9.28
CA ARG B 179 -13.42 -21.66 -9.74
C ARG B 179 -13.61 -23.16 -9.92
N VAL B 180 -14.72 -23.66 -9.40
CA VAL B 180 -14.99 -25.09 -9.30
C VAL B 180 -16.33 -25.39 -9.95
N VAL B 181 -16.33 -26.38 -10.85
CA VAL B 181 -17.53 -26.92 -11.49
C VAL B 181 -17.56 -28.43 -11.26
N VAL B 182 -18.65 -28.90 -10.67
CA VAL B 182 -18.87 -30.31 -10.40
C VAL B 182 -19.92 -30.81 -11.37
N LEU B 183 -19.54 -31.74 -12.24
CA LEU B 183 -20.44 -32.36 -13.21
C LEU B 183 -20.86 -33.71 -12.67
N SER B 184 -22.08 -33.80 -12.17
CA SER B 184 -22.67 -35.05 -11.74
C SER B 184 -23.59 -35.57 -12.84
N PHE B 185 -23.62 -36.89 -13.00
CA PHE B 185 -24.35 -37.54 -14.08
C PHE B 185 -25.44 -38.41 -13.47
N GLU B 186 -26.70 -38.09 -13.77
CA GLU B 186 -27.85 -38.80 -13.23
C GLU B 186 -28.55 -39.57 -14.35
N LEU B 187 -28.79 -40.86 -14.12
CA LEU B 187 -29.55 -41.68 -15.04
C LEU B 187 -30.84 -42.12 -14.35
N LEU B 188 -31.97 -41.64 -14.85
CA LEU B 188 -33.29 -42.03 -14.39
C LEU B 188 -33.87 -43.10 -15.31
N HIS B 189 -34.95 -43.74 -14.86
CA HIS B 189 -35.62 -44.71 -15.70
C HIS B 189 -36.57 -44.04 -16.67
N ALA B 190 -36.05 -43.07 -17.42
CA ALA B 190 -36.69 -42.44 -18.55
C ALA B 190 -35.64 -42.32 -19.63
N PRO B 191 -36.06 -42.18 -20.90
CA PRO B 191 -35.07 -42.08 -21.97
C PRO B 191 -34.06 -40.96 -21.72
N ALA B 192 -32.80 -41.27 -21.99
CA ALA B 192 -31.71 -40.33 -21.71
C ALA B 192 -31.78 -39.13 -22.64
N THR B 193 -31.36 -37.98 -22.12
CA THR B 193 -31.45 -36.72 -22.84
C THR B 193 -30.09 -36.14 -23.22
N VAL B 194 -29.15 -36.06 -22.29
CA VAL B 194 -27.81 -35.56 -22.58
C VAL B 194 -26.95 -36.71 -23.08
N CYS B 195 -26.36 -36.55 -24.25
CA CYS B 195 -25.58 -37.64 -24.84
C CYS B 195 -24.28 -37.10 -25.42
N GLY B 196 -23.25 -37.93 -25.40
CA GLY B 196 -21.98 -37.57 -25.98
C GLY B 196 -22.04 -37.58 -27.50
N PRO B 197 -21.01 -37.00 -28.14
CA PRO B 197 -20.98 -37.01 -29.62
C PRO B 197 -20.89 -38.39 -30.23
N GLY B 198 -20.21 -39.33 -29.58
CA GLY B 198 -20.10 -40.67 -30.11
C GLY B 198 -20.75 -41.69 -29.19
N SER B 199 -21.84 -41.29 -28.54
CA SER B 199 -22.49 -42.12 -27.53
C SER B 199 -23.60 -42.95 -28.17
N HIS B 200 -24.49 -43.46 -27.33
CA HIS B 200 -25.54 -44.40 -27.71
C HIS B 200 -26.35 -43.91 -28.91
N SER C 1 -27.00 -5.07 -8.63
CA SER C 1 -27.00 -6.53 -8.77
C SER C 1 -27.44 -6.95 -10.17
N TYR C 2 -27.02 -8.15 -10.57
CA TYR C 2 -27.40 -8.69 -11.87
C TYR C 2 -28.91 -8.86 -11.95
N GLU C 3 -29.49 -8.49 -13.09
CA GLU C 3 -30.94 -8.48 -13.26
C GLU C 3 -31.31 -9.08 -14.61
N LEU C 4 -32.62 -9.17 -14.85
CA LEU C 4 -33.16 -9.77 -16.06
C LEU C 4 -33.84 -8.69 -16.91
N THR C 5 -33.65 -8.79 -18.23
CA THR C 5 -34.19 -7.83 -19.18
C THR C 5 -35.29 -8.50 -20.01
N GLN C 6 -36.45 -7.87 -20.05
CA GLN C 6 -37.57 -8.36 -20.84
C GLN C 6 -38.11 -7.24 -21.72
N PRO C 7 -38.67 -7.58 -22.88
CA PRO C 7 -39.23 -6.55 -23.77
C PRO C 7 -40.47 -5.91 -23.16
N ARG C 8 -40.73 -4.68 -23.61
CA ARG C 8 -41.86 -3.92 -23.08
C ARG C 8 -43.18 -4.67 -23.30
N SER C 9 -43.53 -4.91 -24.55
CA SER C 9 -44.76 -5.62 -24.88
C SER C 9 -44.62 -6.23 -26.26
N VAL C 10 -45.48 -7.20 -26.56
CA VAL C 10 -45.49 -7.89 -27.85
C VAL C 10 -46.92 -7.96 -28.35
N SER C 11 -47.15 -7.48 -29.58
CA SER C 11 -48.45 -7.49 -30.22
C SER C 11 -48.41 -8.48 -31.38
N VAL C 12 -49.25 -9.52 -31.32
CA VAL C 12 -49.29 -10.55 -32.34
C VAL C 12 -50.74 -10.79 -32.76
N SER C 13 -50.92 -11.14 -34.02
CA SER C 13 -52.24 -11.50 -34.53
C SER C 13 -52.63 -12.88 -33.98
N PRO C 14 -53.94 -13.17 -33.94
CA PRO C 14 -54.35 -14.51 -33.52
C PRO C 14 -53.78 -15.57 -34.45
N GLY C 15 -53.32 -16.66 -33.85
CA GLY C 15 -52.70 -17.71 -34.61
C GLY C 15 -51.26 -17.46 -35.02
N GLN C 16 -50.70 -16.31 -34.68
CA GLN C 16 -49.30 -16.03 -34.94
C GLN C 16 -48.41 -16.72 -33.91
N THR C 17 -47.10 -16.64 -34.12
CA THR C 17 -46.11 -17.18 -33.20
C THR C 17 -45.41 -16.03 -32.51
N ALA C 18 -45.50 -15.99 -31.18
CA ALA C 18 -44.90 -14.94 -30.38
C ALA C 18 -43.57 -15.39 -29.81
N ARG C 19 -42.68 -14.41 -29.61
CA ARG C 19 -41.32 -14.68 -29.15
C ARG C 19 -40.96 -13.62 -28.10
N ILE C 20 -40.94 -14.03 -26.83
CA ILE C 20 -40.65 -13.13 -25.71
C ILE C 20 -39.26 -13.44 -25.18
N THR C 21 -38.41 -12.43 -25.11
CA THR C 21 -37.03 -12.62 -24.72
C THR C 21 -36.82 -12.34 -23.23
N CYS C 22 -35.67 -12.80 -22.74
CA CYS C 22 -35.21 -12.52 -21.37
C CYS C 22 -33.70 -12.46 -21.42
N GLY C 23 -33.14 -11.26 -21.29
CA GLY C 23 -31.73 -11.06 -21.45
C GLY C 23 -30.94 -11.09 -20.15
N GLY C 24 -29.65 -11.36 -20.28
CA GLY C 24 -28.75 -11.43 -19.15
C GLY C 24 -27.37 -11.96 -19.54
N ASP C 25 -26.33 -11.46 -18.90
CA ASP C 25 -24.96 -11.84 -19.24
C ASP C 25 -24.74 -13.31 -18.89
N ASN C 26 -24.55 -14.14 -19.92
CA ASN C 26 -24.35 -15.58 -19.75
C ASN C 26 -25.49 -16.20 -18.94
N ILE C 27 -26.73 -15.80 -19.27
CA ILE C 27 -27.90 -16.32 -18.58
C ILE C 27 -28.03 -17.83 -18.76
N ALA C 28 -27.33 -18.40 -19.75
CA ALA C 28 -27.43 -19.83 -20.00
C ALA C 28 -27.03 -20.64 -18.77
N SER C 29 -26.02 -20.18 -18.03
CA SER C 29 -25.50 -20.96 -16.91
C SER C 29 -26.54 -21.20 -15.82
N LYS C 30 -27.61 -20.41 -15.79
CA LYS C 30 -28.70 -20.61 -14.83
C LYS C 30 -29.97 -21.02 -15.55
N ASN C 31 -30.82 -21.73 -14.83
CA ASN C 31 -32.09 -22.20 -15.38
C ASN C 31 -33.14 -21.11 -15.26
N VAL C 32 -33.95 -20.96 -16.30
CA VAL C 32 -34.99 -19.94 -16.36
C VAL C 32 -36.34 -20.62 -16.37
N HIS C 33 -37.32 -20.01 -15.71
CA HIS C 33 -38.69 -20.49 -15.68
C HIS C 33 -39.61 -19.34 -16.04
N TRP C 34 -40.57 -19.62 -16.91
CA TRP C 34 -41.53 -18.62 -17.37
C TRP C 34 -42.87 -18.85 -16.67
N TYR C 35 -43.43 -17.75 -16.15
CA TYR C 35 -44.71 -17.75 -15.46
C TYR C 35 -45.67 -16.83 -16.19
N GLN C 36 -46.91 -17.28 -16.36
CA GLN C 36 -47.97 -16.45 -16.92
C GLN C 36 -48.82 -15.89 -15.77
N GLN C 37 -48.86 -14.57 -15.66
CA GLN C 37 -49.75 -13.88 -14.73
C GLN C 37 -50.85 -13.22 -15.55
N LYS C 38 -52.07 -13.70 -15.37
CA LYS C 38 -53.19 -13.14 -16.10
C LYS C 38 -53.54 -11.76 -15.53
N LEU C 39 -54.59 -11.15 -16.10
CA LEU C 39 -54.91 -9.77 -15.79
C LEU C 39 -55.31 -9.62 -14.32
N ALA C 40 -54.44 -9.00 -13.52
CA ALA C 40 -54.67 -8.75 -12.09
C ALA C 40 -55.02 -10.03 -11.34
N GLN C 41 -54.25 -11.08 -11.61
CA GLN C 41 -54.47 -12.36 -10.93
C GLN C 41 -53.15 -12.94 -10.42
N ALA C 42 -53.19 -14.17 -9.91
CA ALA C 42 -51.99 -14.86 -9.45
C ALA C 42 -51.27 -15.50 -10.63
N PRO C 43 -49.95 -15.41 -10.67
CA PRO C 43 -49.20 -16.06 -11.75
C PRO C 43 -49.31 -17.58 -11.66
N VAL C 44 -49.19 -18.23 -12.82
CA VAL C 44 -49.18 -19.68 -12.91
C VAL C 44 -48.03 -20.10 -13.81
N LEU C 45 -47.21 -21.05 -13.34
CA LEU C 45 -46.02 -21.47 -14.07
C LEU C 45 -46.39 -22.17 -15.37
N VAL C 46 -45.72 -21.79 -16.46
CA VAL C 46 -45.94 -22.39 -17.76
C VAL C 46 -44.71 -23.13 -18.27
N ILE C 47 -43.51 -22.61 -18.01
CA ILE C 47 -42.28 -23.27 -18.43
C ILE C 47 -41.34 -23.37 -17.22
N TYR C 48 -40.84 -24.57 -16.95
CA TYR C 48 -39.85 -24.77 -15.90
C TYR C 48 -38.72 -25.62 -16.44
N TYR C 49 -37.51 -25.36 -15.93
CA TYR C 49 -36.28 -25.92 -16.49
C TYR C 49 -36.13 -25.58 -17.97
N ASP C 50 -36.73 -24.47 -18.40
CA ASP C 50 -36.52 -23.81 -19.68
C ASP C 50 -37.12 -24.56 -20.87
N SER C 51 -37.57 -25.79 -20.71
CA SER C 51 -38.22 -26.44 -21.84
C SER C 51 -39.48 -27.18 -21.42
N ASP C 52 -39.55 -27.59 -20.15
CA ASP C 52 -40.63 -28.46 -19.71
C ASP C 52 -41.91 -27.68 -19.44
N ARG C 53 -43.04 -28.34 -19.66
CA ARG C 53 -44.35 -27.80 -19.38
C ARG C 53 -45.01 -28.61 -18.28
N PRO C 54 -45.60 -27.97 -17.26
CA PRO C 54 -46.34 -28.73 -16.26
C PRO C 54 -47.50 -29.48 -16.90
N SER C 55 -47.79 -30.67 -16.38
CA SER C 55 -48.82 -31.53 -16.94
C SER C 55 -50.16 -30.81 -16.97
N GLY C 56 -50.66 -30.53 -18.18
CA GLY C 56 -51.85 -29.73 -18.36
C GLY C 56 -51.61 -28.39 -19.04
N ILE C 57 -50.39 -28.07 -19.42
CA ILE C 57 -50.07 -26.82 -20.10
C ILE C 57 -49.96 -27.11 -21.59
N PRO C 58 -50.56 -26.29 -22.46
CA PRO C 58 -50.55 -26.59 -23.89
C PRO C 58 -49.13 -26.69 -24.45
N GLU C 59 -48.94 -27.64 -25.37
CA GLU C 59 -47.64 -27.90 -25.96
C GLU C 59 -47.12 -26.74 -26.79
N ARG C 60 -48.00 -25.81 -27.20
CA ARG C 60 -47.57 -24.69 -28.02
C ARG C 60 -46.60 -23.77 -27.28
N PHE C 61 -46.51 -23.89 -25.97
CA PHE C 61 -45.50 -23.16 -25.20
C PHE C 61 -44.18 -23.91 -25.26
N SER C 62 -43.09 -23.16 -25.44
CA SER C 62 -41.77 -23.80 -25.49
C SER C 62 -40.70 -22.78 -25.16
N GLY C 63 -39.89 -23.07 -24.15
CA GLY C 63 -38.79 -22.19 -23.79
C GLY C 63 -37.47 -22.63 -24.40
N SER C 64 -36.49 -21.73 -24.32
CA SER C 64 -35.14 -22.01 -24.79
C SER C 64 -34.18 -21.06 -24.08
N ASN C 65 -32.91 -21.47 -24.00
CA ASN C 65 -31.89 -20.70 -23.30
C ASN C 65 -30.54 -20.94 -23.95
N SER C 66 -29.89 -19.88 -24.42
CA SER C 66 -28.53 -19.99 -24.94
C SER C 66 -27.94 -18.60 -25.06
N GLY C 67 -26.64 -18.55 -25.30
CA GLY C 67 -25.97 -17.27 -25.46
C GLY C 67 -26.17 -16.42 -24.23
N ASN C 68 -26.79 -15.25 -24.43
CA ASN C 68 -27.11 -14.32 -23.35
C ASN C 68 -28.62 -14.11 -23.25
N THR C 69 -29.42 -15.08 -23.67
CA THR C 69 -30.86 -14.88 -23.75
C THR C 69 -31.62 -16.18 -23.58
N ALA C 70 -32.74 -16.11 -22.87
CA ALA C 70 -33.73 -17.18 -22.81
C ALA C 70 -35.03 -16.67 -23.43
N THR C 71 -35.54 -17.40 -24.41
CA THR C 71 -36.72 -16.97 -25.17
C THR C 71 -37.86 -17.96 -24.97
N LEU C 72 -39.06 -17.42 -24.77
CA LEU C 72 -40.29 -18.20 -24.76
C LEU C 72 -40.98 -18.03 -26.11
N THR C 73 -41.19 -19.14 -26.82
CA THR C 73 -41.89 -19.18 -28.09
C THR C 73 -43.27 -19.78 -27.87
N ILE C 74 -44.29 -19.06 -28.33
CA ILE C 74 -45.68 -19.47 -28.18
C ILE C 74 -46.32 -19.44 -29.56
N SER C 75 -46.41 -20.60 -30.20
CA SER C 75 -47.17 -20.73 -31.42
C SER C 75 -48.66 -20.88 -31.09
N GLY C 76 -49.50 -20.69 -32.11
CA GLY C 76 -50.93 -20.79 -31.91
C GLY C 76 -51.48 -19.76 -30.94
N VAL C 77 -51.10 -18.50 -31.13
CA VAL C 77 -51.55 -17.43 -30.25
C VAL C 77 -53.06 -17.33 -30.27
N GLU C 78 -53.67 -17.35 -29.09
CA GLU C 78 -55.11 -17.24 -28.92
C GLU C 78 -55.43 -16.07 -28.00
N ALA C 79 -56.73 -15.80 -27.85
CA ALA C 79 -57.17 -14.69 -27.00
C ALA C 79 -56.89 -14.97 -25.53
N GLY C 80 -57.02 -16.23 -25.11
CA GLY C 80 -56.77 -16.58 -23.73
C GLY C 80 -55.32 -16.47 -23.31
N ASP C 81 -54.40 -16.42 -24.27
CA ASP C 81 -52.98 -16.26 -23.98
C ASP C 81 -52.59 -14.81 -23.73
N GLU C 82 -53.48 -13.86 -23.97
CA GLU C 82 -53.22 -12.44 -23.72
C GLU C 82 -53.11 -12.21 -22.22
N ALA C 83 -51.89 -12.06 -21.73
CA ALA C 83 -51.61 -11.91 -20.30
C ALA C 83 -50.16 -11.46 -20.16
N ASP C 84 -49.68 -11.37 -18.92
CA ASP C 84 -48.30 -11.00 -18.64
C ASP C 84 -47.44 -12.25 -18.51
N TYR C 85 -46.16 -12.11 -18.87
CA TYR C 85 -45.23 -13.24 -18.85
C TYR C 85 -43.92 -12.80 -18.24
N TYR C 86 -43.49 -13.50 -17.19
CA TYR C 86 -42.26 -13.16 -16.47
C TYR C 86 -41.28 -14.31 -16.55
N CYS C 87 -39.99 -13.97 -16.67
CA CYS C 87 -38.91 -14.94 -16.61
C CYS C 87 -38.20 -14.84 -15.27
N GLN C 88 -37.91 -15.99 -14.66
CA GLN C 88 -37.40 -16.07 -13.31
C GLN C 88 -36.22 -17.02 -13.27
N VAL C 89 -35.16 -16.61 -12.56
CA VAL C 89 -33.99 -17.45 -12.36
C VAL C 89 -33.62 -17.44 -10.88
N TRP C 90 -32.74 -18.36 -10.51
CA TRP C 90 -32.09 -18.35 -9.22
C TRP C 90 -30.68 -17.81 -9.38
N ASP C 91 -30.31 -16.87 -8.51
CA ASP C 91 -28.96 -16.29 -8.51
C ASP C 91 -28.52 -16.22 -7.06
N SER C 92 -27.77 -17.24 -6.64
CA SER C 92 -27.05 -17.22 -5.38
C SER C 92 -25.69 -16.56 -5.50
N TYR C 93 -25.28 -16.21 -6.73
CA TYR C 93 -24.10 -15.39 -6.94
C TYR C 93 -24.21 -14.10 -6.13
N SER C 94 -25.34 -13.40 -6.27
CA SER C 94 -25.62 -12.22 -5.47
C SER C 94 -26.06 -12.67 -4.07
N GLY C 95 -26.56 -11.74 -3.27
CA GLY C 95 -27.05 -12.11 -1.95
C GLY C 95 -28.36 -12.88 -2.01
N HIS C 96 -28.34 -14.00 -2.74
CA HIS C 96 -29.44 -14.96 -2.82
C HIS C 96 -30.73 -14.31 -3.36
N HIS C 97 -30.63 -13.70 -4.53
CA HIS C 97 -31.76 -12.98 -5.11
C HIS C 97 -32.53 -13.89 -6.07
N VAL C 98 -33.77 -14.19 -5.73
CA VAL C 98 -34.68 -14.84 -6.68
C VAL C 98 -35.05 -13.82 -7.73
N LEU C 99 -34.50 -13.97 -8.94
CA LEU C 99 -34.62 -12.93 -9.95
C LEU C 99 -35.89 -13.11 -10.77
N PHE C 100 -36.59 -12.01 -11.00
CA PHE C 100 -37.80 -11.95 -11.80
C PHE C 100 -37.59 -10.91 -12.89
N GLY C 101 -37.90 -11.29 -14.12
CA GLY C 101 -37.75 -10.38 -15.24
C GLY C 101 -38.67 -9.18 -15.13
N GLY C 102 -38.39 -8.18 -15.97
CA GLY C 102 -39.24 -7.00 -15.99
C GLY C 102 -40.68 -7.31 -16.34
N GLY C 103 -40.89 -8.22 -17.27
CA GLY C 103 -42.20 -8.61 -17.72
C GLY C 103 -42.43 -8.31 -19.18
N THR C 104 -43.56 -8.81 -19.68
CA THR C 104 -43.94 -8.62 -21.07
C THR C 104 -45.46 -8.65 -21.19
N ARG C 105 -46.04 -7.57 -21.71
CA ARG C 105 -47.49 -7.49 -21.92
C ARG C 105 -47.80 -8.04 -23.31
N LEU C 106 -48.17 -9.31 -23.36
CA LEU C 106 -48.51 -9.97 -24.61
C LEU C 106 -49.97 -9.67 -24.96
N THR C 107 -50.18 -9.02 -26.10
CA THR C 107 -51.52 -8.65 -26.55
C THR C 107 -51.78 -9.28 -27.92
N VAL C 108 -53.03 -9.68 -28.13
CA VAL C 108 -53.46 -10.33 -29.36
C VAL C 108 -54.31 -9.36 -30.16
N LEU C 109 -54.05 -9.28 -31.46
CA LEU C 109 -54.72 -8.34 -32.33
C LEU C 109 -55.98 -8.99 -32.92
N GLY C 110 -56.57 -8.34 -33.92
CA GLY C 110 -57.77 -8.84 -34.55
C GLY C 110 -59.06 -8.54 -33.82
N GLN C 111 -58.99 -7.93 -32.65
CA GLN C 111 -60.19 -7.60 -31.90
C GLN C 111 -60.96 -6.50 -32.62
N PRO C 112 -62.27 -6.42 -32.40
CA PRO C 112 -63.05 -5.36 -33.04
C PRO C 112 -62.47 -3.98 -32.74
N LYS C 113 -62.40 -3.15 -33.77
CA LYS C 113 -61.88 -1.78 -33.65
C LYS C 113 -63.04 -0.88 -33.26
N ALA C 114 -63.11 -0.52 -31.98
CA ALA C 114 -64.25 0.21 -31.44
C ALA C 114 -63.85 1.65 -31.15
N ALA C 115 -64.57 2.59 -31.75
CA ALA C 115 -64.38 3.99 -31.41
C ALA C 115 -64.97 4.27 -30.03
N PRO C 116 -64.38 5.19 -29.28
CA PRO C 116 -64.89 5.47 -27.93
C PRO C 116 -66.18 6.28 -27.95
N SER C 117 -66.89 6.23 -26.82
CA SER C 117 -68.00 7.13 -26.55
C SER C 117 -67.63 8.00 -25.36
N VAL C 118 -67.70 9.31 -25.55
CA VAL C 118 -67.25 10.28 -24.55
C VAL C 118 -68.39 11.20 -24.21
N THR C 119 -68.59 11.46 -22.92
CA THR C 119 -69.60 12.39 -22.46
C THR C 119 -69.07 13.18 -21.28
N LEU C 120 -69.40 14.47 -21.26
CA LEU C 120 -68.90 15.39 -20.25
C LEU C 120 -70.05 15.94 -19.41
N PHE C 121 -69.84 16.01 -18.11
CA PHE C 121 -70.85 16.40 -17.13
C PHE C 121 -70.35 17.60 -16.34
N PRO C 122 -71.07 18.73 -16.36
CA PRO C 122 -70.69 19.87 -15.53
C PRO C 122 -70.94 19.58 -14.07
N PRO C 123 -70.30 20.31 -13.16
CA PRO C 123 -70.53 20.08 -11.73
C PRO C 123 -71.97 20.36 -11.34
N SER C 124 -72.48 19.56 -10.40
CA SER C 124 -73.84 19.73 -9.93
C SER C 124 -73.98 21.02 -9.13
N SER C 125 -75.20 21.56 -9.12
CA SER C 125 -75.48 22.75 -8.34
C SER C 125 -75.30 22.48 -6.84
N GLU C 126 -75.62 21.28 -6.39
CA GLU C 126 -75.39 20.92 -4.99
C GLU C 126 -73.91 20.98 -4.65
N GLU C 127 -73.06 20.50 -5.55
CA GLU C 127 -71.61 20.64 -5.34
C GLU C 127 -71.19 22.10 -5.38
N LEU C 128 -71.87 22.92 -6.19
CA LEU C 128 -71.58 24.35 -6.22
C LEU C 128 -71.87 24.99 -4.86
N GLN C 129 -72.98 24.58 -4.22
CA GLN C 129 -73.22 25.05 -2.85
C GLN C 129 -72.17 24.53 -1.88
N ALA C 130 -71.55 23.39 -2.20
CA ALA C 130 -70.54 22.77 -1.35
C ALA C 130 -69.14 23.34 -1.58
N ASN C 131 -69.04 24.46 -2.30
CA ASN C 131 -67.77 25.15 -2.53
C ASN C 131 -66.77 24.25 -3.29
N LYS C 132 -67.29 23.49 -4.25
CA LYS C 132 -66.46 22.71 -5.15
C LYS C 132 -67.05 22.82 -6.55
N ALA C 133 -66.24 22.47 -7.56
CA ALA C 133 -66.72 22.43 -8.93
C ALA C 133 -65.93 21.33 -9.66
N THR C 134 -66.53 20.15 -9.78
CA THR C 134 -65.87 19.01 -10.40
C THR C 134 -66.57 18.67 -11.72
N LEU C 135 -65.81 18.67 -12.81
CA LEU C 135 -66.29 18.25 -14.11
C LEU C 135 -65.92 16.79 -14.34
N VAL C 136 -66.84 16.01 -14.90
CA VAL C 136 -66.66 14.58 -15.04
C VAL C 136 -66.70 14.20 -16.51
N CYS C 137 -65.60 13.66 -17.03
CA CYS C 137 -65.55 13.21 -18.41
C CYS C 137 -65.43 11.69 -18.42
N LEU C 138 -66.27 11.04 -19.23
CA LEU C 138 -66.39 9.58 -19.20
C LEU C 138 -66.22 9.03 -20.60
N ILE C 139 -65.38 8.00 -20.74
CA ILE C 139 -65.08 7.37 -22.01
C ILE C 139 -65.32 5.87 -21.87
N SER C 140 -66.02 5.29 -22.84
CA SER C 140 -66.40 3.89 -22.71
C SER C 140 -66.43 3.22 -24.07
N ASP C 141 -66.30 1.88 -24.05
CA ASP C 141 -66.53 1.03 -25.22
C ASP C 141 -65.61 1.41 -26.39
N PHE C 142 -64.31 1.27 -26.16
CA PHE C 142 -63.35 1.62 -27.19
C PHE C 142 -62.30 0.54 -27.36
N TYR C 143 -61.60 0.64 -28.48
CA TYR C 143 -60.54 -0.27 -28.85
C TYR C 143 -59.42 -0.18 -27.80
N PRO C 144 -58.66 -1.27 -27.57
CA PRO C 144 -57.62 -1.25 -26.53
C PRO C 144 -56.54 -0.19 -26.71
N GLY C 145 -56.63 0.62 -27.76
CA GLY C 145 -55.73 1.75 -27.88
C GLY C 145 -55.84 2.68 -26.69
N ALA C 146 -54.71 3.25 -26.30
CA ALA C 146 -54.66 4.11 -25.13
C ALA C 146 -55.50 5.36 -25.34
N VAL C 147 -55.65 6.14 -24.26
CA VAL C 147 -56.51 7.31 -24.25
C VAL C 147 -55.65 8.55 -24.04
N GLU C 148 -55.95 9.61 -24.80
CA GLU C 148 -55.36 10.92 -24.56
C GLU C 148 -56.44 11.89 -24.13
N VAL C 149 -56.23 12.54 -22.99
CA VAL C 149 -57.20 13.46 -22.40
C VAL C 149 -56.58 14.84 -22.32
N ALA C 150 -57.29 15.84 -22.83
CA ALA C 150 -56.88 17.23 -22.73
C ALA C 150 -58.08 18.05 -22.29
N TRP C 151 -57.99 18.64 -21.11
CA TRP C 151 -59.01 19.57 -20.65
C TRP C 151 -58.67 20.97 -21.12
N LYS C 152 -59.67 21.68 -21.63
CA LYS C 152 -59.46 23.02 -22.17
C LYS C 152 -60.47 23.98 -21.55
N ALA C 153 -59.99 25.13 -21.12
CA ALA C 153 -60.84 26.22 -20.64
C ALA C 153 -60.87 27.28 -21.73
N ASP C 154 -62.04 27.45 -22.35
CA ASP C 154 -62.23 28.40 -23.45
C ASP C 154 -61.26 28.11 -24.59
N GLY C 155 -61.10 26.82 -24.92
CA GLY C 155 -60.24 26.44 -26.02
C GLY C 155 -58.76 26.58 -25.75
N SER C 156 -58.36 26.64 -24.49
CA SER C 156 -56.96 26.78 -24.12
C SER C 156 -56.56 25.62 -23.22
N ALA C 157 -55.36 25.06 -23.46
CA ALA C 157 -54.91 23.89 -22.74
C ALA C 157 -54.86 24.14 -21.24
N VAL C 158 -55.46 23.24 -20.46
CA VAL C 158 -55.57 23.37 -19.02
C VAL C 158 -55.29 22.01 -18.39
N ASN C 159 -54.50 22.00 -17.31
CA ASN C 159 -54.21 20.77 -16.59
C ASN C 159 -54.21 20.97 -15.08
N ALA C 160 -55.04 21.89 -14.59
CA ALA C 160 -55.11 22.19 -13.16
C ALA C 160 -56.18 21.31 -12.52
N GLY C 161 -55.75 20.32 -11.75
CA GLY C 161 -56.67 19.41 -11.08
C GLY C 161 -57.14 18.25 -11.92
N VAL C 162 -56.41 17.86 -12.95
CA VAL C 162 -56.83 16.78 -13.83
C VAL C 162 -56.43 15.44 -13.23
N GLU C 163 -57.41 14.55 -13.06
CA GLU C 163 -57.18 13.18 -12.63
C GLU C 163 -57.71 12.23 -13.69
N THR C 164 -56.93 11.18 -13.99
CA THR C 164 -57.32 10.23 -15.02
C THR C 164 -56.92 8.82 -14.61
N THR C 165 -57.89 7.91 -14.61
CA THR C 165 -57.60 6.52 -14.29
C THR C 165 -56.91 5.83 -15.46
N LYS C 166 -56.27 4.73 -15.15
CA LYS C 166 -55.72 3.88 -16.20
C LYS C 166 -56.85 3.08 -16.83
N PRO C 167 -56.92 3.03 -18.17
CA PRO C 167 -58.03 2.34 -18.82
C PRO C 167 -58.12 0.88 -18.39
N SER C 168 -59.34 0.38 -18.29
CA SER C 168 -59.60 -0.99 -17.86
C SER C 168 -60.70 -1.59 -18.72
N LYS C 169 -60.67 -2.91 -18.85
CA LYS C 169 -61.65 -3.60 -19.69
C LYS C 169 -63.02 -3.61 -19.02
N GLN C 170 -64.01 -4.06 -19.78
CA GLN C 170 -65.38 -4.21 -19.29
C GLN C 170 -65.91 -5.56 -19.77
N SER C 171 -67.20 -5.79 -19.54
CA SER C 171 -67.83 -7.04 -19.98
C SER C 171 -67.91 -7.14 -21.50
N ASN C 172 -67.78 -6.02 -22.21
CA ASN C 172 -67.72 -6.03 -23.67
C ASN C 172 -66.36 -6.45 -24.20
N ASN C 173 -65.40 -6.69 -23.30
CA ASN C 173 -63.98 -6.84 -23.62
C ASN C 173 -63.40 -5.59 -24.26
N LYS C 174 -64.17 -4.51 -24.33
CA LYS C 174 -63.67 -3.21 -24.68
C LYS C 174 -63.15 -2.52 -23.41
N TYR C 175 -62.72 -1.28 -23.55
CA TYR C 175 -62.09 -0.57 -22.43
C TYR C 175 -62.94 0.63 -22.02
N ALA C 176 -62.70 1.09 -20.80
CA ALA C 176 -63.40 2.23 -20.24
C ALA C 176 -62.42 3.04 -19.39
N ALA C 177 -62.71 4.34 -19.26
CA ALA C 177 -61.87 5.23 -18.47
C ALA C 177 -62.69 6.44 -18.04
N SER C 178 -62.21 7.08 -16.97
CA SER C 178 -62.89 8.23 -16.38
C SER C 178 -61.86 9.28 -15.99
N SER C 179 -62.16 10.54 -16.28
CA SER C 179 -61.31 11.66 -15.93
C SER C 179 -62.13 12.71 -15.21
N TYR C 180 -61.46 13.50 -14.37
CA TYR C 180 -62.13 14.48 -13.54
C TYR C 180 -61.30 15.75 -13.47
N LEU C 181 -61.99 16.89 -13.54
CA LEU C 181 -61.37 18.21 -13.46
C LEU C 181 -61.85 18.91 -12.20
N SER C 182 -60.92 19.33 -11.36
CA SER C 182 -61.22 20.02 -10.11
C SER C 182 -61.05 21.52 -10.28
N LEU C 183 -62.05 22.28 -9.86
CA LEU C 183 -62.08 23.71 -10.06
C LEU C 183 -62.78 24.36 -8.89
N THR C 184 -62.33 25.55 -8.53
CA THR C 184 -63.08 26.37 -7.61
C THR C 184 -64.38 26.83 -8.27
N SER C 185 -65.38 27.12 -7.44
CA SER C 185 -66.68 27.56 -7.97
C SER C 185 -66.57 28.89 -8.69
N ASP C 186 -65.54 29.69 -8.40
CA ASP C 186 -65.35 30.95 -9.13
C ASP C 186 -64.96 30.69 -10.57
N GLN C 187 -63.96 29.81 -10.79
CA GLN C 187 -63.37 29.62 -12.10
C GLN C 187 -64.24 28.80 -13.05
N TRP C 188 -65.14 27.97 -12.51
CA TRP C 188 -66.08 27.25 -13.37
C TRP C 188 -67.01 28.22 -14.08
N LYS C 189 -67.47 29.25 -13.38
CA LYS C 189 -68.45 30.19 -13.92
C LYS C 189 -67.79 31.38 -14.62
N SER C 190 -66.61 31.80 -14.15
CA SER C 190 -65.95 32.94 -14.77
C SER C 190 -65.54 32.64 -16.21
N HIS C 191 -65.00 31.45 -16.45
CA HIS C 191 -64.65 31.05 -17.81
C HIS C 191 -65.91 30.86 -18.64
N LYS C 192 -65.77 31.09 -19.96
CA LYS C 192 -66.91 30.96 -20.86
C LYS C 192 -67.49 29.55 -20.81
N SER C 193 -66.68 28.56 -21.19
CA SER C 193 -67.11 27.18 -21.18
C SER C 193 -65.87 26.29 -21.13
N TYR C 194 -66.01 25.13 -20.50
CA TYR C 194 -64.94 24.15 -20.46
C TYR C 194 -65.21 23.05 -21.48
N SER C 195 -64.18 22.26 -21.76
CA SER C 195 -64.30 21.20 -22.76
C SER C 195 -63.33 20.08 -22.44
N CYS C 196 -63.78 18.86 -22.74
CA CYS C 196 -62.97 17.65 -22.60
C CYS C 196 -62.69 17.14 -24.01
N GLN C 197 -61.41 16.99 -24.34
CA GLN C 197 -60.99 16.55 -25.66
C GLN C 197 -60.28 15.20 -25.52
N VAL C 198 -60.68 14.24 -26.34
CA VAL C 198 -60.21 12.86 -26.22
C VAL C 198 -59.62 12.45 -27.57
N THR C 199 -58.41 11.91 -27.53
CA THR C 199 -57.73 11.41 -28.71
C THR C 199 -57.53 9.90 -28.58
N HIS C 200 -57.76 9.20 -29.68
CA HIS C 200 -57.59 7.75 -29.76
C HIS C 200 -57.38 7.38 -31.22
N GLU C 201 -56.37 6.54 -31.48
CA GLU C 201 -55.96 6.16 -32.84
C GLU C 201 -55.71 7.38 -33.71
N GLY C 202 -55.21 8.47 -33.11
CA GLY C 202 -54.93 9.69 -33.84
C GLY C 202 -56.14 10.54 -34.14
N SER C 203 -57.33 10.14 -33.69
CA SER C 203 -58.56 10.89 -33.94
C SER C 203 -58.99 11.58 -32.67
N THR C 204 -59.33 12.87 -32.77
CA THR C 204 -59.69 13.69 -31.62
C THR C 204 -61.14 14.12 -31.72
N VAL C 205 -61.88 13.93 -30.62
CA VAL C 205 -63.27 14.36 -30.51
C VAL C 205 -63.45 15.04 -29.16
N GLU C 206 -64.23 16.11 -29.13
CA GLU C 206 -64.36 16.93 -27.93
C GLU C 206 -65.82 17.17 -27.61
N LYS C 207 -66.11 17.31 -26.31
CA LYS C 207 -67.40 17.74 -25.81
C LYS C 207 -67.21 18.98 -24.96
N THR C 208 -67.97 20.04 -25.25
CA THR C 208 -67.85 21.32 -24.59
C THR C 208 -69.13 21.60 -23.81
N VAL C 209 -68.99 22.02 -22.55
CA VAL C 209 -70.12 22.34 -21.69
C VAL C 209 -69.90 23.72 -21.08
N ALA C 210 -71.02 24.37 -20.76
CA ALA C 210 -71.04 25.69 -20.15
C ALA C 210 -72.06 25.68 -19.02
N PRO C 211 -71.91 26.58 -18.03
CA PRO C 211 -72.89 26.68 -16.94
C PRO C 211 -74.30 27.02 -17.43
N VAL D 2 -53.35 -29.25 -5.01
CA VAL D 2 -52.63 -28.31 -4.16
C VAL D 2 -53.24 -26.92 -4.27
N GLN D 3 -53.79 -26.43 -3.16
CA GLN D 3 -54.42 -25.11 -3.09
C GLN D 3 -53.86 -24.31 -1.93
N LEU D 4 -53.66 -23.01 -2.16
CA LEU D 4 -53.05 -22.10 -1.20
C LEU D 4 -54.07 -21.02 -0.85
N VAL D 5 -54.63 -21.12 0.36
CA VAL D 5 -55.63 -20.18 0.83
C VAL D 5 -54.90 -19.03 1.52
N GLN D 6 -55.00 -17.83 0.95
CA GLN D 6 -54.38 -16.66 1.57
C GLN D 6 -55.34 -16.01 2.55
N SER D 7 -54.91 -14.88 3.11
CA SER D 7 -55.68 -14.15 4.10
C SER D 7 -56.41 -12.98 3.45
N GLY D 8 -57.18 -12.26 4.27
CA GLY D 8 -57.98 -11.16 3.75
C GLY D 8 -57.14 -9.99 3.30
N ALA D 9 -57.71 -9.21 2.37
CA ALA D 9 -57.04 -8.05 1.79
C ALA D 9 -57.06 -6.89 2.78
N GLU D 10 -56.25 -7.03 3.82
CA GLU D 10 -56.15 -6.01 4.84
C GLU D 10 -55.56 -4.73 4.26
N VAL D 11 -55.95 -3.58 4.81
CA VAL D 11 -55.42 -2.30 4.41
C VAL D 11 -55.03 -1.53 5.67
N LYS D 12 -53.79 -1.03 5.71
CA LYS D 12 -53.22 -0.41 6.89
C LYS D 12 -52.64 0.96 6.55
N LYS D 13 -52.40 1.76 7.58
CA LYS D 13 -51.86 3.11 7.52
C LYS D 13 -50.35 3.09 7.58
N PRO D 14 -49.68 4.15 7.16
CA PRO D 14 -48.20 4.16 7.15
C PRO D 14 -47.63 3.94 8.54
N GLY D 15 -46.55 3.17 8.59
CA GLY D 15 -45.92 2.84 9.86
C GLY D 15 -46.58 1.72 10.62
N ALA D 16 -47.57 1.05 10.03
CA ALA D 16 -48.26 -0.03 10.71
C ALA D 16 -47.61 -1.37 10.38
N SER D 17 -48.13 -2.43 10.99
CA SER D 17 -47.65 -3.79 10.76
C SER D 17 -48.82 -4.64 10.30
N VAL D 18 -48.60 -5.43 9.25
CA VAL D 18 -49.64 -6.26 8.67
C VAL D 18 -49.13 -7.70 8.58
N LYS D 19 -49.99 -8.65 8.93
CA LYS D 19 -49.68 -10.07 8.90
C LYS D 19 -50.60 -10.77 7.92
N LEU D 20 -50.02 -11.61 7.05
CA LEU D 20 -50.77 -12.36 6.06
C LEU D 20 -50.54 -13.85 6.28
N SER D 21 -51.60 -14.63 6.14
CA SER D 21 -51.56 -16.07 6.35
C SER D 21 -51.69 -16.80 5.01
N CYS D 22 -51.26 -18.05 5.01
CA CYS D 22 -51.35 -18.90 3.83
C CYS D 22 -51.41 -20.34 4.31
N LYS D 23 -52.54 -20.99 4.07
CA LYS D 23 -52.74 -22.37 4.46
C LYS D 23 -52.72 -23.25 3.20
N ALA D 24 -51.90 -24.29 3.24
CA ALA D 24 -51.74 -25.20 2.12
C ALA D 24 -52.63 -26.42 2.28
N SER D 25 -53.08 -26.96 1.16
CA SER D 25 -53.94 -28.14 1.18
C SER D 25 -53.39 -29.22 0.27
N GLY D 26 -53.66 -30.48 0.64
CA GLY D 26 -53.34 -31.62 -0.20
C GLY D 26 -52.01 -32.27 0.08
N TYR D 27 -50.92 -31.55 -0.14
CA TYR D 27 -49.59 -32.13 -0.11
C TYR D 27 -49.00 -32.12 1.31
N THR D 28 -47.84 -32.74 1.45
CA THR D 28 -47.13 -32.77 2.73
C THR D 28 -46.54 -31.40 3.02
N PHE D 29 -47.12 -30.70 3.99
CA PHE D 29 -46.82 -29.28 4.19
C PHE D 29 -45.33 -29.04 4.43
N THR D 30 -44.69 -29.89 5.22
CA THR D 30 -43.31 -29.65 5.63
C THR D 30 -42.28 -29.96 4.55
N SER D 31 -42.66 -30.70 3.51
CA SER D 31 -41.67 -31.11 2.51
C SER D 31 -41.28 -29.96 1.59
N TYR D 32 -42.15 -28.97 1.41
CA TYR D 32 -41.93 -27.89 0.46
C TYR D 32 -41.86 -26.55 1.18
N SER D 33 -40.80 -25.79 0.91
CA SER D 33 -40.65 -24.46 1.47
C SER D 33 -41.74 -23.54 0.93
N ILE D 34 -42.05 -22.49 1.70
CA ILE D 34 -43.11 -21.57 1.35
C ILE D 34 -42.49 -20.20 1.14
N ASN D 35 -42.58 -19.70 -0.09
CA ASN D 35 -41.99 -18.42 -0.46
C ASN D 35 -43.07 -17.35 -0.53
N TRP D 36 -42.65 -16.10 -0.32
CA TRP D 36 -43.52 -14.94 -0.38
C TRP D 36 -42.97 -13.96 -1.42
N VAL D 37 -43.85 -13.49 -2.30
CA VAL D 37 -43.56 -12.53 -3.35
C VAL D 37 -44.64 -11.46 -3.30
N ARG D 38 -44.29 -10.26 -3.76
CA ARG D 38 -45.27 -9.18 -3.84
C ARG D 38 -45.19 -8.49 -5.19
N GLN D 39 -46.34 -8.06 -5.71
CA GLN D 39 -46.41 -7.33 -6.97
C GLN D 39 -47.09 -5.99 -6.73
N ALA D 40 -46.37 -4.90 -7.04
CA ALA D 40 -47.01 -3.60 -7.03
C ALA D 40 -47.90 -3.45 -8.27
N PRO D 41 -49.09 -2.86 -8.13
CA PRO D 41 -49.99 -2.72 -9.28
C PRO D 41 -49.33 -1.91 -10.39
N GLY D 42 -49.45 -2.41 -11.62
CA GLY D 42 -48.82 -1.78 -12.76
C GLY D 42 -47.31 -1.88 -12.80
N GLN D 43 -46.71 -2.63 -11.89
CA GLN D 43 -45.27 -2.76 -11.79
C GLN D 43 -44.89 -4.24 -11.74
N GLY D 44 -43.58 -4.49 -11.76
CA GLY D 44 -43.09 -5.84 -11.67
C GLY D 44 -43.35 -6.45 -10.31
N LEU D 45 -43.11 -7.75 -10.22
CA LEU D 45 -43.28 -8.51 -8.99
C LEU D 45 -41.93 -8.96 -8.48
N GLU D 46 -41.69 -8.80 -7.18
CA GLU D 46 -40.37 -8.97 -6.59
C GLU D 46 -40.40 -9.96 -5.45
N TRP D 47 -39.30 -10.70 -5.31
CA TRP D 47 -39.19 -11.75 -4.32
C TRP D 47 -39.02 -11.17 -2.92
N MET D 48 -39.89 -11.56 -2.01
CA MET D 48 -39.74 -11.12 -0.62
C MET D 48 -38.89 -12.09 0.18
N GLY D 49 -39.21 -13.37 0.14
CA GLY D 49 -38.42 -14.33 0.92
C GLY D 49 -39.06 -15.71 0.91
N TRP D 50 -38.68 -16.50 1.91
CA TRP D 50 -39.31 -17.79 2.13
C TRP D 50 -39.01 -18.28 3.54
N VAL D 51 -39.81 -19.26 3.96
CA VAL D 51 -39.65 -19.94 5.24
C VAL D 51 -39.86 -21.43 5.00
N ASN D 52 -39.02 -22.26 5.62
CA ASN D 52 -39.15 -23.70 5.49
C ASN D 52 -40.07 -24.22 6.59
N PRO D 53 -41.19 -24.86 6.25
CA PRO D 53 -42.08 -25.39 7.29
C PRO D 53 -41.51 -26.60 8.03
N SER D 54 -40.43 -27.21 7.52
CA SER D 54 -39.86 -28.38 8.19
C SER D 54 -39.13 -28.00 9.47
N ASN D 55 -38.45 -26.85 9.47
CA ASN D 55 -37.62 -26.45 10.60
C ASN D 55 -37.84 -25.01 11.07
N GLY D 56 -38.49 -24.16 10.28
CA GLY D 56 -38.68 -22.78 10.67
C GLY D 56 -37.59 -21.82 10.26
N VAL D 57 -36.69 -22.23 9.37
CA VAL D 57 -35.62 -21.36 8.89
C VAL D 57 -36.22 -20.35 7.93
N THR D 58 -35.92 -19.07 8.15
CA THR D 58 -36.47 -17.97 7.37
C THR D 58 -35.37 -17.24 6.63
N VAL D 59 -35.54 -17.09 5.33
CA VAL D 59 -34.63 -16.32 4.48
C VAL D 59 -35.42 -15.16 3.90
N TYR D 60 -34.84 -13.96 3.95
CA TYR D 60 -35.52 -12.76 3.53
C TYR D 60 -34.72 -12.05 2.43
N ALA D 61 -35.41 -11.25 1.64
CA ALA D 61 -34.73 -10.45 0.63
C ALA D 61 -33.88 -9.38 1.31
N GLN D 62 -32.90 -8.87 0.57
CA GLN D 62 -32.02 -7.83 1.10
C GLN D 62 -32.80 -6.56 1.43
N LYS D 63 -33.71 -6.16 0.55
CA LYS D 63 -34.40 -4.88 0.72
C LYS D 63 -35.31 -4.87 1.95
N PHE D 64 -35.85 -6.02 2.32
CA PHE D 64 -36.90 -6.07 3.33
C PHE D 64 -36.42 -6.49 4.71
N GLN D 65 -35.25 -7.14 4.81
CA GLN D 65 -34.82 -7.67 6.09
C GLN D 65 -34.69 -6.54 7.12
N GLY D 66 -34.98 -6.89 8.37
CA GLY D 66 -35.18 -5.88 9.39
C GLY D 66 -36.60 -5.36 9.46
N ARG D 67 -37.48 -5.81 8.57
CA ARG D 67 -38.88 -5.43 8.59
C ARG D 67 -39.84 -6.59 8.47
N VAL D 68 -39.38 -7.78 8.09
CA VAL D 68 -40.24 -8.90 7.72
C VAL D 68 -39.91 -10.09 8.60
N THR D 69 -40.95 -10.73 9.15
CA THR D 69 -40.81 -11.94 9.95
C THR D 69 -41.73 -13.01 9.39
N MET D 70 -41.16 -14.13 8.95
CA MET D 70 -41.93 -15.25 8.44
C MET D 70 -41.95 -16.37 9.47
N THR D 71 -43.13 -16.93 9.70
CA THR D 71 -43.32 -17.97 10.70
C THR D 71 -44.07 -19.14 10.07
N ARG D 72 -43.97 -20.28 10.74
CA ARG D 72 -44.64 -21.50 10.31
C ARG D 72 -45.47 -22.05 11.47
N ASP D 73 -46.42 -22.91 11.11
CA ASP D 73 -47.23 -23.60 12.11
C ASP D 73 -47.62 -24.94 11.49
N THR D 74 -46.96 -26.01 11.96
CA THR D 74 -47.22 -27.35 11.46
C THR D 74 -48.43 -28.01 12.11
N SER D 75 -48.94 -27.46 13.21
CA SER D 75 -50.17 -27.96 13.81
C SER D 75 -51.41 -27.55 13.03
N THR D 76 -51.29 -26.55 12.15
CA THR D 76 -52.38 -26.15 11.28
C THR D 76 -52.01 -26.14 9.80
N SER D 77 -50.79 -26.57 9.45
CA SER D 77 -50.31 -26.56 8.07
C SER D 77 -50.43 -25.17 7.45
N THR D 78 -49.89 -24.18 8.16
CA THR D 78 -50.03 -22.80 7.74
C THR D 78 -48.69 -22.08 7.86
N ALA D 79 -48.51 -21.03 7.07
CA ALA D 79 -47.34 -20.18 7.15
C ALA D 79 -47.78 -18.72 7.08
N TYR D 80 -47.08 -17.86 7.81
CA TYR D 80 -47.49 -16.48 7.95
C TYR D 80 -46.30 -15.57 7.71
N MET D 81 -46.59 -14.35 7.27
CA MET D 81 -45.55 -13.37 7.01
C MET D 81 -46.01 -12.01 7.51
N GLU D 82 -45.16 -11.34 8.28
CA GLU D 82 -45.49 -10.05 8.89
C GLU D 82 -44.54 -8.99 8.37
N LEU D 83 -45.09 -7.87 7.90
CA LEU D 83 -44.32 -6.73 7.44
C LEU D 83 -44.65 -5.53 8.29
N SER D 84 -43.62 -4.90 8.87
CA SER D 84 -43.77 -3.76 9.77
C SER D 84 -43.13 -2.54 9.15
N SER D 85 -43.42 -1.38 9.75
CA SER D 85 -42.92 -0.08 9.29
C SER D 85 -43.26 0.14 7.83
N LEU D 86 -44.56 0.20 7.56
CA LEU D 86 -45.05 0.29 6.19
C LEU D 86 -44.78 1.68 5.61
N ARG D 87 -44.03 1.72 4.52
CA ARG D 87 -43.86 2.95 3.76
C ARG D 87 -44.99 3.08 2.74
N PHE D 88 -45.05 4.23 2.08
CA PHE D 88 -46.05 4.46 1.05
C PHE D 88 -45.82 3.60 -0.20
N GLU D 89 -44.66 2.97 -0.32
CA GLU D 89 -44.34 2.13 -1.47
C GLU D 89 -44.68 0.67 -1.26
N ASP D 90 -45.28 0.31 -0.13
CA ASP D 90 -45.65 -1.07 0.15
C ASP D 90 -47.01 -1.45 -0.42
N THR D 91 -47.61 -0.58 -1.24
CA THR D 91 -48.88 -0.90 -1.89
C THR D 91 -48.67 -2.02 -2.89
N ALA D 92 -49.14 -3.23 -2.55
CA ALA D 92 -48.93 -4.35 -3.44
C ALA D 92 -49.89 -5.47 -3.11
N VAL D 93 -50.03 -6.41 -4.04
CA VAL D 93 -50.73 -7.66 -3.83
C VAL D 93 -49.68 -8.72 -3.53
N TYR D 94 -49.83 -9.40 -2.39
CA TYR D 94 -48.85 -10.34 -1.89
C TYR D 94 -49.33 -11.76 -2.15
N TYR D 95 -48.48 -12.55 -2.80
CA TYR D 95 -48.75 -13.95 -3.06
C TYR D 95 -47.76 -14.81 -2.29
N CYS D 96 -48.22 -16.01 -1.94
CA CYS D 96 -47.37 -17.05 -1.38
C CYS D 96 -47.32 -18.22 -2.36
N ALA D 97 -46.14 -18.77 -2.56
CA ALA D 97 -45.91 -19.83 -3.53
C ALA D 97 -45.18 -20.99 -2.86
N ARG D 98 -45.18 -22.13 -3.55
CA ARG D 98 -44.57 -23.35 -3.05
C ARG D 98 -43.27 -23.60 -3.79
N GLU D 99 -42.21 -23.89 -3.04
CA GLU D 99 -40.88 -24.13 -3.59
C GLU D 99 -40.79 -25.61 -3.93
N ARG D 100 -41.03 -25.96 -5.20
CA ARG D 100 -41.05 -27.37 -5.58
C ARG D 100 -39.65 -27.98 -5.53
N ASP D 101 -38.64 -27.21 -5.90
CA ASP D 101 -37.26 -27.68 -5.86
C ASP D 101 -36.41 -26.66 -5.11
N GLN D 102 -35.52 -27.18 -4.26
CA GLN D 102 -34.65 -26.32 -3.44
C GLN D 102 -33.37 -25.94 -4.18
N LEU D 103 -32.78 -26.88 -4.92
CA LEU D 103 -31.56 -26.58 -5.65
C LEU D 103 -31.83 -25.66 -6.83
N VAL D 104 -32.88 -25.93 -7.59
CA VAL D 104 -33.35 -25.03 -8.64
C VAL D 104 -34.63 -24.40 -8.13
N VAL D 105 -34.59 -23.10 -7.87
CA VAL D 105 -35.72 -22.40 -7.27
C VAL D 105 -36.75 -22.13 -8.35
N TYR D 106 -37.91 -22.77 -8.23
CA TYR D 106 -39.06 -22.39 -9.03
C TYR D 106 -40.31 -22.83 -8.28
N PHE D 107 -41.45 -22.27 -8.68
CA PHE D 107 -42.71 -22.45 -7.97
C PHE D 107 -43.73 -23.08 -8.90
N ASP D 108 -44.46 -24.07 -8.40
CA ASP D 108 -45.50 -24.76 -9.15
C ASP D 108 -46.90 -24.21 -8.89
N HIS D 109 -47.18 -23.81 -7.65
CA HIS D 109 -48.50 -23.33 -7.26
C HIS D 109 -48.37 -21.98 -6.59
N TRP D 110 -49.47 -21.23 -6.60
CA TRP D 110 -49.49 -19.87 -6.09
C TRP D 110 -50.75 -19.65 -5.28
N GLY D 111 -50.67 -18.69 -4.34
CA GLY D 111 -51.85 -18.22 -3.68
C GLY D 111 -52.59 -17.18 -4.49
N GLN D 112 -53.90 -17.07 -4.24
CA GLN D 112 -54.71 -16.12 -5.00
C GLN D 112 -54.31 -14.67 -4.75
N GLY D 113 -53.71 -14.37 -3.62
CA GLY D 113 -53.21 -13.04 -3.36
C GLY D 113 -53.98 -12.33 -2.27
N ALA D 114 -53.30 -11.43 -1.57
CA ALA D 114 -53.92 -10.54 -0.61
C ALA D 114 -53.48 -9.11 -0.91
N LEU D 115 -54.45 -8.22 -1.09
CA LEU D 115 -54.16 -6.82 -1.41
C LEU D 115 -53.86 -6.05 -0.13
N VAL D 116 -52.68 -5.45 -0.04
CA VAL D 116 -52.30 -4.61 1.08
C VAL D 116 -51.95 -3.24 0.53
N THR D 117 -52.66 -2.21 1.00
CA THR D 117 -52.53 -0.85 0.51
C THR D 117 -52.21 0.07 1.68
N VAL D 118 -51.08 0.76 1.59
CA VAL D 118 -50.70 1.72 2.63
C VAL D 118 -51.65 2.91 2.59
N SER D 119 -52.22 3.24 3.74
CA SER D 119 -53.29 4.22 3.74
C SER D 119 -52.75 5.64 3.63
N SER D 120 -53.64 6.55 3.22
CA SER D 120 -53.43 7.96 3.44
C SER D 120 -53.78 8.37 4.86
N ALA D 121 -54.33 7.44 5.65
CA ALA D 121 -54.72 7.56 7.06
C ALA D 121 -56.03 8.33 7.26
N SER D 122 -56.82 8.53 6.20
CA SER D 122 -58.08 9.28 6.31
C SER D 122 -59.17 8.52 5.56
N THR D 123 -59.82 7.60 6.25
CA THR D 123 -60.95 6.86 5.68
C THR D 123 -62.21 7.73 5.72
N LYS D 124 -62.95 7.78 4.61
CA LYS D 124 -64.15 8.60 4.50
C LYS D 124 -65.29 7.81 3.86
N GLY D 125 -66.52 8.17 4.24
CA GLY D 125 -67.70 7.75 3.52
C GLY D 125 -68.03 8.70 2.39
N PRO D 126 -68.65 8.19 1.33
CA PRO D 126 -68.72 8.95 0.08
C PRO D 126 -69.54 10.22 0.19
N SER D 127 -69.24 11.18 -0.68
CA SER D 127 -70.11 12.34 -0.92
C SER D 127 -70.69 12.19 -2.31
N VAL D 128 -72.02 12.27 -2.42
CA VAL D 128 -72.73 11.93 -3.63
C VAL D 128 -73.33 13.20 -4.24
N PHE D 129 -73.12 13.37 -5.54
CA PHE D 129 -73.72 14.49 -6.24
C PHE D 129 -74.40 14.02 -7.52
N PRO D 130 -75.47 14.69 -7.94
CA PRO D 130 -76.20 14.24 -9.12
C PRO D 130 -75.72 14.90 -10.41
N LEU D 131 -75.67 14.11 -11.47
CA LEU D 131 -75.22 14.55 -12.78
C LEU D 131 -76.43 14.50 -13.71
N ALA D 132 -77.08 15.64 -13.89
CA ALA D 132 -78.27 15.71 -14.72
C ALA D 132 -77.92 15.52 -16.20
N PRO D 133 -78.84 14.99 -17.00
CA PRO D 133 -78.56 14.78 -18.42
C PRO D 133 -78.64 16.07 -19.21
N SER D 134 -77.78 16.16 -20.22
CA SER D 134 -77.80 17.30 -21.13
C SER D 134 -78.90 17.13 -22.17
N SER D 135 -79.44 18.26 -22.64
CA SER D 135 -80.52 18.23 -23.62
C SER D 135 -80.06 17.75 -24.99
N ARG D 136 -78.76 17.63 -25.21
CA ARG D 136 -78.21 17.13 -26.47
C ARG D 136 -77.97 15.61 -26.43
N SER D 137 -78.53 14.92 -25.45
CA SER D 137 -78.52 13.46 -25.44
C SER D 137 -79.88 12.85 -25.06
N THR D 138 -80.85 13.66 -24.64
CA THR D 138 -82.10 13.13 -24.12
C THR D 138 -83.08 12.75 -25.23
N SER D 139 -83.48 13.73 -26.05
CA SER D 139 -84.51 13.48 -27.07
C SER D 139 -83.98 12.62 -28.21
N GLU D 140 -82.72 12.80 -28.58
CA GLU D 140 -82.06 12.02 -29.62
C GLU D 140 -81.26 10.88 -29.00
N SER D 141 -81.43 9.68 -29.54
CA SER D 141 -80.73 8.47 -29.09
C SER D 141 -81.15 8.22 -27.64
N THR D 142 -80.23 8.05 -26.70
CA THR D 142 -80.55 7.77 -25.31
C THR D 142 -79.84 8.75 -24.40
N ALA D 143 -80.53 9.15 -23.33
CA ALA D 143 -80.01 10.14 -22.40
C ALA D 143 -78.99 9.55 -21.46
N ALA D 144 -77.97 10.34 -21.12
CA ALA D 144 -76.93 9.97 -20.20
C ALA D 144 -77.08 10.79 -18.93
N LEU D 145 -77.24 10.13 -17.79
CA LEU D 145 -77.37 10.81 -16.51
C LEU D 145 -76.83 9.91 -15.42
N GLY D 146 -76.33 10.50 -14.34
CA GLY D 146 -75.70 9.65 -13.36
C GLY D 146 -75.53 10.25 -11.99
N CYS D 147 -74.74 9.56 -11.17
CA CYS D 147 -74.34 10.02 -9.86
C CYS D 147 -72.83 10.21 -9.84
N LEU D 148 -72.32 10.79 -8.75
CA LEU D 148 -70.90 11.07 -8.63
C LEU D 148 -70.49 10.83 -7.18
N VAL D 149 -69.75 9.75 -6.94
CA VAL D 149 -69.22 9.40 -5.63
C VAL D 149 -67.84 10.04 -5.52
N LYS D 150 -67.62 10.82 -4.46
CA LYS D 150 -66.42 11.62 -4.30
C LYS D 150 -65.84 11.42 -2.90
N ASP D 151 -64.51 11.53 -2.83
CA ASP D 151 -63.75 11.59 -1.58
C ASP D 151 -64.17 10.52 -0.57
N TYR D 152 -63.97 9.27 -0.96
CA TYR D 152 -64.13 8.13 -0.06
C TYR D 152 -62.85 7.32 -0.07
N PHE D 153 -62.29 7.03 1.10
CA PHE D 153 -61.02 6.31 1.08
C PHE D 153 -61.14 4.79 0.86
N PRO D 154 -61.84 4.04 1.72
CA PRO D 154 -61.81 2.58 1.57
C PRO D 154 -62.32 2.13 0.20
N GLU D 155 -61.65 1.11 -0.35
CA GLU D 155 -61.85 0.77 -1.76
C GLU D 155 -63.27 0.34 -2.12
N PRO D 156 -63.92 -0.60 -1.44
CA PRO D 156 -65.19 -1.12 -1.97
C PRO D 156 -66.34 -0.16 -1.72
N VAL D 157 -66.97 0.29 -2.81
CA VAL D 157 -68.21 1.06 -2.76
C VAL D 157 -69.14 0.52 -3.85
N THR D 158 -70.42 0.38 -3.51
CA THR D 158 -71.37 -0.26 -4.41
C THR D 158 -72.50 0.70 -4.76
N VAL D 159 -72.75 0.87 -6.06
CA VAL D 159 -73.80 1.75 -6.55
C VAL D 159 -74.86 0.90 -7.24
N SER D 160 -76.12 1.11 -6.86
CA SER D 160 -77.26 0.41 -7.44
C SER D 160 -78.30 1.44 -7.83
N TRP D 161 -78.80 1.35 -9.05
CA TRP D 161 -79.78 2.31 -9.52
C TRP D 161 -81.18 1.78 -9.25
N ASN D 162 -81.96 2.54 -8.49
CA ASN D 162 -83.28 2.10 -8.03
C ASN D 162 -83.16 0.76 -7.30
N SER D 163 -82.15 0.67 -6.44
CA SER D 163 -81.90 -0.49 -5.57
C SER D 163 -81.93 -1.80 -6.34
N GLY D 164 -80.95 -1.94 -7.23
CA GLY D 164 -80.73 -3.20 -7.92
C GLY D 164 -81.86 -3.62 -8.83
N SER D 165 -82.45 -2.68 -9.55
CA SER D 165 -83.51 -3.00 -10.50
C SER D 165 -83.13 -2.64 -11.93
N LEU D 166 -82.79 -1.38 -12.18
CA LEU D 166 -82.43 -0.93 -13.53
C LEU D 166 -80.96 -1.30 -13.79
N THR D 167 -80.75 -2.18 -14.77
CA THR D 167 -79.40 -2.69 -15.01
C THR D 167 -78.95 -2.50 -16.46
N SER D 168 -79.88 -2.60 -17.41
CA SER D 168 -79.51 -2.50 -18.82
C SER D 168 -79.18 -1.05 -19.16
N GLY D 169 -77.97 -0.83 -19.67
CA GLY D 169 -77.54 0.51 -20.00
C GLY D 169 -76.96 1.31 -18.85
N VAL D 170 -76.27 0.66 -17.92
CA VAL D 170 -75.66 1.31 -16.77
C VAL D 170 -74.18 0.97 -16.73
N HIS D 171 -73.34 1.97 -16.46
CA HIS D 171 -71.89 1.78 -16.46
C HIS D 171 -71.28 2.47 -15.25
N THR D 172 -70.53 1.72 -14.46
CA THR D 172 -69.81 2.25 -13.30
C THR D 172 -68.32 2.24 -13.61
N PHE D 173 -67.63 3.32 -13.23
CA PHE D 173 -66.27 3.51 -13.68
C PHE D 173 -65.27 3.27 -12.54
N PRO D 174 -64.03 2.89 -12.87
CA PRO D 174 -63.08 2.54 -11.82
C PRO D 174 -62.77 3.72 -10.91
N ALA D 175 -62.54 3.41 -9.64
CA ALA D 175 -62.17 4.42 -8.67
C ALA D 175 -60.85 5.08 -9.06
N VAL D 176 -60.74 6.37 -8.78
CA VAL D 176 -59.59 7.17 -9.17
C VAL D 176 -59.01 7.84 -7.93
N LEU D 177 -57.71 7.68 -7.73
CA LEU D 177 -57.02 8.29 -6.58
C LEU D 177 -56.79 9.77 -6.87
N GLN D 178 -57.50 10.63 -6.16
CA GLN D 178 -57.22 12.06 -6.23
C GLN D 178 -55.86 12.35 -5.61
N SER D 179 -55.27 13.48 -6.02
CA SER D 179 -54.00 13.89 -5.45
C SER D 179 -54.10 14.10 -3.94
N SER D 180 -55.31 14.38 -3.43
CA SER D 180 -55.51 14.50 -2.00
C SER D 180 -55.39 13.16 -1.29
N GLY D 181 -55.42 12.05 -2.01
CA GLY D 181 -55.32 10.73 -1.44
C GLY D 181 -56.63 9.97 -1.33
N LEU D 182 -57.75 10.62 -1.60
CA LEU D 182 -59.06 9.99 -1.50
C LEU D 182 -59.51 9.48 -2.87
N TYR D 183 -60.54 8.65 -2.86
CA TYR D 183 -61.01 7.99 -4.08
C TYR D 183 -62.33 8.59 -4.56
N SER D 184 -62.64 8.34 -5.83
CA SER D 184 -63.82 8.93 -6.46
C SER D 184 -64.14 8.14 -7.73
N LEU D 185 -65.43 7.88 -7.94
CA LEU D 185 -65.87 7.22 -9.16
C LEU D 185 -67.28 7.69 -9.50
N SER D 186 -67.64 7.53 -10.76
CA SER D 186 -68.95 7.96 -11.26
C SER D 186 -69.70 6.77 -11.83
N SER D 187 -70.99 6.71 -11.54
CA SER D 187 -71.90 5.74 -12.15
C SER D 187 -72.84 6.48 -13.08
N VAL D 188 -73.01 5.96 -14.28
CA VAL D 188 -73.78 6.63 -15.32
C VAL D 188 -74.83 5.67 -15.86
N VAL D 189 -75.88 6.24 -16.44
CA VAL D 189 -77.04 5.50 -16.89
C VAL D 189 -77.44 6.02 -18.27
N THR D 190 -77.67 5.09 -19.18
CA THR D 190 -78.08 5.37 -20.55
C THR D 190 -79.50 4.87 -20.72
N VAL D 191 -80.45 5.80 -20.81
CA VAL D 191 -81.87 5.45 -20.72
C VAL D 191 -82.61 5.96 -21.96
N PRO D 192 -83.64 5.25 -22.42
CA PRO D 192 -84.41 5.75 -23.57
C PRO D 192 -85.12 7.05 -23.27
N SER D 193 -85.49 7.74 -24.35
CA SER D 193 -86.17 9.02 -24.27
C SER D 193 -87.63 8.89 -23.84
N SER D 194 -88.20 7.69 -23.86
CA SER D 194 -89.61 7.51 -23.54
C SER D 194 -89.90 7.61 -22.06
N SER D 195 -88.88 7.63 -21.20
CA SER D 195 -89.07 7.67 -19.76
C SER D 195 -88.28 8.81 -19.13
N LEU D 196 -88.04 9.88 -19.90
CA LEU D 196 -87.28 11.01 -19.37
C LEU D 196 -88.01 11.68 -18.22
N GLY D 197 -89.31 11.88 -18.35
CA GLY D 197 -90.11 12.46 -17.29
C GLY D 197 -91.03 11.44 -16.64
N THR D 198 -91.31 10.35 -17.35
CA THR D 198 -92.18 9.31 -16.82
C THR D 198 -91.52 8.58 -15.67
N GLN D 199 -90.41 7.90 -15.94
CA GLN D 199 -89.69 7.17 -14.91
C GLN D 199 -88.86 8.13 -14.07
N THR D 200 -88.68 7.77 -12.80
CA THR D 200 -87.90 8.56 -11.86
C THR D 200 -86.70 7.75 -11.42
N TYR D 201 -85.52 8.38 -11.43
CA TYR D 201 -84.26 7.68 -11.18
C TYR D 201 -83.64 8.17 -9.88
N VAL D 202 -83.35 7.24 -8.98
CA VAL D 202 -82.61 7.50 -7.76
C VAL D 202 -81.49 6.48 -7.65
N CYS D 203 -80.27 6.95 -7.44
CA CYS D 203 -79.15 6.05 -7.27
C CYS D 203 -78.88 5.84 -5.79
N ASN D 204 -78.38 4.65 -5.46
CA ASN D 204 -78.14 4.23 -4.10
C ASN D 204 -76.68 3.85 -3.98
N VAL D 205 -75.93 4.62 -3.19
CA VAL D 205 -74.51 4.37 -2.98
C VAL D 205 -74.33 3.85 -1.57
N ASN D 206 -73.76 2.66 -1.45
CA ASN D 206 -73.55 2.01 -0.17
C ASN D 206 -72.06 1.76 0.03
N HIS D 207 -71.56 2.14 1.21
CA HIS D 207 -70.14 2.03 1.56
C HIS D 207 -70.07 1.37 2.93
N LYS D 208 -69.88 0.05 2.95
CA LYS D 208 -69.87 -0.70 4.19
C LYS D 208 -68.72 -0.33 5.13
N PRO D 209 -67.47 -0.19 4.68
CA PRO D 209 -66.40 0.15 5.64
C PRO D 209 -66.65 1.44 6.40
N SER D 210 -67.32 2.42 5.79
CA SER D 210 -67.73 3.62 6.50
C SER D 210 -69.18 3.55 6.99
N ASN D 211 -69.92 2.49 6.63
CA ASN D 211 -71.33 2.33 7.00
C ASN D 211 -72.15 3.56 6.59
N THR D 212 -72.12 3.86 5.29
CA THR D 212 -72.84 5.02 4.76
C THR D 212 -73.70 4.60 3.59
N LYS D 213 -75.01 4.80 3.73
CA LYS D 213 -75.98 4.58 2.65
C LYS D 213 -76.55 5.93 2.24
N VAL D 214 -76.41 6.27 0.96
CA VAL D 214 -76.89 7.55 0.43
C VAL D 214 -77.83 7.28 -0.73
N ASP D 215 -79.06 7.77 -0.61
CA ASP D 215 -80.05 7.69 -1.67
C ASP D 215 -80.14 9.07 -2.30
N LYS D 216 -79.65 9.20 -3.53
CA LYS D 216 -79.64 10.50 -4.19
C LYS D 216 -80.49 10.44 -5.45
N ARG D 217 -81.52 11.28 -5.49
CA ARG D 217 -82.39 11.39 -6.65
C ARG D 217 -81.69 12.17 -7.75
N VAL D 218 -81.69 11.62 -8.96
CA VAL D 218 -81.06 12.25 -10.10
C VAL D 218 -82.15 12.97 -10.88
N GLU D 219 -82.25 14.28 -10.67
CA GLU D 219 -83.22 15.10 -11.37
C GLU D 219 -82.69 15.44 -12.77
N ILE D 220 -83.50 16.17 -13.53
CA ILE D 220 -83.11 16.66 -14.84
C ILE D 220 -83.17 18.18 -14.78
N LYS D 221 -82.02 18.84 -14.98
CA LYS D 221 -81.96 20.29 -14.89
C LYS D 221 -82.54 20.91 -16.14
N THR D 222 -83.62 21.67 -15.99
CA THR D 222 -84.29 22.32 -17.11
C THR D 222 -84.74 23.73 -16.73
N GLN E 1 -19.48 25.42 33.40
CA GLN E 1 -18.99 24.56 32.33
C GLN E 1 -20.10 24.09 31.40
N VAL E 2 -20.51 22.84 31.61
CA VAL E 2 -21.25 22.06 30.64
C VAL E 2 -22.62 21.72 31.21
N GLN E 3 -23.65 21.82 30.36
CA GLN E 3 -24.98 21.35 30.69
C GLN E 3 -25.53 20.52 29.54
N LEU E 4 -26.34 19.52 29.91
CA LEU E 4 -27.07 18.68 28.98
C LEU E 4 -28.56 18.88 29.27
N VAL E 5 -29.25 19.57 28.37
CA VAL E 5 -30.67 19.84 28.51
C VAL E 5 -31.44 18.84 27.67
N GLN E 6 -32.37 18.13 28.28
CA GLN E 6 -33.10 17.08 27.60
C GLN E 6 -34.46 17.58 27.11
N SER E 7 -35.20 16.69 26.46
CA SER E 7 -36.53 17.02 26.00
C SER E 7 -37.55 16.66 27.06
N GLY E 8 -38.81 16.98 26.78
CA GLY E 8 -39.87 16.68 27.72
C GLY E 8 -40.13 15.19 27.83
N ALA E 9 -40.66 14.80 29.00
CA ALA E 9 -40.96 13.40 29.29
C ALA E 9 -42.22 12.99 28.52
N GLU E 10 -42.03 12.66 27.24
CA GLU E 10 -43.12 12.13 26.44
C GLU E 10 -43.59 10.79 27.00
N VAL E 11 -44.85 10.46 26.72
CA VAL E 11 -45.45 9.21 27.20
C VAL E 11 -46.38 8.67 26.11
N LYS E 12 -46.12 7.43 25.67
CA LYS E 12 -46.76 6.87 24.49
C LYS E 12 -47.28 5.46 24.80
N LYS E 13 -48.02 4.90 23.82
CA LYS E 13 -48.66 3.59 23.85
C LYS E 13 -47.70 2.49 23.40
N PRO E 14 -47.99 1.23 23.77
CA PRO E 14 -47.09 0.13 23.38
C PRO E 14 -46.96 0.00 21.87
N GLY E 15 -45.77 -0.37 21.43
CA GLY E 15 -45.48 -0.53 20.03
C GLY E 15 -45.18 0.76 19.29
N ALA E 16 -45.24 1.90 19.95
CA ALA E 16 -44.99 3.17 19.30
C ALA E 16 -43.51 3.50 19.33
N SER E 17 -43.17 4.71 18.90
CA SER E 17 -41.79 5.18 18.82
C SER E 17 -41.67 6.54 19.49
N VAL E 18 -40.67 6.70 20.34
CA VAL E 18 -40.46 7.94 21.08
C VAL E 18 -39.04 8.45 20.83
N LYS E 19 -38.94 9.73 20.48
CA LYS E 19 -37.66 10.36 20.16
C LYS E 19 -37.37 11.45 21.18
N LEU E 20 -36.19 11.39 21.80
CA LEU E 20 -35.77 12.33 22.82
C LEU E 20 -34.60 13.17 22.31
N SER E 21 -34.55 14.42 22.76
CA SER E 21 -33.50 15.35 22.39
C SER E 21 -32.58 15.61 23.58
N CYS E 22 -31.35 16.06 23.27
CA CYS E 22 -30.37 16.39 24.29
C CYS E 22 -29.40 17.40 23.68
N LYS E 23 -29.45 18.64 24.16
CA LYS E 23 -28.61 19.71 23.67
C LYS E 23 -27.54 20.03 24.70
N ALA E 24 -26.31 20.23 24.23
CA ALA E 24 -25.16 20.50 25.09
C ALA E 24 -24.79 21.97 25.01
N SER E 25 -24.38 22.54 26.14
CA SER E 25 -23.99 23.95 26.17
C SER E 25 -22.57 24.11 26.69
N GLY E 26 -21.93 25.17 26.24
CA GLY E 26 -20.60 25.54 26.72
C GLY E 26 -19.41 25.00 25.96
N TYR E 27 -19.36 23.69 25.74
CA TYR E 27 -18.19 23.04 25.18
C TYR E 27 -18.38 22.75 23.69
N THR E 28 -17.26 22.52 23.01
CA THR E 28 -17.25 22.19 21.59
C THR E 28 -18.05 20.91 21.35
N PHE E 29 -19.18 21.01 20.66
CA PHE E 29 -20.16 19.93 20.65
C PHE E 29 -19.56 18.61 20.15
N THR E 30 -18.74 18.67 19.11
CA THR E 30 -18.26 17.46 18.46
C THR E 30 -17.06 16.83 19.17
N SER E 31 -16.53 17.46 20.21
CA SER E 31 -15.33 16.92 20.84
C SER E 31 -15.60 15.66 21.66
N TYR E 32 -16.81 15.51 22.19
CA TYR E 32 -17.12 14.42 23.09
C TYR E 32 -18.35 13.67 22.62
N SER E 33 -18.29 12.34 22.68
CA SER E 33 -19.43 11.50 22.34
C SER E 33 -20.55 11.68 23.36
N ILE E 34 -21.77 11.33 22.95
CA ILE E 34 -22.93 11.44 23.81
C ILE E 34 -23.53 10.05 23.98
N ASN E 35 -23.67 9.61 25.23
CA ASN E 35 -24.20 8.30 25.58
C ASN E 35 -25.60 8.45 26.17
N TRP E 36 -26.37 7.37 26.08
CA TRP E 36 -27.74 7.34 26.59
C TRP E 36 -27.87 6.19 27.57
N VAL E 37 -28.39 6.48 28.75
CA VAL E 37 -28.55 5.47 29.81
C VAL E 37 -29.96 5.56 30.36
N ARG E 38 -30.61 4.41 30.51
CA ARG E 38 -31.97 4.38 31.01
C ARG E 38 -32.01 3.66 32.36
N GLN E 39 -33.06 3.98 33.12
CA GLN E 39 -33.23 3.49 34.49
C GLN E 39 -34.67 3.03 34.66
N ALA E 40 -34.86 1.72 34.82
CA ALA E 40 -36.17 1.20 35.19
C ALA E 40 -36.50 1.61 36.62
N PRO E 41 -37.77 1.84 36.92
CA PRO E 41 -38.14 2.43 38.22
C PRO E 41 -37.67 1.57 39.38
N GLY E 42 -36.97 2.20 40.32
CA GLY E 42 -36.46 1.51 41.48
C GLY E 42 -35.36 0.51 41.21
N GLN E 43 -34.83 0.47 39.98
CA GLN E 43 -33.82 -0.49 39.57
C GLN E 43 -32.55 0.23 39.14
N GLY E 44 -31.62 -0.53 38.59
CA GLY E 44 -30.31 -0.03 38.25
C GLY E 44 -30.29 0.76 36.96
N LEU E 45 -29.09 0.92 36.43
CA LEU E 45 -28.85 1.67 35.20
C LEU E 45 -28.51 0.73 34.06
N GLU E 46 -29.07 1.01 32.89
CA GLU E 46 -28.81 0.24 31.68
C GLU E 46 -28.19 1.16 30.65
N TRP E 47 -27.00 0.80 30.16
CA TRP E 47 -26.39 1.55 29.09
C TRP E 47 -27.07 1.23 27.77
N MET E 48 -27.41 2.28 27.01
CA MET E 48 -28.16 2.10 25.77
C MET E 48 -27.31 2.26 24.52
N GLY E 49 -26.23 3.02 24.58
CA GLY E 49 -25.39 3.25 23.44
C GLY E 49 -24.85 4.65 23.46
N TRP E 50 -24.20 5.03 22.36
CA TRP E 50 -23.70 6.38 22.21
C TRP E 50 -23.59 6.72 20.73
N VAL E 51 -23.47 8.02 20.48
CA VAL E 51 -23.30 8.55 19.13
C VAL E 51 -22.23 9.63 19.20
N ASN E 52 -21.37 9.68 18.19
CA ASN E 52 -20.28 10.66 18.15
C ASN E 52 -20.71 11.86 17.34
N PRO E 53 -20.78 13.05 17.94
CA PRO E 53 -21.19 14.24 17.18
C PRO E 53 -20.24 14.61 16.08
N SER E 54 -18.98 14.16 16.16
CA SER E 54 -18.00 14.55 15.16
C SER E 54 -18.35 13.96 13.80
N ASN E 55 -18.64 12.66 13.77
CA ASN E 55 -18.77 11.94 12.51
C ASN E 55 -20.11 11.25 12.32
N GLY E 56 -20.92 11.11 13.37
CA GLY E 56 -22.17 10.39 13.25
C GLY E 56 -22.06 8.90 13.46
N VAL E 57 -20.97 8.41 14.06
CA VAL E 57 -20.85 7.00 14.38
C VAL E 57 -21.80 6.66 15.52
N THR E 58 -22.61 5.63 15.32
CA THR E 58 -23.60 5.21 16.30
C THR E 58 -23.26 3.80 16.77
N VAL E 59 -23.11 3.62 18.08
CA VAL E 59 -22.85 2.32 18.69
C VAL E 59 -23.96 2.02 19.68
N TYR E 60 -24.46 0.80 19.64
CA TYR E 60 -25.63 0.42 20.43
C TYR E 60 -25.30 -0.81 21.27
N ALA E 61 -26.12 -1.05 22.27
CA ALA E 61 -26.01 -2.25 23.07
C ALA E 61 -26.68 -3.41 22.36
N GLN E 62 -26.37 -4.63 22.82
CA GLN E 62 -26.94 -5.82 22.20
C GLN E 62 -28.45 -5.86 22.36
N LYS E 63 -28.95 -5.46 23.53
CA LYS E 63 -30.37 -5.58 23.82
C LYS E 63 -31.21 -4.67 22.94
N PHE E 64 -30.84 -3.40 22.87
CA PHE E 64 -31.69 -2.40 22.22
C PHE E 64 -31.44 -2.27 20.73
N GLN E 65 -30.40 -2.91 20.19
CA GLN E 65 -30.09 -2.73 18.78
C GLN E 65 -31.17 -3.37 17.93
N GLY E 66 -31.46 -2.74 16.79
CA GLY E 66 -32.62 -3.07 16.01
C GLY E 66 -33.86 -2.28 16.38
N ARG E 67 -33.79 -1.45 17.42
CA ARG E 67 -34.92 -0.61 17.81
C ARG E 67 -34.49 0.83 18.02
N VAL E 68 -33.25 1.02 18.45
CA VAL E 68 -32.75 2.34 18.83
C VAL E 68 -32.00 2.95 17.66
N THR E 69 -32.20 4.25 17.46
CA THR E 69 -31.52 5.02 16.43
C THR E 69 -31.04 6.32 17.05
N MET E 70 -29.73 6.52 17.08
CA MET E 70 -29.14 7.73 17.65
C MET E 70 -28.63 8.60 16.52
N THR E 71 -28.93 9.89 16.58
CA THR E 71 -28.56 10.83 15.52
C THR E 71 -28.01 12.11 16.13
N ARG E 72 -27.33 12.88 15.30
CA ARG E 72 -26.64 14.08 15.73
C ARG E 72 -27.00 15.25 14.82
N ASP E 73 -26.86 16.46 15.36
CA ASP E 73 -27.13 17.67 14.60
C ASP E 73 -26.15 18.73 15.09
N THR E 74 -25.06 18.89 14.35
CA THR E 74 -24.00 19.80 14.78
C THR E 74 -24.39 21.25 14.59
N SER E 75 -25.25 21.55 13.60
CA SER E 75 -25.68 22.91 13.38
C SER E 75 -26.49 23.47 14.55
N THR E 76 -27.05 22.59 15.39
CA THR E 76 -27.72 23.00 16.61
C THR E 76 -26.99 22.54 17.86
N SER E 77 -25.91 21.78 17.71
CA SER E 77 -25.20 21.17 18.83
C SER E 77 -26.14 20.33 19.69
N THR E 78 -26.87 19.43 19.03
CA THR E 78 -27.89 18.64 19.70
C THR E 78 -27.89 17.20 19.18
N ALA E 79 -27.91 16.24 20.10
CA ALA E 79 -28.07 14.84 19.78
C ALA E 79 -29.50 14.40 20.08
N TYR E 80 -29.90 13.27 19.49
CA TYR E 80 -31.22 12.74 19.72
C TYR E 80 -31.14 11.22 19.70
N MET E 81 -32.06 10.58 20.42
CA MET E 81 -32.12 9.13 20.45
C MET E 81 -33.58 8.71 20.31
N GLU E 82 -33.81 7.73 19.45
CA GLU E 82 -35.14 7.30 19.02
C GLU E 82 -35.30 5.83 19.37
N LEU E 83 -36.38 5.48 20.08
CA LEU E 83 -36.63 4.10 20.47
C LEU E 83 -37.99 3.68 19.92
N SER E 84 -37.97 2.64 19.09
CA SER E 84 -39.16 2.10 18.44
C SER E 84 -39.48 0.71 19.01
N SER E 85 -40.67 0.24 18.69
CA SER E 85 -41.19 -1.04 19.17
C SER E 85 -41.12 -1.10 20.70
N LEU E 86 -41.76 -0.12 21.31
CA LEU E 86 -41.80 -0.01 22.76
C LEU E 86 -42.61 -1.16 23.36
N ARG E 87 -42.12 -1.71 24.47
CA ARG E 87 -42.94 -2.60 25.28
C ARG E 87 -43.09 -2.00 26.66
N PHE E 88 -43.84 -2.70 27.51
CA PHE E 88 -44.12 -2.17 28.85
C PHE E 88 -42.84 -2.02 29.66
N GLU E 89 -41.92 -2.97 29.53
CA GLU E 89 -40.66 -2.93 30.28
C GLU E 89 -39.75 -1.81 29.84
N ASP E 90 -40.18 -0.97 28.91
CA ASP E 90 -39.43 0.20 28.49
C ASP E 90 -39.76 1.43 29.30
N THR E 91 -40.66 1.31 30.27
CA THR E 91 -41.01 2.42 31.15
C THR E 91 -39.81 2.79 32.00
N ALA E 92 -39.15 3.89 31.68
CA ALA E 92 -37.88 4.19 32.33
C ALA E 92 -37.54 5.67 32.19
N VAL E 93 -36.53 6.08 32.93
CA VAL E 93 -35.98 7.44 32.87
C VAL E 93 -34.74 7.40 31.99
N TYR E 94 -34.70 8.24 30.96
CA TYR E 94 -33.63 8.21 29.97
C TYR E 94 -32.80 9.47 30.11
N TYR E 95 -31.52 9.29 30.48
CA TYR E 95 -30.56 10.37 30.61
C TYR E 95 -29.57 10.32 29.46
N CYS E 96 -29.04 11.50 29.13
CA CYS E 96 -27.91 11.62 28.22
C CYS E 96 -26.70 12.13 29.00
N ALA E 97 -25.54 11.56 28.69
CA ALA E 97 -24.32 11.85 29.42
C ALA E 97 -23.18 12.08 28.43
N ARG E 98 -22.15 12.77 28.91
CA ARG E 98 -21.03 13.16 28.08
C ARG E 98 -19.86 12.21 28.33
N GLU E 99 -19.38 11.59 27.26
CA GLU E 99 -18.23 10.70 27.31
C GLU E 99 -16.97 11.54 27.38
N ARG E 100 -16.41 11.72 28.58
CA ARG E 100 -15.20 12.51 28.72
C ARG E 100 -14.01 11.84 28.05
N ASP E 101 -13.87 10.53 28.22
CA ASP E 101 -12.75 9.77 27.68
C ASP E 101 -13.27 8.65 26.80
N GLN E 102 -12.68 8.51 25.62
CA GLN E 102 -13.06 7.48 24.67
C GLN E 102 -12.39 6.15 24.95
N LEU E 103 -11.16 6.18 25.47
CA LEU E 103 -10.45 4.96 25.79
C LEU E 103 -10.94 4.36 27.11
N VAL E 104 -11.12 5.19 28.14
CA VAL E 104 -11.66 4.77 29.42
C VAL E 104 -13.00 5.46 29.58
N VAL E 105 -14.08 4.73 29.38
CA VAL E 105 -15.41 5.33 29.34
C VAL E 105 -15.81 5.76 30.75
N TYR E 106 -16.14 7.05 30.89
CA TYR E 106 -16.65 7.61 32.13
C TYR E 106 -17.28 8.95 31.81
N PHE E 107 -18.30 9.32 32.60
CA PHE E 107 -19.24 10.37 32.24
C PHE E 107 -19.12 11.59 33.15
N ASP E 108 -18.91 12.76 32.53
CA ASP E 108 -18.78 14.00 33.28
C ASP E 108 -20.12 14.49 33.77
N HIS E 109 -21.01 14.81 32.85
CA HIS E 109 -22.25 15.50 33.15
C HIS E 109 -23.42 14.66 32.68
N TRP E 110 -24.56 14.87 33.31
CA TRP E 110 -25.74 14.06 33.04
C TRP E 110 -26.91 14.99 32.75
N GLY E 111 -27.77 14.55 31.84
CA GLY E 111 -29.06 15.19 31.71
C GLY E 111 -29.94 14.91 32.91
N GLN E 112 -30.94 15.76 33.10
CA GLN E 112 -31.89 15.52 34.18
C GLN E 112 -32.76 14.30 33.93
N GLY E 113 -32.71 13.72 32.73
CA GLY E 113 -33.48 12.53 32.43
C GLY E 113 -34.92 12.84 32.10
N ALA E 114 -35.46 12.17 31.08
CA ALA E 114 -36.86 12.30 30.70
C ALA E 114 -37.58 10.98 30.94
N LEU E 115 -38.76 11.04 31.54
CA LEU E 115 -39.49 9.84 31.94
C LEU E 115 -40.42 9.41 30.82
N VAL E 116 -40.16 8.23 30.24
CA VAL E 116 -40.99 7.66 29.21
C VAL E 116 -41.72 6.46 29.80
N THR E 117 -43.04 6.55 29.89
CA THR E 117 -43.84 5.48 30.46
C THR E 117 -44.70 4.86 29.37
N VAL E 118 -44.63 3.53 29.26
CA VAL E 118 -45.37 2.77 28.27
C VAL E 118 -46.44 1.99 29.01
N SER E 119 -47.68 2.49 28.95
CA SER E 119 -48.83 1.79 29.53
C SER E 119 -49.97 1.86 28.54
N SER E 120 -51.16 1.44 28.99
CA SER E 120 -52.33 1.32 28.11
C SER E 120 -52.97 2.68 27.84
N ALA E 121 -52.14 3.59 27.33
CA ALA E 121 -52.59 4.92 26.87
C ALA E 121 -53.26 5.66 28.02
N SER E 122 -54.28 6.46 27.68
CA SER E 122 -55.16 7.13 28.63
C SER E 122 -54.45 8.26 29.39
N THR E 123 -53.57 8.98 28.69
CA THR E 123 -52.90 10.12 29.31
C THR E 123 -53.93 11.20 29.60
N LYS E 124 -53.88 11.77 30.81
CA LYS E 124 -54.79 12.85 31.16
C LYS E 124 -54.04 13.96 31.88
N GLY E 125 -54.47 15.19 31.61
CA GLY E 125 -54.01 16.34 32.37
C GLY E 125 -54.63 16.38 33.76
N PRO E 126 -54.10 17.22 34.63
CA PRO E 126 -54.53 17.20 36.03
C PRO E 126 -55.77 18.06 36.26
N SER E 127 -56.39 17.83 37.41
CA SER E 127 -57.43 18.70 37.94
C SER E 127 -56.76 19.60 38.97
N VAL E 128 -56.90 20.91 38.80
CA VAL E 128 -56.22 21.90 39.63
C VAL E 128 -57.25 22.61 40.49
N PHE E 129 -57.01 22.63 41.80
CA PHE E 129 -57.87 23.34 42.74
C PHE E 129 -57.01 24.12 43.72
N PRO E 130 -57.41 25.34 44.06
CA PRO E 130 -56.63 26.16 45.00
C PRO E 130 -57.02 25.89 46.45
N LEU E 131 -56.07 26.18 47.34
CA LEU E 131 -56.26 26.00 48.77
C LEU E 131 -56.08 27.37 49.44
N ALA E 132 -57.18 28.06 49.68
CA ALA E 132 -57.12 29.39 50.28
C ALA E 132 -56.59 29.30 51.70
N PRO E 133 -55.87 30.33 52.17
CA PRO E 133 -55.40 30.32 53.56
C PRO E 133 -56.58 30.29 54.51
N SER E 134 -56.42 29.53 55.60
CA SER E 134 -57.48 29.38 56.58
C SER E 134 -57.51 30.59 57.52
N SER E 135 -58.56 30.63 58.35
CA SER E 135 -58.66 31.69 59.36
C SER E 135 -57.67 31.48 60.49
N ARG E 136 -57.19 30.24 60.69
CA ARG E 136 -56.07 29.99 61.59
C ARG E 136 -54.73 30.22 60.93
N SER E 137 -54.70 30.44 59.62
CA SER E 137 -53.49 30.89 58.92
C SER E 137 -53.37 32.41 58.89
N THR E 138 -54.50 33.12 58.81
CA THR E 138 -54.49 34.58 58.88
C THR E 138 -54.26 35.08 60.30
N SER E 139 -54.61 34.28 61.32
CA SER E 139 -54.28 34.65 62.68
C SER E 139 -52.78 34.47 62.96
N GLU E 140 -52.15 33.48 62.34
CA GLU E 140 -50.71 33.30 62.47
C GLU E 140 -49.95 34.42 61.75
N SER E 141 -48.71 34.63 62.20
CA SER E 141 -47.82 35.53 61.47
C SER E 141 -47.59 35.03 60.06
N THR E 142 -47.44 33.72 59.90
CA THR E 142 -47.26 33.11 58.59
C THR E 142 -48.49 32.26 58.28
N ALA E 143 -49.16 32.59 57.18
CA ALA E 143 -50.26 31.81 56.66
C ALA E 143 -49.74 30.72 55.73
N ALA E 144 -50.60 29.74 55.45
CA ALA E 144 -50.27 28.63 54.58
C ALA E 144 -51.34 28.49 53.50
N LEU E 145 -50.90 28.31 52.25
CA LEU E 145 -51.84 28.07 51.14
C LEU E 145 -51.14 27.19 50.12
N GLY E 146 -51.76 27.01 48.97
CA GLY E 146 -51.13 26.24 47.92
C GLY E 146 -52.13 25.74 46.89
N CYS E 147 -51.59 24.99 45.95
CA CYS E 147 -52.35 24.40 44.85
C CYS E 147 -52.47 22.90 45.05
N LEU E 148 -53.42 22.30 44.35
CA LEU E 148 -53.67 20.87 44.42
C LEU E 148 -53.95 20.33 43.03
N VAL E 149 -53.12 19.40 42.57
CA VAL E 149 -53.35 18.73 41.28
C VAL E 149 -53.91 17.34 41.56
N LYS E 150 -54.94 16.96 40.80
CA LYS E 150 -55.75 15.78 41.08
C LYS E 150 -56.02 15.01 39.79
N ASP E 151 -55.96 13.69 39.89
CA ASP E 151 -56.45 12.77 38.85
C ASP E 151 -55.89 13.10 37.47
N TYR E 152 -54.57 13.07 37.38
CA TYR E 152 -53.88 13.02 36.10
C TYR E 152 -53.25 11.65 35.94
N PHE E 153 -52.99 11.27 34.69
CA PHE E 153 -52.45 9.94 34.44
C PHE E 153 -51.11 9.79 35.15
N PRO E 154 -50.74 8.56 35.58
CA PRO E 154 -49.40 8.36 36.15
C PRO E 154 -48.29 8.91 35.27
N GLU E 155 -47.67 10.00 35.72
CA GLU E 155 -46.82 10.81 34.86
C GLU E 155 -45.86 11.63 35.70
N PRO E 156 -44.96 12.40 35.08
CA PRO E 156 -44.35 13.52 35.78
C PRO E 156 -45.15 14.79 35.59
N VAL E 157 -45.23 15.58 36.66
CA VAL E 157 -45.90 16.87 36.61
C VAL E 157 -45.06 17.87 37.41
N THR E 158 -45.02 19.11 36.95
CA THR E 158 -44.17 20.14 37.54
C THR E 158 -45.04 21.27 38.07
N VAL E 159 -44.77 21.71 39.29
CA VAL E 159 -45.46 22.85 39.87
C VAL E 159 -44.42 23.86 40.31
N SER E 160 -44.48 25.06 39.72
CA SER E 160 -43.60 26.15 40.09
C SER E 160 -44.45 27.37 40.36
N TRP E 161 -44.08 28.14 41.37
CA TRP E 161 -44.89 29.27 41.80
C TRP E 161 -44.32 30.56 41.23
N ASN E 162 -45.18 31.36 40.62
CA ASN E 162 -44.77 32.54 39.88
C ASN E 162 -43.70 32.18 38.85
N SER E 163 -43.96 31.10 38.12
CA SER E 163 -43.06 30.58 37.08
C SER E 163 -41.62 30.51 37.57
N GLY E 164 -41.42 29.71 38.63
CA GLY E 164 -40.11 29.49 39.19
C GLY E 164 -39.45 30.69 39.84
N SER E 165 -40.22 31.47 40.61
CA SER E 165 -39.68 32.63 41.30
C SER E 165 -39.78 32.50 42.80
N LEU E 166 -40.97 32.28 43.34
CA LEU E 166 -41.14 32.11 44.78
C LEU E 166 -40.72 30.69 45.16
N THR E 167 -39.67 30.59 45.98
CA THR E 167 -39.13 29.28 46.31
C THR E 167 -38.98 29.08 47.83
N SER E 168 -38.73 30.15 48.56
CA SER E 168 -38.59 30.03 50.01
C SER E 168 -39.94 29.68 50.62
N GLY E 169 -39.98 28.57 51.37
CA GLY E 169 -41.20 28.17 52.05
C GLY E 169 -42.18 27.41 51.20
N VAL E 170 -41.73 26.74 50.14
CA VAL E 170 -42.60 25.97 49.26
C VAL E 170 -42.19 24.51 49.34
N HIS E 171 -43.17 23.63 49.52
CA HIS E 171 -42.97 22.18 49.52
C HIS E 171 -43.90 21.56 48.49
N THR E 172 -43.35 20.81 47.55
CA THR E 172 -44.14 20.06 46.59
C THR E 172 -44.03 18.58 46.92
N PHE E 173 -45.16 17.96 47.25
CA PHE E 173 -45.20 16.66 47.88
C PHE E 173 -45.12 15.54 46.85
N PRO E 174 -44.81 14.31 47.28
CA PRO E 174 -44.79 13.19 46.32
C PRO E 174 -46.16 12.94 45.74
N ALA E 175 -46.18 12.61 44.45
CA ALA E 175 -47.42 12.24 43.78
C ALA E 175 -47.93 10.91 44.30
N VAL E 176 -49.22 10.84 44.62
CA VAL E 176 -49.82 9.64 45.19
C VAL E 176 -50.68 8.97 44.13
N LEU E 177 -50.55 7.64 44.06
CA LEU E 177 -51.38 6.85 43.15
C LEU E 177 -52.66 6.50 43.86
N GLN E 178 -53.76 7.14 43.47
CA GLN E 178 -55.06 6.74 44.00
C GLN E 178 -55.38 5.32 43.59
N SER E 179 -56.31 4.70 44.31
CA SER E 179 -56.80 3.39 43.92
C SER E 179 -57.42 3.42 42.53
N SER E 180 -57.84 4.60 42.07
CA SER E 180 -58.34 4.79 40.72
C SER E 180 -57.27 4.61 39.65
N GLY E 181 -56.00 4.59 40.03
CA GLY E 181 -54.93 4.53 39.07
C GLY E 181 -54.48 5.86 38.51
N LEU E 182 -54.81 6.96 39.18
CA LEU E 182 -54.42 8.29 38.76
C LEU E 182 -53.56 8.94 39.83
N TYR E 183 -52.60 9.76 39.39
CA TYR E 183 -51.75 10.47 40.31
C TYR E 183 -52.42 11.74 40.81
N SER E 184 -51.96 12.19 41.98
CA SER E 184 -52.42 13.45 42.55
C SER E 184 -51.39 13.91 43.57
N LEU E 185 -51.17 15.22 43.64
CA LEU E 185 -50.23 15.76 44.62
C LEU E 185 -50.64 17.19 44.97
N SER E 186 -49.95 17.75 45.96
CA SER E 186 -50.24 19.07 46.49
C SER E 186 -48.96 19.87 46.60
N SER E 187 -49.04 21.17 46.32
CA SER E 187 -47.89 22.06 46.44
C SER E 187 -48.26 23.20 47.38
N VAL E 188 -47.58 23.27 48.52
CA VAL E 188 -47.94 24.17 49.61
C VAL E 188 -46.85 25.23 49.76
N VAL E 189 -47.24 26.37 50.30
CA VAL E 189 -46.34 27.49 50.51
C VAL E 189 -46.76 28.24 51.76
N THR E 190 -45.78 28.57 52.60
CA THR E 190 -46.00 29.38 53.79
C THR E 190 -45.53 30.80 53.49
N VAL E 191 -46.43 31.76 53.60
CA VAL E 191 -46.13 33.14 53.27
C VAL E 191 -46.55 34.03 54.44
N PRO E 192 -45.84 35.10 54.74
CA PRO E 192 -46.30 35.99 55.82
C PRO E 192 -47.69 36.53 55.54
N SER E 193 -48.48 36.62 56.61
CA SER E 193 -49.86 37.10 56.47
C SER E 193 -49.94 38.58 56.16
N SER E 194 -48.85 39.32 56.39
CA SER E 194 -48.82 40.74 56.07
C SER E 194 -48.86 41.00 54.57
N SER E 195 -48.62 39.98 53.74
CA SER E 195 -48.58 40.15 52.29
C SER E 195 -49.62 39.29 51.58
N LEU E 196 -50.65 38.83 52.30
CA LEU E 196 -51.67 38.01 51.66
C LEU E 196 -52.44 38.79 50.61
N GLY E 197 -52.74 40.05 50.88
CA GLY E 197 -53.48 40.87 49.94
C GLY E 197 -52.59 41.64 48.99
N THR E 198 -51.47 42.16 49.49
CA THR E 198 -50.59 42.96 48.66
C THR E 198 -50.03 42.17 47.49
N GLN E 199 -49.49 40.99 47.77
CA GLN E 199 -48.87 40.16 46.75
C GLN E 199 -49.87 39.12 46.25
N THR E 200 -49.85 38.88 44.95
CA THR E 200 -50.68 37.86 44.32
C THR E 200 -49.83 36.63 44.08
N TYR E 201 -50.35 35.48 44.47
CA TYR E 201 -49.67 34.20 44.28
C TYR E 201 -50.40 33.40 43.22
N VAL E 202 -49.67 33.03 42.18
CA VAL E 202 -50.19 32.21 41.09
C VAL E 202 -49.25 31.03 40.93
N CYS E 203 -49.81 29.82 40.92
CA CYS E 203 -49.04 28.61 40.72
C CYS E 203 -49.19 28.15 39.28
N ASN E 204 -48.08 27.81 38.66
CA ASN E 204 -48.04 27.27 37.30
C ASN E 204 -47.82 25.77 37.41
N VAL E 205 -48.73 24.99 36.84
CA VAL E 205 -48.61 23.56 36.77
C VAL E 205 -48.42 23.18 35.31
N ASN E 206 -47.51 22.25 35.06
CA ASN E 206 -47.24 21.84 33.69
C ASN E 206 -47.16 20.33 33.67
N HIS E 207 -47.88 19.71 32.75
CA HIS E 207 -47.94 18.26 32.59
C HIS E 207 -47.57 17.96 31.14
N LYS E 208 -46.30 17.62 30.93
CA LYS E 208 -45.81 17.43 29.58
C LYS E 208 -46.46 16.26 28.83
N PRO E 209 -46.61 15.06 29.41
CA PRO E 209 -47.15 13.95 28.61
C PRO E 209 -48.53 14.21 28.05
N SER E 210 -49.39 14.93 28.79
CA SER E 210 -50.65 15.40 28.26
C SER E 210 -50.54 16.76 27.59
N ASN E 211 -49.41 17.44 27.74
CA ASN E 211 -49.18 18.77 27.17
C ASN E 211 -50.24 19.75 27.65
N THR E 212 -50.20 20.02 28.96
CA THR E 212 -51.17 20.91 29.60
C THR E 212 -50.46 21.84 30.56
N LYS E 213 -50.57 23.15 30.31
CA LYS E 213 -50.11 24.17 31.25
C LYS E 213 -51.33 24.84 31.88
N VAL E 214 -51.33 24.95 33.20
CA VAL E 214 -52.38 25.60 33.97
C VAL E 214 -51.74 26.69 34.81
N ASP E 215 -52.33 27.88 34.76
CA ASP E 215 -51.92 28.98 35.63
C ASP E 215 -53.11 29.30 36.54
N LYS E 216 -53.01 28.90 37.80
CA LYS E 216 -54.11 29.06 38.75
C LYS E 216 -53.72 30.10 39.80
N ARG E 217 -54.54 31.15 39.91
CA ARG E 217 -54.36 32.21 40.89
C ARG E 217 -55.00 31.80 42.20
N VAL E 218 -54.22 31.83 43.27
CA VAL E 218 -54.70 31.45 44.60
C VAL E 218 -55.23 32.71 45.29
N GLU E 219 -56.52 32.72 45.57
CA GLU E 219 -57.21 33.84 46.19
C GLU E 219 -57.45 33.56 47.67
N ILE E 220 -58.05 34.54 48.35
CA ILE E 220 -58.54 34.37 49.72
C ILE E 220 -60.04 34.60 49.66
N LYS E 221 -60.83 33.56 49.91
CA LYS E 221 -62.27 33.63 49.68
C LYS E 221 -62.94 34.52 50.71
N THR E 222 -63.50 35.63 50.26
CA THR E 222 -64.22 36.54 51.14
C THR E 222 -65.55 35.92 51.55
N TYR F 2 41.92 8.31 -44.02
CA TYR F 2 42.29 7.88 -45.35
C TYR F 2 42.05 6.37 -45.52
N GLU F 3 41.52 5.97 -46.66
CA GLU F 3 41.15 4.58 -46.93
C GLU F 3 41.40 4.28 -48.40
N LEU F 4 40.93 3.11 -48.85
CA LEU F 4 41.12 2.66 -50.22
C LEU F 4 39.79 2.60 -50.97
N THR F 5 39.86 2.89 -52.27
CA THR F 5 38.68 2.96 -53.14
C THR F 5 38.70 1.79 -54.11
N GLN F 6 37.61 1.04 -54.14
CA GLN F 6 37.46 -0.06 -55.10
C GLN F 6 36.14 0.08 -55.85
N PRO F 7 36.09 -0.41 -57.08
CA PRO F 7 34.83 -0.39 -57.83
C PRO F 7 33.80 -1.28 -57.18
N ARG F 8 32.53 -0.95 -57.44
CA ARG F 8 31.44 -1.75 -56.91
C ARG F 8 31.53 -3.20 -57.37
N SER F 9 31.53 -3.41 -58.68
CA SER F 9 31.68 -4.75 -59.25
C SER F 9 32.10 -4.62 -60.70
N VAL F 10 32.56 -5.73 -61.26
CA VAL F 10 32.96 -5.81 -62.65
C VAL F 10 32.41 -7.09 -63.23
N SER F 11 31.89 -7.02 -64.46
CA SER F 11 31.26 -8.14 -65.14
C SER F 11 31.80 -8.25 -66.56
N VAL F 12 32.21 -9.45 -66.97
CA VAL F 12 32.81 -9.66 -68.27
C VAL F 12 32.32 -10.97 -68.87
N SER F 13 32.51 -11.11 -70.20
CA SER F 13 32.26 -12.36 -70.89
C SER F 13 33.40 -13.35 -70.64
N PRO F 14 33.10 -14.65 -70.67
CA PRO F 14 34.16 -15.65 -70.48
C PRO F 14 35.25 -15.49 -71.53
N GLY F 15 36.50 -15.68 -71.09
CA GLY F 15 37.63 -15.52 -71.97
C GLY F 15 38.12 -14.10 -72.13
N GLN F 16 37.44 -13.13 -71.53
CA GLN F 16 37.86 -11.73 -71.62
C GLN F 16 38.94 -11.46 -70.57
N THR F 17 39.30 -10.18 -70.42
CA THR F 17 40.28 -9.76 -69.43
C THR F 17 39.61 -8.82 -68.44
N ALA F 18 39.81 -9.09 -67.16
CA ALA F 18 39.23 -8.29 -66.09
C ALA F 18 40.25 -7.28 -65.57
N ARG F 19 39.75 -6.11 -65.20
CA ARG F 19 40.57 -5.06 -64.60
C ARG F 19 39.85 -4.53 -63.36
N ILE F 20 40.50 -4.65 -62.20
CA ILE F 20 39.94 -4.22 -60.92
C ILE F 20 40.84 -3.11 -60.38
N THR F 21 40.26 -1.95 -60.13
CA THR F 21 41.05 -0.81 -59.69
C THR F 21 41.06 -0.72 -58.16
N CYS F 22 42.03 0.03 -57.66
CA CYS F 22 42.16 0.33 -56.24
C CYS F 22 42.75 1.74 -56.17
N GLY F 23 41.87 2.73 -56.01
CA GLY F 23 42.32 4.09 -55.93
C GLY F 23 42.96 4.41 -54.61
N GLY F 24 43.70 5.51 -54.58
CA GLY F 24 44.37 5.93 -53.36
C GLY F 24 45.30 7.09 -53.59
N ASP F 25 45.29 8.06 -52.68
CA ASP F 25 46.13 9.24 -52.82
C ASP F 25 47.60 8.85 -52.82
N ASN F 26 48.25 8.98 -53.98
CA ASN F 26 49.64 8.58 -54.17
C ASN F 26 49.86 7.15 -53.68
N ILE F 27 48.93 6.26 -54.07
CA ILE F 27 49.03 4.86 -53.67
C ILE F 27 50.29 4.22 -54.21
N ALA F 28 50.93 4.84 -55.19
CA ALA F 28 52.19 4.32 -55.72
C ALA F 28 53.26 4.23 -54.64
N SER F 29 53.21 5.12 -53.64
CA SER F 29 54.25 5.15 -52.62
C SER F 29 54.25 3.89 -51.75
N LYS F 30 53.18 3.11 -51.77
CA LYS F 30 53.08 1.91 -50.94
C LYS F 30 52.78 0.69 -51.80
N ASN F 31 53.08 -0.47 -51.24
CA ASN F 31 52.84 -1.75 -51.90
C ASN F 31 51.39 -2.18 -51.68
N VAL F 32 50.71 -2.55 -52.77
CA VAL F 32 49.29 -2.90 -52.73
C VAL F 32 49.17 -4.40 -53.02
N HIS F 33 48.66 -5.15 -52.04
CA HIS F 33 48.47 -6.59 -52.19
C HIS F 33 47.02 -6.88 -52.50
N TRP F 34 46.77 -8.03 -53.11
CA TRP F 34 45.43 -8.46 -53.45
C TRP F 34 45.13 -9.82 -52.84
N TYR F 35 43.88 -9.99 -52.42
CA TYR F 35 43.38 -11.27 -51.93
C TYR F 35 42.10 -11.62 -52.67
N GLN F 36 42.02 -12.86 -53.13
CA GLN F 36 40.80 -13.42 -53.69
C GLN F 36 40.06 -14.18 -52.59
N GLN F 37 38.81 -13.79 -52.34
CA GLN F 37 37.93 -14.54 -51.47
C GLN F 37 36.83 -15.14 -52.33
N LYS F 38 36.87 -16.46 -52.51
CA LYS F 38 35.80 -17.15 -53.17
C LYS F 38 34.53 -17.03 -52.34
N LEU F 39 33.38 -17.08 -53.02
CA LEU F 39 32.10 -16.90 -52.36
C LEU F 39 31.95 -17.88 -51.21
N ALA F 40 31.84 -17.34 -49.99
CA ALA F 40 31.69 -18.12 -48.77
C ALA F 40 32.87 -19.06 -48.56
N GLN F 41 34.09 -18.51 -48.70
CA GLN F 41 35.32 -19.23 -48.39
C GLN F 41 36.31 -18.28 -47.73
N ALA F 42 37.41 -18.85 -47.24
CA ALA F 42 38.49 -18.03 -46.70
C ALA F 42 39.27 -17.36 -47.82
N PRO F 43 39.65 -16.10 -47.64
CA PRO F 43 40.43 -15.41 -48.69
C PRO F 43 41.81 -16.00 -48.83
N VAL F 44 42.35 -15.90 -50.05
CA VAL F 44 43.71 -16.32 -50.34
C VAL F 44 44.37 -15.25 -51.21
N LEU F 45 45.63 -14.93 -50.90
CA LEU F 45 46.35 -13.92 -51.66
C LEU F 45 46.59 -14.39 -53.08
N VAL F 46 46.53 -13.46 -54.03
CA VAL F 46 46.81 -13.74 -55.43
C VAL F 46 48.00 -12.94 -55.92
N ILE F 47 48.14 -11.69 -55.48
CA ILE F 47 49.27 -10.83 -55.82
C ILE F 47 49.82 -10.26 -54.52
N TYR F 48 51.09 -10.52 -54.25
CA TYR F 48 51.76 -9.96 -53.08
C TYR F 48 52.84 -8.98 -53.51
N TYR F 49 53.12 -8.02 -52.64
CA TYR F 49 53.87 -6.83 -53.01
C TYR F 49 53.17 -6.21 -54.23
N ASP F 50 53.85 -6.11 -55.35
CA ASP F 50 53.24 -5.61 -56.57
C ASP F 50 53.51 -6.59 -57.70
N SER F 51 52.44 -7.13 -58.27
CA SER F 51 52.45 -8.00 -59.45
C SER F 51 53.18 -9.32 -59.24
N ASP F 52 53.63 -9.63 -58.02
CA ASP F 52 54.24 -10.92 -57.75
C ASP F 52 53.18 -11.95 -57.42
N ARG F 53 53.37 -13.17 -57.91
CA ARG F 53 52.43 -14.25 -57.69
C ARG F 53 53.05 -15.32 -56.80
N PRO F 54 52.34 -15.78 -55.77
CA PRO F 54 52.83 -16.93 -55.01
C PRO F 54 52.85 -18.19 -55.87
N SER F 55 53.76 -19.10 -55.55
CA SER F 55 53.90 -20.34 -56.28
C SER F 55 52.62 -21.17 -56.19
N GLY F 56 51.98 -21.39 -57.32
CA GLY F 56 50.67 -22.02 -57.36
C GLY F 56 49.55 -21.10 -57.79
N ILE F 57 49.85 -19.93 -58.32
CA ILE F 57 48.85 -18.96 -58.78
C ILE F 57 49.01 -18.81 -60.28
N PRO F 58 47.92 -18.86 -61.06
CA PRO F 58 48.05 -18.81 -62.52
C PRO F 58 48.67 -17.50 -63.01
N GLU F 59 49.40 -17.61 -64.13
CA GLU F 59 50.08 -16.44 -64.67
C GLU F 59 49.12 -15.38 -65.17
N ARG F 60 47.85 -15.73 -65.40
CA ARG F 60 46.91 -14.77 -65.95
C ARG F 60 46.59 -13.64 -64.97
N PHE F 61 46.98 -13.77 -63.71
CA PHE F 61 46.89 -12.66 -62.76
C PHE F 61 48.13 -11.80 -62.88
N SER F 62 47.94 -10.48 -62.85
CA SER F 62 49.07 -9.55 -62.89
C SER F 62 48.66 -8.23 -62.26
N GLY F 63 49.40 -7.81 -61.25
CA GLY F 63 49.14 -6.53 -60.63
C GLY F 63 49.91 -5.40 -61.28
N SER F 64 49.53 -4.19 -60.92
CA SER F 64 50.27 -3.00 -61.32
C SER F 64 49.91 -1.90 -60.34
N ASN F 65 50.83 -0.96 -60.16
CA ASN F 65 50.66 0.11 -59.18
C ASN F 65 51.31 1.36 -59.76
N SER F 66 50.51 2.40 -59.98
CA SER F 66 51.08 3.62 -60.54
C SER F 66 50.14 4.78 -60.27
N GLY F 67 50.73 5.97 -60.09
CA GLY F 67 49.94 7.17 -59.86
C GLY F 67 49.13 7.04 -58.59
N ASN F 68 47.81 7.17 -58.74
CA ASN F 68 46.88 6.99 -57.64
C ASN F 68 46.06 5.72 -57.80
N THR F 69 46.49 4.81 -58.67
CA THR F 69 45.69 3.64 -59.01
C THR F 69 46.54 2.37 -59.00
N ALA F 70 46.07 1.37 -58.27
CA ALA F 70 46.64 0.02 -58.34
C ALA F 70 45.62 -0.89 -59.00
N THR F 71 46.01 -1.53 -60.10
CA THR F 71 45.09 -2.30 -60.92
C THR F 71 45.50 -3.76 -60.94
N LEU F 72 44.54 -4.64 -60.70
CA LEU F 72 44.72 -6.08 -60.83
C LEU F 72 44.07 -6.54 -62.12
N THR F 73 44.84 -7.24 -62.96
CA THR F 73 44.42 -7.63 -64.29
C THR F 73 44.40 -9.16 -64.38
N ILE F 74 43.30 -9.70 -64.89
CA ILE F 74 43.09 -11.14 -64.96
C ILE F 74 42.64 -11.49 -66.38
N SER F 75 43.57 -11.89 -67.23
CA SER F 75 43.24 -12.42 -68.53
C SER F 75 42.68 -13.84 -68.40
N GLY F 76 42.12 -14.34 -69.50
CA GLY F 76 41.60 -15.70 -69.51
C GLY F 76 40.51 -15.93 -68.48
N VAL F 77 39.54 -15.01 -68.44
CA VAL F 77 38.53 -15.05 -67.40
C VAL F 77 37.70 -16.31 -67.52
N GLU F 78 37.60 -17.06 -66.42
CA GLU F 78 36.84 -18.30 -66.36
C GLU F 78 35.75 -18.17 -65.30
N ALA F 79 34.91 -19.20 -65.23
CA ALA F 79 33.87 -19.22 -64.20
C ALA F 79 34.46 -19.39 -62.81
N GLY F 80 35.56 -20.14 -62.69
CA GLY F 80 36.16 -20.39 -61.39
C GLY F 80 36.77 -19.16 -60.74
N ASP F 81 37.10 -18.14 -61.53
CA ASP F 81 37.69 -16.92 -61.00
C ASP F 81 36.66 -15.93 -60.50
N GLU F 82 35.37 -16.20 -60.70
CA GLU F 82 34.30 -15.32 -60.23
C GLU F 82 34.26 -15.35 -58.71
N ALA F 83 34.73 -14.26 -58.08
CA ALA F 83 34.80 -14.20 -56.63
C ALA F 83 34.85 -12.75 -56.21
N ASP F 84 35.17 -12.52 -54.93
CA ASP F 84 35.39 -11.18 -54.42
C ASP F 84 36.89 -10.91 -54.39
N TYR F 85 37.27 -9.67 -54.68
CA TYR F 85 38.68 -9.29 -54.71
C TYR F 85 38.90 -8.06 -53.84
N TYR F 86 39.91 -8.13 -52.98
CA TYR F 86 40.21 -7.05 -52.05
C TYR F 86 41.66 -6.61 -52.19
N CYS F 87 41.88 -5.29 -52.15
CA CYS F 87 43.22 -4.73 -52.13
C CYS F 87 43.54 -4.23 -50.72
N GLN F 88 44.70 -4.64 -50.21
CA GLN F 88 45.13 -4.38 -48.85
C GLN F 88 46.51 -3.73 -48.87
N VAL F 89 46.68 -2.71 -48.01
CA VAL F 89 47.93 -1.97 -47.92
C VAL F 89 48.24 -1.68 -46.46
N TRP F 90 49.50 -1.83 -46.08
CA TRP F 90 49.96 -1.31 -44.80
C TRP F 90 50.07 0.21 -44.91
N ASP F 91 49.38 0.93 -44.03
CA ASP F 91 49.45 2.38 -43.98
C ASP F 91 49.72 2.74 -42.51
N SER F 92 51.00 2.81 -42.16
CA SER F 92 51.38 3.35 -40.86
C SER F 92 51.17 4.85 -40.79
N TYR F 93 50.86 5.49 -41.92
CA TYR F 93 50.56 6.92 -41.95
C TYR F 93 49.44 7.28 -40.98
N SER F 94 48.45 6.40 -40.82
CA SER F 94 47.29 6.66 -39.97
C SER F 94 47.29 5.63 -38.85
N GLY F 95 47.85 6.01 -37.70
CA GLY F 95 47.80 5.21 -36.48
C GLY F 95 47.93 3.71 -36.65
N HIS F 96 48.91 3.28 -37.45
CA HIS F 96 49.26 1.86 -37.63
C HIS F 96 48.07 1.08 -38.20
N HIS F 97 47.61 1.48 -39.38
CA HIS F 97 46.45 0.85 -40.00
C HIS F 97 46.86 -0.18 -41.05
N VAL F 98 46.08 -1.26 -41.12
CA VAL F 98 46.11 -2.20 -42.23
C VAL F 98 44.84 -1.96 -43.03
N LEU F 99 44.94 -1.12 -44.05
CA LEU F 99 43.75 -0.70 -44.78
C LEU F 99 43.37 -1.73 -45.84
N PHE F 100 42.06 -1.91 -46.03
CA PHE F 100 41.52 -2.79 -47.04
C PHE F 100 40.61 -1.99 -47.97
N GLY F 101 40.52 -2.46 -49.22
CA GLY F 101 39.66 -1.83 -50.19
C GLY F 101 38.20 -2.20 -49.96
N GLY F 102 37.33 -1.60 -50.78
CA GLY F 102 35.91 -1.85 -50.67
C GLY F 102 35.46 -3.19 -51.22
N GLY F 103 36.34 -3.90 -51.92
CA GLY F 103 35.99 -5.18 -52.51
C GLY F 103 35.25 -5.02 -53.81
N THR F 104 35.53 -5.91 -54.76
CA THR F 104 34.86 -5.89 -56.05
C THR F 104 34.29 -7.27 -56.32
N ARG F 105 33.01 -7.32 -56.67
CA ARG F 105 32.37 -8.57 -57.05
C ARG F 105 32.65 -8.82 -58.52
N LEU F 106 33.66 -9.64 -58.79
CA LEU F 106 33.92 -10.06 -60.16
C LEU F 106 32.81 -10.99 -60.62
N THR F 107 32.36 -10.79 -61.85
CA THR F 107 31.29 -11.59 -62.42
C THR F 107 31.65 -11.99 -63.84
N VAL F 108 31.34 -13.23 -64.18
CA VAL F 108 31.61 -13.79 -65.51
C VAL F 108 30.28 -14.05 -66.19
N LEU F 109 30.19 -13.67 -67.47
CA LEU F 109 28.95 -13.85 -68.22
C LEU F 109 28.58 -15.33 -68.36
N GLY F 110 27.46 -15.71 -67.77
CA GLY F 110 26.90 -17.03 -67.94
C GLY F 110 25.97 -17.10 -69.13
N GLN F 111 25.01 -18.03 -69.06
CA GLN F 111 24.04 -18.19 -70.13
C GLN F 111 22.66 -18.57 -69.57
N GLN G 3 49.27 -24.99 -42.26
CA GLN G 3 48.11 -24.11 -42.32
C GLN G 3 47.72 -23.63 -40.92
N LEU G 4 46.65 -22.83 -40.83
CA LEU G 4 46.18 -22.27 -39.57
C LEU G 4 44.84 -22.91 -39.22
N VAL G 5 44.76 -23.52 -38.03
CA VAL G 5 43.57 -24.25 -37.60
C VAL G 5 42.83 -23.40 -36.57
N GLN G 6 41.61 -22.97 -36.90
CA GLN G 6 40.88 -22.09 -36.04
C GLN G 6 39.95 -22.87 -35.10
N SER G 7 39.37 -22.15 -34.15
CA SER G 7 38.45 -22.73 -33.18
C SER G 7 37.05 -22.81 -33.76
N GLY G 8 36.11 -23.30 -32.95
CA GLY G 8 34.74 -23.41 -33.39
C GLY G 8 34.06 -22.05 -33.52
N ALA G 9 32.97 -22.05 -34.28
CA ALA G 9 32.18 -20.84 -34.53
C ALA G 9 31.28 -20.60 -33.32
N GLU G 10 31.89 -20.13 -32.23
CA GLU G 10 31.15 -19.88 -31.01
C GLU G 10 30.20 -18.70 -31.18
N VAL G 11 29.00 -18.83 -30.62
CA VAL G 11 27.95 -17.83 -30.72
C VAL G 11 27.59 -17.37 -29.31
N LYS G 12 27.53 -16.06 -29.12
CA LYS G 12 27.28 -15.48 -27.81
C LYS G 12 26.14 -14.48 -27.88
N LYS G 13 25.50 -14.26 -26.73
CA LYS G 13 24.46 -13.26 -26.57
C LYS G 13 25.08 -11.87 -26.48
N PRO G 14 24.29 -10.80 -26.67
CA PRO G 14 24.85 -9.44 -26.62
C PRO G 14 25.56 -9.14 -25.32
N GLY G 15 26.69 -8.44 -25.43
CA GLY G 15 27.48 -8.04 -24.27
C GLY G 15 28.40 -9.10 -23.72
N ALA G 16 28.53 -10.25 -24.38
CA ALA G 16 29.28 -11.37 -23.84
C ALA G 16 30.77 -11.25 -24.16
N SER G 17 31.51 -12.28 -23.79
CA SER G 17 32.95 -12.35 -23.99
C SER G 17 33.28 -13.67 -24.66
N VAL G 18 33.89 -13.61 -25.85
CA VAL G 18 34.15 -14.78 -26.65
C VAL G 18 35.62 -14.84 -27.02
N LYS G 19 36.23 -16.01 -26.89
CA LYS G 19 37.62 -16.25 -27.21
C LYS G 19 37.73 -17.26 -28.35
N LEU G 20 38.57 -16.96 -29.33
CA LEU G 20 38.82 -17.83 -30.47
C LEU G 20 40.30 -18.17 -30.56
N SER G 21 40.57 -19.30 -31.20
CA SER G 21 41.88 -19.91 -31.24
C SER G 21 42.38 -19.96 -32.68
N CYS G 22 43.70 -20.14 -32.83
CA CYS G 22 44.28 -20.39 -34.16
C CYS G 22 45.64 -21.04 -33.91
N LYS G 23 45.77 -22.31 -34.29
CA LYS G 23 46.99 -23.08 -34.08
C LYS G 23 47.77 -23.21 -35.38
N ALA G 24 49.09 -23.04 -35.29
CA ALA G 24 49.96 -23.07 -36.45
C ALA G 24 50.69 -24.40 -36.55
N SER G 25 50.92 -24.86 -37.78
CA SER G 25 51.59 -26.12 -38.02
C SER G 25 52.61 -25.96 -39.14
N GLY G 26 53.69 -26.73 -39.05
CA GLY G 26 54.70 -26.79 -40.09
C GLY G 26 55.86 -25.82 -39.95
N TYR G 27 55.57 -24.53 -40.05
CA TYR G 27 56.60 -23.51 -40.05
C TYR G 27 57.05 -23.18 -38.63
N THR G 28 57.97 -22.22 -38.50
CA THR G 28 58.48 -21.80 -37.21
C THR G 28 57.49 -20.84 -36.57
N PHE G 29 56.86 -21.28 -35.48
CA PHE G 29 55.73 -20.54 -34.92
C PHE G 29 56.11 -19.12 -34.53
N THR G 30 57.26 -18.95 -33.87
CA THR G 30 57.65 -17.66 -33.31
C THR G 30 58.18 -16.69 -34.34
N SER G 31 58.39 -17.12 -35.59
CA SER G 31 59.06 -16.29 -36.58
C SER G 31 58.12 -15.37 -37.35
N TYR G 32 56.80 -15.56 -37.25
CA TYR G 32 55.85 -14.78 -38.01
C TYR G 32 54.71 -14.34 -37.12
N SER G 33 54.38 -13.05 -37.18
CA SER G 33 53.28 -12.50 -36.37
C SER G 33 51.95 -13.06 -36.83
N ILE G 34 50.96 -13.02 -35.93
CA ILE G 34 49.62 -13.52 -36.21
C ILE G 34 48.66 -12.34 -36.17
N ASN G 35 47.98 -12.09 -37.28
CA ASN G 35 47.02 -11.01 -37.41
C ASN G 35 45.59 -11.55 -37.42
N TRP G 36 44.67 -10.75 -36.91
CA TRP G 36 43.26 -11.12 -36.86
C TRP G 36 42.45 -10.16 -37.72
N VAL G 37 41.64 -10.71 -38.63
CA VAL G 37 40.83 -9.90 -39.55
C VAL G 37 39.40 -10.42 -39.52
N ARG G 38 38.44 -9.53 -39.33
CA ARG G 38 37.04 -9.91 -39.25
C ARG G 38 36.26 -9.37 -40.45
N GLN G 39 35.26 -10.12 -40.88
CA GLN G 39 34.41 -9.77 -42.02
C GLN G 39 32.95 -9.90 -41.63
N ALA G 40 32.21 -8.80 -41.74
CA ALA G 40 30.77 -8.88 -41.64
C ALA G 40 30.20 -9.53 -42.90
N PRO G 41 29.12 -10.29 -42.77
CA PRO G 41 28.53 -10.96 -43.94
C PRO G 41 28.11 -9.94 -44.99
N GLY G 42 28.50 -10.20 -46.24
CA GLY G 42 28.18 -9.30 -47.33
C GLY G 42 28.93 -7.98 -47.31
N GLN G 43 29.98 -7.86 -46.49
CA GLN G 43 30.71 -6.60 -46.40
C GLN G 43 32.21 -6.80 -46.56
N GLY G 44 32.99 -5.74 -46.35
CA GLY G 44 34.42 -5.78 -46.57
C GLY G 44 35.17 -6.45 -45.42
N LEU G 45 36.49 -6.31 -45.46
CA LEU G 45 37.37 -6.89 -44.45
C LEU G 45 37.85 -5.82 -43.49
N GLU G 46 37.90 -6.15 -42.21
CA GLU G 46 38.31 -5.24 -41.14
C GLU G 46 39.48 -5.84 -40.37
N TRP G 47 40.58 -5.09 -40.31
CA TRP G 47 41.75 -5.51 -39.55
C TRP G 47 41.54 -5.25 -38.06
N MET G 48 41.98 -6.20 -37.24
CA MET G 48 41.78 -6.12 -35.79
C MET G 48 43.06 -5.88 -35.01
N GLY G 49 44.19 -6.38 -35.48
CA GLY G 49 45.45 -6.26 -34.79
C GLY G 49 46.27 -7.51 -35.00
N TRP G 50 47.37 -7.60 -34.26
CA TRP G 50 48.25 -8.75 -34.36
C TRP G 50 49.03 -8.92 -33.06
N VAL G 51 49.62 -10.10 -32.93
CA VAL G 51 50.46 -10.46 -31.79
C VAL G 51 51.68 -11.19 -32.32
N ASN G 52 52.84 -10.91 -31.72
CA ASN G 52 54.08 -11.58 -32.09
C ASN G 52 54.26 -12.82 -31.24
N PRO G 53 54.44 -14.01 -31.83
CA PRO G 53 54.63 -15.22 -31.02
C PRO G 53 56.00 -15.34 -30.39
N SER G 54 57.00 -14.58 -30.85
CA SER G 54 58.33 -14.65 -30.24
C SER G 54 58.39 -13.83 -28.97
N ASN G 55 57.88 -12.59 -29.02
CA ASN G 55 57.93 -11.67 -27.89
C ASN G 55 56.64 -11.62 -27.10
N GLY G 56 55.50 -11.58 -27.79
CA GLY G 56 54.23 -11.31 -27.15
C GLY G 56 53.72 -9.90 -27.29
N VAL G 57 54.36 -9.08 -28.13
CA VAL G 57 53.92 -7.71 -28.33
C VAL G 57 52.60 -7.73 -29.09
N THR G 58 51.57 -7.10 -28.52
CA THR G 58 50.25 -7.07 -29.12
C THR G 58 49.93 -5.66 -29.57
N VAL G 59 49.69 -5.50 -30.87
CA VAL G 59 49.25 -4.23 -31.43
C VAL G 59 47.79 -4.38 -31.81
N TYR G 60 46.97 -3.41 -31.43
CA TYR G 60 45.54 -3.47 -31.64
C TYR G 60 45.09 -2.35 -32.57
N ALA G 61 44.12 -2.65 -33.41
CA ALA G 61 43.51 -1.61 -34.23
C ALA G 61 42.85 -0.57 -33.34
N GLN G 62 42.61 0.60 -33.91
CA GLN G 62 42.09 1.71 -33.12
C GLN G 62 40.63 1.52 -32.71
N LYS G 63 39.83 0.86 -33.55
CA LYS G 63 38.39 0.78 -33.29
C LYS G 63 38.06 -0.21 -32.17
N PHE G 64 38.89 -1.24 -31.98
CA PHE G 64 38.56 -2.32 -31.08
C PHE G 64 39.37 -2.36 -29.79
N GLN G 65 40.41 -1.53 -29.67
CA GLN G 65 41.27 -1.59 -28.50
C GLN G 65 40.51 -1.13 -27.26
N GLY G 66 40.81 -1.79 -26.14
CA GLY G 66 39.99 -1.70 -24.95
C GLY G 66 38.95 -2.79 -24.82
N ARG G 67 38.75 -3.58 -25.89
CA ARG G 67 37.83 -4.71 -25.86
C ARG G 67 38.43 -6.00 -26.40
N VAL G 68 39.64 -5.96 -26.96
CA VAL G 68 40.24 -7.12 -27.60
C VAL G 68 41.58 -7.40 -26.93
N THR G 69 41.83 -8.68 -26.63
CA THR G 69 43.10 -9.11 -26.06
C THR G 69 43.63 -10.28 -26.88
N MET G 70 44.85 -10.15 -27.38
CA MET G 70 45.52 -11.20 -28.13
C MET G 70 46.60 -11.85 -27.27
N THR G 71 46.78 -13.15 -27.44
CA THR G 71 47.74 -13.89 -26.64
C THR G 71 48.40 -14.97 -27.48
N ARG G 72 49.57 -15.42 -27.01
CA ARG G 72 50.36 -16.42 -27.68
C ARG G 72 50.66 -17.57 -26.72
N ASP G 73 50.96 -18.73 -27.29
CA ASP G 73 51.31 -19.91 -26.50
C ASP G 73 52.26 -20.72 -27.37
N THR G 74 53.57 -20.56 -27.13
CA THR G 74 54.56 -21.20 -27.99
C THR G 74 54.69 -22.69 -27.73
N SER G 75 54.27 -23.16 -26.55
CA SER G 75 54.39 -24.60 -26.25
C SER G 75 53.54 -25.43 -27.20
N THR G 76 52.32 -24.98 -27.48
CA THR G 76 51.44 -25.66 -28.43
C THR G 76 51.44 -25.00 -29.80
N SER G 77 52.27 -23.97 -30.00
CA SER G 77 52.32 -23.23 -31.26
C SER G 77 50.95 -22.68 -31.65
N THR G 78 50.33 -21.96 -30.72
CA THR G 78 48.97 -21.48 -30.91
C THR G 78 48.89 -20.01 -30.52
N ALA G 79 47.94 -19.30 -31.12
CA ALA G 79 47.62 -17.94 -30.75
C ALA G 79 46.11 -17.84 -30.51
N TYR G 80 45.71 -16.83 -29.77
CA TYR G 80 44.31 -16.70 -29.39
C TYR G 80 43.94 -15.22 -29.39
N MET G 81 42.67 -14.95 -29.66
CA MET G 81 42.15 -13.60 -29.60
C MET G 81 40.79 -13.61 -28.91
N GLU G 82 40.58 -12.68 -27.99
CA GLU G 82 39.34 -12.64 -27.23
C GLU G 82 38.75 -11.24 -27.35
N LEU G 83 37.43 -11.19 -27.54
CA LEU G 83 36.69 -9.93 -27.60
C LEU G 83 35.57 -9.96 -26.59
N SER G 84 35.51 -8.93 -25.76
CA SER G 84 34.47 -8.77 -24.74
C SER G 84 33.55 -7.61 -25.13
N SER G 85 32.48 -7.47 -24.36
CA SER G 85 31.46 -6.45 -24.62
C SER G 85 30.97 -6.55 -26.06
N LEU G 86 30.42 -7.72 -26.39
CA LEU G 86 29.98 -7.98 -27.75
C LEU G 86 28.76 -7.13 -28.10
N ARG G 87 28.83 -6.42 -29.22
CA ARG G 87 27.76 -5.58 -29.71
C ARG G 87 26.96 -6.31 -30.78
N PHE G 88 25.78 -5.76 -31.07
CA PHE G 88 24.96 -6.34 -32.15
C PHE G 88 25.70 -6.31 -33.48
N GLU G 89 26.62 -5.36 -33.66
CA GLU G 89 27.32 -5.19 -34.92
C GLU G 89 28.51 -6.13 -35.06
N ASP G 90 28.83 -6.91 -34.02
CA ASP G 90 30.02 -7.75 -34.03
C ASP G 90 29.82 -9.07 -34.76
N THR G 91 28.63 -9.33 -35.31
CA THR G 91 28.38 -10.56 -36.04
C THR G 91 29.27 -10.63 -37.27
N ALA G 92 30.27 -11.50 -37.24
CA ALA G 92 31.27 -11.54 -38.30
C ALA G 92 31.99 -12.87 -38.27
N VAL G 93 32.72 -13.15 -39.35
CA VAL G 93 33.64 -14.28 -39.45
C VAL G 93 35.04 -13.75 -39.18
N TYR G 94 35.73 -14.37 -38.24
CA TYR G 94 37.03 -13.90 -37.78
C TYR G 94 38.09 -14.87 -38.28
N TYR G 95 38.90 -14.41 -39.24
CA TYR G 95 40.01 -15.17 -39.78
C TYR G 95 41.32 -14.77 -39.08
N CYS G 96 42.21 -15.74 -38.98
CA CYS G 96 43.58 -15.53 -38.51
C CYS G 96 44.53 -15.73 -39.68
N ALA G 97 45.51 -14.84 -39.80
CA ALA G 97 46.44 -14.85 -40.91
C ALA G 97 47.86 -14.68 -40.40
N ARG G 98 48.81 -15.11 -41.22
CA ARG G 98 50.23 -15.04 -40.91
C ARG G 98 50.85 -13.81 -41.56
N GLU G 99 51.71 -13.12 -40.82
CA GLU G 99 52.38 -11.92 -41.32
C GLU G 99 53.73 -12.33 -41.88
N ARG G 100 53.75 -12.61 -43.19
CA ARG G 100 54.98 -13.07 -43.84
C ARG G 100 56.08 -12.02 -43.76
N ASP G 101 55.74 -10.76 -43.96
CA ASP G 101 56.70 -9.66 -43.88
C ASP G 101 56.25 -8.65 -42.84
N GLN G 102 57.18 -8.21 -42.01
CA GLN G 102 56.91 -7.24 -40.96
C GLN G 102 57.03 -5.81 -41.45
N LEU G 103 58.00 -5.53 -42.33
CA LEU G 103 58.17 -4.19 -42.87
C LEU G 103 57.02 -3.83 -43.82
N VAL G 104 56.63 -4.74 -44.68
CA VAL G 104 55.47 -4.59 -45.55
C VAL G 104 54.47 -5.66 -45.14
N VAL G 105 53.35 -5.25 -44.55
CA VAL G 105 52.40 -6.19 -43.99
C VAL G 105 51.61 -6.84 -45.11
N TYR G 106 51.75 -8.16 -45.25
CA TYR G 106 50.99 -8.92 -46.23
C TYR G 106 50.89 -10.36 -45.76
N PHE G 107 49.74 -10.98 -46.02
CA PHE G 107 49.39 -12.29 -45.48
C PHE G 107 49.40 -13.32 -46.59
N ASP G 108 50.16 -14.41 -46.39
CA ASP G 108 50.26 -15.44 -47.41
C ASP G 108 49.47 -16.71 -47.11
N HIS G 109 49.07 -16.92 -45.86
CA HIS G 109 48.21 -18.04 -45.49
C HIS G 109 47.10 -17.54 -44.58
N TRP G 110 45.98 -18.25 -44.60
CA TRP G 110 44.77 -17.80 -43.92
C TRP G 110 44.08 -18.98 -43.25
N GLY G 111 43.40 -18.71 -42.14
CA GLY G 111 42.51 -19.67 -41.53
C GLY G 111 41.14 -19.64 -42.16
N GLN G 112 40.34 -20.66 -41.85
CA GLN G 112 39.02 -20.78 -42.44
C GLN G 112 38.01 -19.85 -41.79
N GLY G 113 38.39 -19.13 -40.75
CA GLY G 113 37.48 -18.21 -40.08
C GLY G 113 36.61 -18.90 -39.05
N ALA G 114 36.16 -18.12 -38.07
CA ALA G 114 35.22 -18.58 -37.07
C ALA G 114 34.04 -17.64 -37.04
N LEU G 115 32.82 -18.19 -37.13
CA LEU G 115 31.61 -17.39 -37.21
C LEU G 115 31.11 -17.06 -35.82
N VAL G 116 31.14 -15.78 -35.46
CA VAL G 116 30.59 -15.30 -34.20
C VAL G 116 29.38 -14.43 -34.53
N THR G 117 28.21 -14.86 -34.09
CA THR G 117 26.97 -14.12 -34.26
C THR G 117 26.50 -13.64 -32.90
N VAL G 118 26.35 -12.33 -32.75
CA VAL G 118 26.00 -11.76 -31.46
C VAL G 118 24.56 -11.24 -31.46
N ASN H 4 49.70 30.88 16.92
CA ASN H 4 49.93 29.91 15.85
C ASN H 4 50.46 30.59 14.59
N LEU H 5 51.56 30.07 14.05
CA LEU H 5 52.13 30.58 12.82
C LEU H 5 51.50 29.86 11.63
N CYS H 6 51.13 30.64 10.61
CA CYS H 6 50.61 30.03 9.38
C CYS H 6 51.70 29.19 8.74
N PRO H 7 51.38 28.00 8.23
CA PRO H 7 52.41 27.06 7.77
C PRO H 7 52.96 27.42 6.40
N PHE H 8 53.47 28.65 6.26
CA PHE H 8 54.12 29.05 5.02
C PHE H 8 55.36 28.22 4.75
N GLY H 9 56.16 27.95 5.79
CA GLY H 9 57.39 27.22 5.61
C GLY H 9 57.17 25.82 5.05
N GLU H 10 56.14 25.14 5.53
CA GLU H 10 55.80 23.82 5.03
C GLU H 10 55.07 23.88 3.69
N VAL H 11 54.95 25.06 3.10
CA VAL H 11 54.40 25.23 1.76
C VAL H 11 55.49 25.51 0.75
N PHE H 12 56.29 26.55 0.96
CA PHE H 12 57.36 26.88 0.03
C PHE H 12 58.50 25.88 0.10
N ASN H 13 58.84 25.47 1.32
CA ASN H 13 59.96 24.49 1.50
C ASN H 13 59.45 23.07 1.20
N ALA H 14 58.23 22.91 0.69
CA ALA H 14 57.71 21.56 0.47
C ALA H 14 58.48 20.85 -0.63
N THR H 15 58.75 19.56 -0.41
CA THR H 15 59.65 18.81 -1.29
C THR H 15 59.01 18.45 -2.63
N ARG H 16 57.68 18.41 -2.71
CA ARG H 16 57.00 18.06 -3.95
C ARG H 16 55.94 19.11 -4.28
N PHE H 17 55.85 19.45 -5.56
CA PHE H 17 54.83 20.37 -6.06
C PHE H 17 54.06 19.68 -7.17
N ALA H 18 52.85 20.16 -7.42
CA ALA H 18 51.99 19.56 -8.42
C ALA H 18 52.22 20.18 -9.79
N SER H 19 51.68 19.52 -10.81
CA SER H 19 51.69 20.08 -12.15
C SER H 19 50.67 21.22 -12.24
N VAL H 20 50.87 22.08 -13.24
CA VAL H 20 50.13 23.34 -13.28
C VAL H 20 48.64 23.10 -13.44
N TYR H 21 48.26 22.19 -14.36
CA TYR H 21 46.83 21.92 -14.56
C TYR H 21 46.23 21.25 -13.33
N ALA H 22 47.03 20.55 -12.54
CA ALA H 22 46.61 19.87 -11.33
C ALA H 22 47.05 20.65 -10.10
N TRP H 23 46.95 21.98 -10.17
CA TRP H 23 47.43 22.84 -9.10
C TRP H 23 46.69 22.57 -7.80
N ASN H 24 47.42 22.65 -6.69
CA ASN H 24 46.89 22.37 -5.37
C ASN H 24 46.63 23.66 -4.62
N ARG H 25 45.43 23.79 -4.07
CA ARG H 25 45.02 24.94 -3.28
C ARG H 25 44.93 24.55 -1.81
N LYS H 26 45.57 25.34 -0.95
CA LYS H 26 45.45 25.21 0.50
C LYS H 26 44.80 26.46 1.06
N ARG H 27 43.82 26.26 1.94
CA ARG H 27 43.17 27.36 2.65
C ARG H 27 43.86 27.59 3.98
N ILE H 28 44.24 28.83 4.25
CA ILE H 28 44.95 29.22 5.46
C ILE H 28 44.07 30.18 6.24
N SER H 29 43.83 29.84 7.51
CA SER H 29 42.95 30.62 8.37
C SER H 29 43.39 30.45 9.82
N ASN H 30 42.99 31.42 10.64
CA ASN H 30 43.17 31.36 12.09
C ASN H 30 44.64 31.18 12.48
N CYS H 31 45.48 32.05 11.91
CA CYS H 31 46.89 32.09 12.28
C CYS H 31 47.44 33.45 11.89
N VAL H 32 48.55 33.82 12.51
CA VAL H 32 49.23 35.08 12.21
C VAL H 32 50.30 34.79 11.17
N ALA H 33 50.23 35.48 10.04
CA ALA H 33 51.08 35.19 8.88
C ALA H 33 52.23 36.18 8.85
N ASP H 34 53.45 35.66 8.93
CA ASP H 34 54.66 36.48 8.82
C ASP H 34 55.05 36.55 7.34
N TYR H 35 54.54 37.55 6.64
CA TYR H 35 54.91 37.75 5.25
C TYR H 35 56.32 38.28 5.10
N SER H 36 56.93 38.79 6.17
CA SER H 36 58.27 39.37 6.09
C SER H 36 59.31 38.34 5.69
N VAL H 37 59.26 37.15 6.28
CA VAL H 37 60.27 36.13 6.04
C VAL H 37 60.29 35.66 4.60
N LEU H 38 59.30 36.05 3.79
CA LEU H 38 59.25 35.63 2.40
C LEU H 38 60.14 36.51 1.52
N TYR H 39 59.82 37.80 1.42
CA TYR H 39 60.64 38.67 0.58
C TYR H 39 61.99 38.99 1.21
N ASN H 40 62.13 38.76 2.52
CA ASN H 40 63.47 38.77 3.11
C ASN H 40 64.26 37.53 2.73
N SER H 41 63.57 36.44 2.35
CA SER H 41 64.21 35.27 1.77
C SER H 41 64.43 35.55 0.28
N ALA H 42 65.48 36.33 0.01
CA ALA H 42 65.74 36.86 -1.33
C ALA H 42 66.34 35.78 -2.22
N SER H 43 65.54 34.77 -2.49
CA SER H 43 65.88 33.73 -3.46
C SER H 43 64.79 33.54 -4.51
N PHE H 44 63.72 34.33 -4.46
CA PHE H 44 62.59 34.18 -5.36
C PHE H 44 62.85 34.97 -6.64
N SER H 45 62.78 34.29 -7.78
CA SER H 45 62.95 34.98 -9.05
C SER H 45 61.82 35.96 -9.30
N THR H 46 60.61 35.63 -8.87
CA THR H 46 59.45 36.49 -9.06
C THR H 46 58.74 36.70 -7.73
N PHE H 47 58.55 37.96 -7.35
CA PHE H 47 57.72 38.35 -6.21
C PHE H 47 56.94 39.58 -6.65
N LYS H 48 55.78 39.36 -7.26
CA LYS H 48 55.02 40.46 -7.85
C LYS H 48 53.61 40.47 -7.28
N CYS H 49 53.19 41.65 -6.81
CA CYS H 49 51.95 41.79 -6.06
C CYS H 49 50.98 42.70 -6.81
N TYR H 50 49.69 42.45 -6.59
CA TYR H 50 48.62 43.20 -7.24
C TYR H 50 47.59 43.58 -6.19
N GLY H 51 47.38 44.87 -6.02
CA GLY H 51 46.43 45.41 -5.05
C GLY H 51 47.01 45.76 -3.70
N VAL H 52 47.94 44.95 -3.19
CA VAL H 52 48.49 45.11 -1.85
C VAL H 52 49.99 45.32 -1.95
N SER H 53 50.51 46.21 -1.11
CA SER H 53 51.94 46.44 -1.06
C SER H 53 52.63 45.28 -0.36
N PRO H 54 53.65 44.66 -0.97
CA PRO H 54 54.29 43.49 -0.35
C PRO H 54 54.93 43.77 1.00
N THR H 55 55.49 44.97 1.22
CA THR H 55 56.19 45.25 2.46
C THR H 55 55.24 45.50 3.62
N LYS H 56 54.09 46.11 3.37
CA LYS H 56 53.10 46.39 4.41
C LYS H 56 52.09 45.27 4.59
N LEU H 57 52.30 44.13 3.92
CA LEU H 57 51.42 42.98 4.10
C LEU H 57 51.37 42.53 5.55
N ASN H 58 52.45 42.73 6.30
CA ASN H 58 52.47 42.36 7.71
C ASN H 58 51.57 43.24 8.56
N ASP H 59 51.01 44.31 7.99
CA ASP H 59 50.09 45.19 8.68
C ASP H 59 48.64 44.98 8.23
N LEU H 60 48.32 43.82 7.65
CA LEU H 60 47.03 43.57 7.05
C LEU H 60 46.37 42.33 7.66
N CYS H 61 45.04 42.35 7.69
CA CYS H 61 44.22 41.26 8.20
C CYS H 61 43.33 40.71 7.10
N PHE H 62 43.20 39.38 7.04
CA PHE H 62 42.33 38.74 6.06
C PHE H 62 41.52 37.67 6.73
N THR H 63 40.30 37.44 6.20
CA THR H 63 39.50 36.32 6.66
C THR H 63 40.09 34.99 6.20
N ASN H 64 40.64 34.96 4.99
CA ASN H 64 41.22 33.73 4.47
C ASN H 64 42.38 34.06 3.54
N VAL H 65 43.33 33.13 3.42
CA VAL H 65 44.40 33.22 2.43
C VAL H 65 44.49 31.90 1.68
N TYR H 66 44.38 31.97 0.36
CA TYR H 66 44.47 30.77 -0.47
C TYR H 66 45.84 30.71 -1.13
N ALA H 67 46.47 29.54 -1.04
CA ALA H 67 47.81 29.32 -1.60
C ALA H 67 47.72 28.23 -2.66
N ASP H 68 48.07 28.58 -3.89
CA ASP H 68 48.09 27.64 -5.02
C ASP H 68 49.54 27.34 -5.38
N SER H 69 49.90 26.06 -5.34
CA SER H 69 51.28 25.64 -5.56
C SER H 69 51.37 24.75 -6.79
N PHE H 70 52.25 25.11 -7.73
CA PHE H 70 52.42 24.30 -8.92
C PHE H 70 53.79 24.56 -9.53
N VAL H 71 54.05 23.95 -10.70
CA VAL H 71 55.33 24.01 -11.38
C VAL H 71 55.10 24.32 -12.84
N ILE H 72 55.82 25.32 -13.38
CA ILE H 72 55.71 25.69 -14.78
C ILE H 72 57.11 26.01 -15.33
N ARG H 73 57.24 25.95 -16.66
CA ARG H 73 58.50 26.36 -17.24
C ARG H 73 58.64 27.88 -17.18
N GLY H 74 59.90 28.34 -17.14
CA GLY H 74 60.18 29.72 -16.78
C GLY H 74 59.54 30.73 -17.71
N ASP H 75 59.59 30.48 -19.02
CA ASP H 75 59.03 31.42 -19.98
C ASP H 75 57.52 31.55 -19.84
N GLU H 76 56.85 30.57 -19.23
CA GLU H 76 55.43 30.66 -18.96
C GLU H 76 55.12 31.37 -17.65
N VAL H 77 56.14 31.70 -16.85
CA VAL H 77 55.91 32.32 -15.54
C VAL H 77 55.18 33.64 -15.69
N ARG H 78 55.50 34.40 -16.74
CA ARG H 78 54.85 35.69 -16.96
C ARG H 78 53.37 35.57 -17.30
N GLN H 79 52.87 34.35 -17.56
CA GLN H 79 51.45 34.16 -17.78
C GLN H 79 50.62 34.17 -16.50
N ILE H 80 51.27 34.10 -15.33
CA ILE H 80 50.53 34.05 -14.05
C ILE H 80 50.36 35.51 -13.61
N ALA H 81 49.34 36.16 -14.16
CA ALA H 81 49.03 37.55 -13.85
C ALA H 81 47.65 37.89 -14.39
N PRO H 82 46.95 38.86 -13.80
CA PRO H 82 45.62 39.22 -14.31
C PRO H 82 45.70 39.72 -15.75
N GLY H 83 44.71 39.33 -16.55
CA GLY H 83 44.64 39.76 -17.92
C GLY H 83 45.63 39.12 -18.86
N GLN H 84 46.37 38.11 -18.40
CA GLN H 84 47.35 37.42 -19.23
C GLN H 84 46.68 36.32 -20.04
N THR H 85 47.23 36.07 -21.23
CA THR H 85 46.75 35.02 -22.11
C THR H 85 47.91 34.12 -22.52
N GLY H 86 47.58 32.87 -22.80
CA GLY H 86 48.60 31.90 -23.19
C GLY H 86 48.08 30.50 -22.96
N LYS H 87 48.99 29.53 -23.09
CA LYS H 87 48.64 28.15 -22.82
C LYS H 87 48.23 27.96 -21.36
N ILE H 88 49.09 28.41 -20.45
CA ILE H 88 48.83 28.22 -19.01
C ILE H 88 47.61 29.03 -18.58
N ALA H 89 47.53 30.29 -19.02
CA ALA H 89 46.43 31.15 -18.57
C ALA H 89 45.07 30.64 -19.08
N ASP H 90 45.01 30.23 -20.33
CA ASP H 90 43.72 29.83 -20.91
C ASP H 90 43.35 28.38 -20.62
N TYR H 91 44.32 27.51 -20.29
CA TYR H 91 44.03 26.09 -20.19
C TYR H 91 44.40 25.44 -18.86
N ASN H 92 45.20 26.08 -18.02
CA ASN H 92 45.69 25.43 -16.82
C ASN H 92 45.28 26.13 -15.53
N TYR H 93 45.49 27.45 -15.45
CA TYR H 93 45.25 28.18 -14.21
C TYR H 93 45.10 29.66 -14.57
N LYS H 94 43.89 30.19 -14.42
CA LYS H 94 43.57 31.55 -14.82
C LYS H 94 43.29 32.41 -13.59
N LEU H 95 43.76 33.65 -13.63
CA LEU H 95 43.59 34.62 -12.55
C LEU H 95 42.45 35.58 -12.87
N PRO H 96 41.77 36.09 -11.86
CA PRO H 96 40.62 36.98 -12.11
C PRO H 96 41.08 38.38 -12.49
N ASP H 97 40.10 39.21 -12.84
CA ASP H 97 40.36 40.60 -13.19
C ASP H 97 40.55 41.48 -11.96
N ASP H 98 40.22 40.98 -10.76
CA ASP H 98 40.34 41.74 -9.52
C ASP H 98 41.17 40.97 -8.51
N PHE H 99 42.24 40.32 -8.97
CA PHE H 99 43.09 39.51 -8.09
C PHE H 99 43.84 40.42 -7.14
N THR H 100 43.54 40.31 -5.85
CA THR H 100 44.23 41.05 -4.79
C THR H 100 45.14 40.06 -4.06
N GLY H 101 46.41 40.03 -4.46
CA GLY H 101 47.33 39.07 -3.89
C GLY H 101 48.64 39.09 -4.64
N CYS H 102 49.49 38.12 -4.31
CA CYS H 102 50.86 38.12 -4.81
C CYS H 102 51.18 36.79 -5.48
N VAL H 103 52.18 36.85 -6.36
CA VAL H 103 52.67 35.69 -7.10
C VAL H 103 54.16 35.58 -6.84
N ILE H 104 54.59 34.44 -6.30
CA ILE H 104 55.98 34.16 -5.99
C ILE H 104 56.42 32.95 -6.78
N ALA H 105 57.64 32.97 -7.29
CA ALA H 105 58.16 31.88 -8.08
C ALA H 105 59.66 31.85 -7.98
N TRP H 106 60.22 30.65 -7.94
CA TRP H 106 61.67 30.50 -7.93
C TRP H 106 62.07 29.28 -8.73
N ASN H 107 63.27 29.36 -9.31
CA ASN H 107 63.77 28.28 -10.15
C ASN H 107 64.12 27.07 -9.28
N SER H 108 63.76 25.89 -9.75
CA SER H 108 64.01 24.63 -9.08
C SER H 108 64.65 23.63 -10.03
N ASN H 109 65.67 24.11 -10.77
CA ASN H 109 66.37 23.23 -11.71
C ASN H 109 67.05 22.07 -11.00
N ASN H 110 67.68 22.35 -9.85
CA ASN H 110 68.32 21.29 -9.09
C ASN H 110 67.34 20.38 -8.37
N LEU H 111 66.07 20.77 -8.23
CA LEU H 111 65.05 19.90 -7.64
C LEU H 111 64.25 19.16 -8.71
N ASP H 112 63.62 19.90 -9.63
CA ASP H 112 62.60 19.33 -10.50
C ASP H 112 63.10 18.97 -11.89
N SER H 113 64.40 19.10 -12.16
CA SER H 113 64.97 18.68 -13.43
C SER H 113 65.88 17.49 -13.18
N LYS H 114 65.60 16.38 -13.88
CA LYS H 114 66.38 15.16 -13.75
C LYS H 114 67.04 14.85 -15.09
N VAL H 115 68.24 14.25 -15.01
CA VAL H 115 68.98 13.92 -16.21
C VAL H 115 68.21 12.90 -17.02
N GLY H 116 68.14 13.12 -18.33
CA GLY H 116 67.26 12.31 -19.16
C GLY H 116 65.82 12.74 -19.15
N GLY H 117 65.49 13.83 -18.48
CA GLY H 117 64.15 14.40 -18.55
C GLY H 117 63.20 13.89 -17.50
N ASN H 118 62.66 14.80 -16.68
CA ASN H 118 61.61 14.48 -15.72
C ASN H 118 60.28 14.85 -16.37
N TYR H 119 59.57 13.85 -16.86
CA TYR H 119 58.33 14.05 -17.59
C TYR H 119 57.10 13.92 -16.71
N ASN H 120 57.28 13.84 -15.39
CA ASN H 120 56.17 13.65 -14.48
C ASN H 120 55.40 14.92 -14.19
N TYR H 121 55.85 16.06 -14.69
CA TYR H 121 55.11 17.31 -14.60
C TYR H 121 54.43 17.58 -15.94
N LEU H 122 53.12 17.81 -15.90
CA LEU H 122 52.30 17.94 -17.10
C LEU H 122 51.66 19.31 -17.16
N TYR H 123 51.13 19.63 -18.34
CA TYR H 123 50.34 20.84 -18.53
C TYR H 123 49.31 20.57 -19.62
N ARG H 124 48.12 21.14 -19.44
CA ARG H 124 47.05 20.95 -20.42
C ARG H 124 47.38 21.68 -21.72
N LEU H 125 47.10 21.03 -22.84
CA LEU H 125 47.44 21.57 -24.15
C LEU H 125 46.26 22.11 -24.92
N PHE H 126 45.07 21.51 -24.79
CA PHE H 126 43.88 22.00 -25.44
C PHE H 126 42.71 22.01 -24.46
N ARG H 127 41.71 22.81 -24.78
CA ARG H 127 40.43 22.74 -24.09
C ARG H 127 39.37 23.34 -25.00
N LYS H 128 38.14 22.85 -24.86
CA LYS H 128 37.05 23.36 -25.66
C LYS H 128 36.70 24.80 -25.33
N SER H 129 37.06 25.26 -24.13
CA SER H 129 36.84 26.66 -23.76
C SER H 129 37.88 27.06 -22.72
N ASN H 130 38.12 28.37 -22.62
CA ASN H 130 39.11 28.88 -21.69
C ASN H 130 38.62 28.74 -20.25
N LEU H 131 39.58 28.78 -19.32
CA LEU H 131 39.28 28.59 -17.91
C LEU H 131 38.73 29.87 -17.28
N LYS H 132 37.75 29.69 -16.40
CA LYS H 132 37.33 30.75 -15.51
C LYS H 132 38.39 30.97 -14.43
N PRO H 133 38.37 32.13 -13.76
CA PRO H 133 39.37 32.37 -12.71
C PRO H 133 39.29 31.31 -11.61
N PHE H 134 40.48 30.90 -11.13
CA PHE H 134 40.61 29.88 -10.08
C PHE H 134 39.95 28.57 -10.49
N GLU H 135 39.94 28.26 -11.78
CA GLU H 135 39.35 27.02 -12.27
C GLU H 135 40.43 25.98 -12.48
N ARG H 136 40.07 24.72 -12.24
CA ARG H 136 40.96 23.59 -12.43
C ARG H 136 40.25 22.53 -13.26
N ASP H 137 40.95 22.00 -14.26
CA ASP H 137 40.41 20.96 -15.13
C ASP H 137 41.36 19.77 -15.08
N ILE H 138 40.90 18.67 -14.50
CA ILE H 138 41.68 17.44 -14.39
C ILE H 138 41.12 16.34 -15.27
N SER H 139 40.25 16.68 -16.21
CA SER H 139 39.70 15.69 -17.11
C SER H 139 40.77 15.21 -18.09
N THR H 140 40.56 14.01 -18.60
CA THR H 140 41.39 13.44 -19.65
C THR H 140 40.56 13.23 -20.91
N GLU H 141 39.73 14.20 -21.25
CA GLU H 141 38.92 14.13 -22.45
C GLU H 141 39.81 14.17 -23.69
N ILE H 142 39.37 13.49 -24.73
CA ILE H 142 40.16 13.39 -25.95
C ILE H 142 39.78 14.55 -26.87
N TYR H 143 40.68 15.51 -27.01
CA TYR H 143 40.36 16.73 -27.74
C TYR H 143 40.23 16.44 -29.23
N GLN H 144 39.28 17.12 -29.87
CA GLN H 144 39.01 16.99 -31.29
C GLN H 144 39.43 18.27 -31.99
N ALA H 145 40.52 18.21 -32.74
CA ALA H 145 40.93 19.32 -33.60
C ALA H 145 40.58 19.07 -35.06
N GLY H 146 39.84 18.02 -35.35
CA GLY H 146 39.51 17.68 -36.73
C GLY H 146 38.02 17.59 -37.00
N SER H 147 37.66 16.93 -38.10
CA SER H 147 36.25 16.84 -38.47
C SER H 147 35.54 15.71 -37.71
N THR H 148 35.98 14.48 -37.91
CA THR H 148 35.29 13.34 -37.31
C THR H 148 35.50 13.34 -35.79
N PRO H 149 34.51 12.85 -35.05
CA PRO H 149 34.60 12.87 -33.59
C PRO H 149 35.75 12.03 -33.07
N CYS H 150 36.15 12.32 -31.84
CA CYS H 150 37.30 11.70 -31.20
C CYS H 150 36.81 10.70 -30.16
N ASN H 151 36.99 9.41 -30.45
CA ASN H 151 36.72 8.33 -29.51
C ASN H 151 38.07 7.74 -29.11
N GLY H 152 38.70 8.33 -28.10
CA GLY H 152 40.02 7.90 -27.67
C GLY H 152 41.14 8.60 -28.44
N VAL H 153 42.35 8.50 -27.87
CA VAL H 153 43.52 9.22 -28.39
C VAL H 153 43.87 8.77 -29.80
N GLU H 154 43.60 7.50 -30.12
CA GLU H 154 43.94 6.95 -31.43
C GLU H 154 43.34 7.80 -32.54
N GLY H 155 43.99 7.74 -33.71
CA GLY H 155 43.49 8.45 -34.86
C GLY H 155 44.08 9.84 -35.01
N PHE H 156 44.35 10.24 -36.25
CA PHE H 156 44.86 11.58 -36.50
C PHE H 156 43.81 12.63 -36.18
N ASN H 157 44.28 13.78 -35.67
CA ASN H 157 43.46 14.88 -35.17
C ASN H 157 42.69 14.52 -33.90
N CYS H 158 43.10 13.47 -33.20
CA CYS H 158 42.61 13.16 -31.86
C CYS H 158 43.80 13.07 -30.92
N TYR H 159 43.85 13.94 -29.92
CA TYR H 159 45.03 14.11 -29.09
C TYR H 159 44.71 13.94 -27.61
N PHE H 160 45.62 13.29 -26.90
CA PHE H 160 45.62 13.33 -25.45
C PHE H 160 45.86 14.77 -25.01
N PRO H 161 45.08 15.29 -24.06
CA PRO H 161 45.08 16.73 -23.80
C PRO H 161 46.21 17.22 -22.89
N LEU H 162 47.06 16.34 -22.39
CA LEU H 162 48.10 16.74 -21.43
C LEU H 162 49.47 16.43 -22.01
N GLN H 163 50.38 17.40 -21.88
CA GLN H 163 51.73 17.27 -22.40
C GLN H 163 52.73 17.27 -21.24
N SER H 164 53.73 16.41 -21.33
CA SER H 164 54.71 16.24 -20.28
C SER H 164 55.87 17.23 -20.46
N TYR H 165 56.14 18.00 -19.42
CA TYR H 165 57.30 18.89 -19.44
C TYR H 165 58.58 18.05 -19.51
N GLY H 166 59.46 18.40 -20.44
CA GLY H 166 60.74 17.72 -20.56
C GLY H 166 61.88 18.37 -19.80
N PHE H 167 61.83 18.34 -18.47
CA PHE H 167 62.80 19.07 -17.67
C PHE H 167 64.11 18.31 -17.59
N GLN H 168 65.18 18.95 -18.06
CA GLN H 168 66.53 18.42 -17.94
C GLN H 168 67.46 19.48 -17.36
N PRO H 169 68.53 19.07 -16.69
CA PRO H 169 69.46 20.06 -16.11
C PRO H 169 70.15 20.94 -17.14
N THR H 170 70.22 20.52 -18.40
CA THR H 170 70.84 21.30 -19.45
C THR H 170 69.85 22.15 -20.23
N ASN H 171 68.60 22.21 -19.80
CA ASN H 171 67.57 22.93 -20.51
C ASN H 171 67.84 24.43 -20.48
N GLY H 172 67.12 25.16 -21.34
CA GLY H 172 67.21 26.61 -21.33
C GLY H 172 66.50 27.21 -20.13
N VAL H 173 66.88 28.44 -19.81
CA VAL H 173 66.30 29.12 -18.66
C VAL H 173 64.80 29.30 -18.84
N GLY H 174 64.34 29.47 -20.08
CA GLY H 174 62.92 29.58 -20.32
C GLY H 174 62.17 28.28 -20.08
N TYR H 175 62.84 27.15 -20.27
CA TYR H 175 62.21 25.84 -20.12
C TYR H 175 62.58 25.14 -18.82
N GLN H 176 63.26 25.83 -17.91
CA GLN H 176 63.58 25.24 -16.62
C GLN H 176 62.35 25.25 -15.70
N PRO H 177 62.26 24.29 -14.77
CA PRO H 177 61.09 24.24 -13.88
C PRO H 177 61.18 25.29 -12.80
N TYR H 178 60.16 26.14 -12.72
CA TYR H 178 60.01 27.12 -11.66
C TYR H 178 58.81 26.71 -10.80
N ARG H 179 59.03 26.67 -9.49
CA ARG H 179 57.97 26.41 -8.53
C ARG H 179 57.30 27.72 -8.19
N VAL H 180 55.97 27.72 -8.24
CA VAL H 180 55.17 28.93 -8.13
C VAL H 180 54.15 28.75 -7.01
N VAL H 181 54.05 29.76 -6.16
CA VAL H 181 53.02 29.87 -5.13
C VAL H 181 52.26 31.17 -5.36
N VAL H 182 50.94 31.06 -5.45
CA VAL H 182 50.07 32.22 -5.62
C VAL H 182 49.26 32.39 -4.35
N LEU H 183 49.35 33.56 -3.73
CA LEU H 183 48.59 33.89 -2.53
C LEU H 183 47.47 34.85 -2.90
N SER H 184 46.24 34.43 -2.67
CA SER H 184 45.06 35.27 -2.83
C SER H 184 44.49 35.59 -1.47
N PHE H 185 44.22 36.87 -1.24
CA PHE H 185 43.75 37.37 0.05
C PHE H 185 42.25 37.61 -0.04
N GLU H 186 41.47 36.90 0.78
CA GLU H 186 40.02 36.97 0.73
C GLU H 186 39.49 37.55 2.03
N LEU H 187 38.72 38.63 1.92
CA LEU H 187 37.98 39.19 3.03
C LEU H 187 36.50 38.87 2.84
N LEU H 188 35.93 38.15 3.78
CA LEU H 188 34.53 37.74 3.73
C LEU H 188 33.74 38.47 4.82
N HIS H 189 32.42 38.27 4.79
CA HIS H 189 31.53 38.91 5.75
C HIS H 189 31.61 38.20 7.11
N ALA H 190 32.81 38.22 7.67
CA ALA H 190 33.11 37.55 8.93
C ALA H 190 34.38 38.14 9.50
N PRO H 191 34.62 37.97 10.80
CA PRO H 191 35.90 38.44 11.37
C PRO H 191 37.09 37.79 10.68
N ALA H 192 38.15 38.58 10.52
CA ALA H 192 39.35 38.09 9.86
C ALA H 192 40.05 37.03 10.70
N THR H 193 40.69 36.09 10.01
CA THR H 193 41.37 34.97 10.65
C THR H 193 42.86 34.96 10.41
N VAL H 194 43.32 35.37 9.23
CA VAL H 194 44.75 35.50 8.94
C VAL H 194 45.12 36.97 9.04
N CYS H 195 46.12 37.27 9.87
CA CYS H 195 46.53 38.64 10.10
C CYS H 195 48.04 38.71 10.14
N GLY H 196 48.57 39.87 9.78
CA GLY H 196 49.99 40.11 9.87
C GLY H 196 50.42 40.43 11.29
N PRO H 197 51.74 40.39 11.52
CA PRO H 197 52.33 40.68 12.83
C PRO H 197 51.96 42.06 13.35
N SER I 1 -23.17 -12.20 30.20
CA SER I 1 -21.94 -11.43 30.15
C SER I 1 -21.37 -11.18 31.55
N TYR I 2 -20.12 -10.74 31.59
CA TYR I 2 -19.51 -10.33 32.85
C TYR I 2 -20.30 -9.18 33.44
N GLU I 3 -20.43 -9.17 34.76
CA GLU I 3 -21.24 -8.15 35.42
C GLU I 3 -20.63 -7.80 36.77
N LEU I 4 -20.99 -6.60 37.24
CA LEU I 4 -20.48 -6.06 38.49
C LEU I 4 -21.39 -6.46 39.66
N THR I 5 -20.77 -6.66 40.83
CA THR I 5 -21.47 -7.07 42.04
C THR I 5 -21.43 -5.94 43.06
N GLN I 6 -22.59 -5.41 43.41
CA GLN I 6 -22.72 -4.39 44.44
C GLN I 6 -23.63 -4.88 45.57
N PRO I 7 -23.38 -4.42 46.79
CA PRO I 7 -24.27 -4.78 47.89
C PRO I 7 -25.61 -4.10 47.75
N ARG I 8 -26.61 -4.72 48.40
CA ARG I 8 -27.94 -4.14 48.47
C ARG I 8 -27.90 -2.75 49.07
N SER I 9 -27.51 -2.65 50.34
CA SER I 9 -27.52 -1.39 51.06
C SER I 9 -26.55 -1.46 52.23
N VAL I 10 -25.94 -0.31 52.52
CA VAL I 10 -25.04 -0.17 53.64
C VAL I 10 -25.54 1.00 54.48
N SER I 11 -25.56 0.81 55.80
CA SER I 11 -26.09 1.81 56.71
C SER I 11 -25.08 2.09 57.82
N VAL I 12 -24.92 3.36 58.15
CA VAL I 12 -23.94 3.81 59.15
C VAL I 12 -24.52 4.98 59.94
N SER I 13 -24.06 5.13 61.18
CA SER I 13 -24.37 6.30 61.97
C SER I 13 -23.68 7.52 61.38
N PRO I 14 -24.22 8.72 61.64
CA PRO I 14 -23.59 9.93 61.11
C PRO I 14 -22.15 10.07 61.60
N GLY I 15 -21.29 10.60 60.73
CA GLY I 15 -19.90 10.78 61.05
C GLY I 15 -19.05 9.54 60.96
N GLN I 16 -19.65 8.38 60.74
CA GLN I 16 -18.90 7.15 60.59
C GLN I 16 -18.27 7.11 59.20
N THR I 17 -17.67 5.98 58.85
CA THR I 17 -17.04 5.80 57.55
C THR I 17 -17.80 4.72 56.79
N ALA I 18 -18.47 5.12 55.72
CA ALA I 18 -19.22 4.19 54.89
C ALA I 18 -18.32 3.65 53.78
N ARG I 19 -18.45 2.35 53.52
CA ARG I 19 -17.65 1.69 52.49
C ARG I 19 -18.59 0.90 51.60
N ILE I 20 -18.53 1.15 50.29
CA ILE I 20 -19.35 0.46 49.30
C ILE I 20 -18.43 -0.27 48.34
N THR I 21 -18.60 -1.58 48.25
CA THR I 21 -17.73 -2.42 47.44
C THR I 21 -18.34 -2.67 46.06
N CYS I 22 -17.48 -3.15 45.17
CA CYS I 22 -17.84 -3.40 43.78
C CYS I 22 -17.01 -4.60 43.35
N GLY I 23 -17.68 -5.71 43.07
CA GLY I 23 -17.03 -6.99 42.84
C GLY I 23 -17.05 -7.39 41.38
N GLY I 24 -15.90 -7.92 40.92
CA GLY I 24 -15.74 -8.37 39.55
C GLY I 24 -14.46 -9.14 39.35
N ASP I 25 -14.48 -10.13 38.46
CA ASP I 25 -13.35 -11.02 38.25
C ASP I 25 -12.12 -10.25 37.75
N ASN I 26 -11.11 -10.13 38.61
CA ASN I 26 -9.94 -9.30 38.32
C ASN I 26 -10.35 -7.90 37.88
N ILE I 27 -11.30 -7.33 38.63
CA ILE I 27 -11.81 -6.01 38.33
C ILE I 27 -10.72 -4.94 38.36
N ALA I 28 -9.56 -5.27 38.91
CA ALA I 28 -8.44 -4.33 38.87
C ALA I 28 -7.95 -4.08 37.45
N SER I 29 -8.19 -5.00 36.51
CA SER I 29 -7.66 -4.83 35.16
C SER I 29 -8.27 -3.62 34.46
N LYS I 30 -9.50 -3.26 34.79
CA LYS I 30 -10.18 -2.12 34.18
C LYS I 30 -10.29 -0.98 35.19
N ASN I 31 -10.53 0.21 34.67
CA ASN I 31 -10.77 1.39 35.49
C ASN I 31 -12.24 1.46 35.87
N VAL I 32 -12.50 1.68 37.16
CA VAL I 32 -13.85 1.81 37.66
C VAL I 32 -14.11 3.29 37.94
N HIS I 33 -15.38 3.65 37.97
CA HIS I 33 -15.78 5.01 38.33
C HIS I 33 -17.07 4.95 39.15
N TRP I 34 -17.24 5.91 40.05
CA TRP I 34 -18.38 5.93 40.94
C TRP I 34 -19.23 7.16 40.67
N TYR I 35 -20.55 6.92 40.64
CA TYR I 35 -21.56 7.95 40.43
C TYR I 35 -22.51 7.97 41.62
N GLN I 36 -22.85 9.17 42.09
CA GLN I 36 -23.86 9.35 43.12
C GLN I 36 -25.18 9.75 42.46
N GLN I 37 -26.20 8.93 42.64
CA GLN I 37 -27.56 9.31 42.29
C GLN I 37 -28.26 9.67 43.58
N LYS I 38 -28.45 10.97 43.81
CA LYS I 38 -29.24 11.41 44.94
C LYS I 38 -30.70 11.04 44.72
N LEU I 39 -31.49 11.16 45.78
CA LEU I 39 -32.81 10.56 45.79
C LEU I 39 -33.71 11.24 44.75
N ALA I 40 -34.05 10.51 43.69
CA ALA I 40 -35.03 10.91 42.67
C ALA I 40 -34.55 12.09 41.82
N GLN I 41 -33.30 12.02 41.37
CA GLN I 41 -32.67 13.10 40.63
C GLN I 41 -31.68 12.53 39.62
N ALA I 42 -31.04 13.42 38.86
CA ALA I 42 -30.00 12.99 37.93
C ALA I 42 -28.76 12.54 38.70
N PRO I 43 -28.09 11.49 38.26
CA PRO I 43 -26.83 11.08 38.90
C PRO I 43 -25.68 12.01 38.55
N VAL I 44 -24.67 12.01 39.41
CA VAL I 44 -23.50 12.86 39.24
C VAL I 44 -22.24 12.07 39.59
N LEU I 45 -21.18 12.28 38.80
CA LEU I 45 -19.92 11.57 39.00
C LEU I 45 -19.19 12.05 40.24
N VAL I 46 -18.84 11.11 41.11
CA VAL I 46 -18.11 11.42 42.33
C VAL I 46 -16.65 10.96 42.24
N ILE I 47 -16.39 9.81 41.61
CA ILE I 47 -15.04 9.24 41.58
C ILE I 47 -14.74 8.76 40.18
N TYR I 48 -13.53 9.03 39.69
CA TYR I 48 -13.16 8.58 38.35
C TYR I 48 -11.69 8.17 38.33
N TYR I 49 -11.38 7.24 37.43
CA TYR I 49 -10.08 6.56 37.38
C TYR I 49 -9.72 5.97 38.74
N ASP I 50 -10.73 5.49 39.44
CA ASP I 50 -10.64 4.72 40.68
C ASP I 50 -10.22 5.54 41.89
N SER I 51 -9.73 6.77 41.67
CA SER I 51 -9.33 7.58 42.80
C SER I 51 -9.69 9.05 42.69
N ASP I 52 -9.72 9.64 41.50
CA ASP I 52 -9.72 11.09 41.38
C ASP I 52 -11.10 11.65 41.58
N ARG I 53 -11.15 12.83 42.17
CA ARG I 53 -12.41 13.51 42.41
C ARG I 53 -12.56 14.69 41.44
N PRO I 54 -13.73 14.86 40.84
CA PRO I 54 -13.99 16.09 40.08
C PRO I 54 -13.89 17.30 40.99
N SER I 55 -13.40 18.41 40.43
CA SER I 55 -13.24 19.62 41.22
C SER I 55 -14.59 20.11 41.73
N GLY I 56 -14.81 19.99 43.03
CA GLY I 56 -16.09 20.31 43.63
C GLY I 56 -16.54 19.22 44.58
N ILE I 57 -16.09 18.00 44.33
CA ILE I 57 -16.47 16.86 45.18
C ILE I 57 -15.69 16.93 46.48
N PRO I 58 -16.34 16.82 47.64
CA PRO I 58 -15.63 16.93 48.91
C PRO I 58 -14.58 15.83 49.08
N GLU I 59 -13.53 16.15 49.83
CA GLU I 59 -12.40 15.26 49.99
C GLU I 59 -12.71 14.01 50.82
N ARG I 60 -13.85 13.97 51.52
CA ARG I 60 -14.22 12.77 52.25
C ARG I 60 -14.59 11.63 51.33
N PHE I 61 -14.76 11.89 50.03
CA PHE I 61 -14.91 10.83 49.04
C PHE I 61 -13.53 10.32 48.66
N SER I 62 -13.37 9.00 48.63
CA SER I 62 -12.08 8.44 48.22
C SER I 62 -12.29 7.02 47.71
N GLY I 63 -11.66 6.70 46.57
CA GLY I 63 -11.82 5.42 45.94
C GLY I 63 -10.57 4.57 45.99
N SER I 64 -10.74 3.30 45.62
CA SER I 64 -9.63 2.37 45.47
C SER I 64 -10.10 1.20 44.63
N ASN I 65 -9.13 0.44 44.12
CA ASN I 65 -9.44 -0.69 43.23
C ASN I 65 -8.26 -1.65 43.24
N SER I 66 -8.51 -2.91 43.61
CA SER I 66 -7.48 -3.93 43.43
C SER I 66 -8.11 -5.30 43.58
N GLY I 67 -7.39 -6.31 43.13
CA GLY I 67 -7.86 -7.68 43.23
C GLY I 67 -9.18 -7.84 42.52
N ASN I 68 -10.18 -8.33 43.26
CA ASN I 68 -11.53 -8.48 42.73
C ASN I 68 -12.50 -7.47 43.33
N THR I 69 -12.01 -6.35 43.84
CA THR I 69 -12.91 -5.39 44.47
C THR I 69 -12.40 -3.95 44.33
N ALA I 70 -13.32 -3.07 43.95
CA ALA I 70 -13.15 -1.63 44.04
C ALA I 70 -14.01 -1.12 45.18
N THR I 71 -13.46 -0.21 45.98
CA THR I 71 -14.13 0.26 47.19
C THR I 71 -14.25 1.77 47.16
N LEU I 72 -15.44 2.28 47.50
CA LEU I 72 -15.68 3.70 47.72
C LEU I 72 -15.83 3.95 49.21
N THR I 73 -15.03 4.88 49.73
CA THR I 73 -14.96 5.19 51.15
C THR I 73 -15.38 6.63 51.35
N ILE I 74 -16.42 6.83 52.16
CA ILE I 74 -16.93 8.15 52.50
C ILE I 74 -16.74 8.31 54.00
N SER I 75 -15.74 9.09 54.39
CA SER I 75 -15.48 9.37 55.79
C SER I 75 -16.37 10.51 56.25
N GLY I 76 -16.77 10.46 57.52
CA GLY I 76 -17.60 11.52 58.06
C GLY I 76 -18.90 11.71 57.32
N VAL I 77 -19.57 10.62 56.97
CA VAL I 77 -20.81 10.72 56.20
C VAL I 77 -21.86 11.46 57.01
N GLU I 78 -22.67 12.25 56.31
CA GLU I 78 -23.80 12.97 56.89
C GLU I 78 -25.09 12.50 56.22
N ALA I 79 -26.21 13.07 56.65
CA ALA I 79 -27.50 12.69 56.09
C ALA I 79 -27.63 13.13 54.64
N GLY I 80 -26.95 14.21 54.25
CA GLY I 80 -27.03 14.66 52.87
C GLY I 80 -26.50 13.62 51.89
N ASP I 81 -25.37 13.00 52.23
CA ASP I 81 -24.75 12.01 51.36
C ASP I 81 -25.64 10.80 51.12
N GLU I 82 -26.64 10.59 51.98
CA GLU I 82 -27.56 9.47 51.84
C GLU I 82 -28.16 9.49 50.45
N ALA I 83 -27.82 8.49 49.64
CA ALA I 83 -28.21 8.42 48.23
C ALA I 83 -27.89 7.03 47.72
N ASP I 84 -27.98 6.83 46.41
CA ASP I 84 -27.55 5.60 45.77
C ASP I 84 -26.20 5.81 45.10
N TYR I 85 -25.41 4.74 45.06
CA TYR I 85 -24.05 4.80 44.51
C TYR I 85 -23.86 3.67 43.52
N TYR I 86 -23.36 4.01 42.34
CA TYR I 86 -23.20 3.04 41.26
C TYR I 86 -21.76 3.06 40.78
N CYS I 87 -21.15 1.88 40.71
CA CYS I 87 -19.83 1.71 40.13
C CYS I 87 -19.96 1.23 38.70
N GLN I 88 -19.27 1.89 37.78
CA GLN I 88 -19.38 1.64 36.36
C GLN I 88 -17.98 1.46 35.77
N VAL I 89 -17.84 0.47 34.88
CA VAL I 89 -16.60 0.21 34.19
C VAL I 89 -16.87 0.08 32.70
N TRP I 90 -15.78 0.11 31.94
CA TRP I 90 -15.81 -0.20 30.52
C TRP I 90 -15.36 -1.63 30.31
N ASP I 91 -16.15 -2.41 29.58
CA ASP I 91 -15.85 -3.81 29.30
C ASP I 91 -16.13 -3.98 27.80
N SER I 92 -15.12 -3.67 26.98
CA SER I 92 -15.19 -4.04 25.57
C SER I 92 -15.01 -5.52 25.37
N TYR I 93 -14.45 -6.20 26.38
CA TYR I 93 -14.28 -7.65 26.31
C TYR I 93 -15.61 -8.32 25.96
N SER I 94 -16.68 -7.89 26.62
CA SER I 94 -18.00 -8.49 26.43
C SER I 94 -18.83 -7.69 25.42
N GLY I 95 -18.30 -7.58 24.21
CA GLY I 95 -19.05 -7.02 23.10
C GLY I 95 -19.48 -5.57 23.26
N HIS I 96 -18.53 -4.69 23.58
CA HIS I 96 -18.75 -3.24 23.67
C HIS I 96 -19.83 -2.92 24.72
N HIS I 97 -19.51 -3.19 25.99
CA HIS I 97 -20.48 -2.95 27.05
C HIS I 97 -19.98 -1.91 28.04
N VAL I 98 -20.85 -0.97 28.37
CA VAL I 98 -20.64 -0.04 29.47
C VAL I 98 -21.38 -0.64 30.66
N LEU I 99 -20.65 -1.27 31.57
CA LEU I 99 -21.28 -2.04 32.63
C LEU I 99 -21.45 -1.20 33.87
N PHE I 100 -22.63 -1.30 34.48
CA PHE I 100 -22.93 -0.66 35.75
C PHE I 100 -23.08 -1.71 36.84
N GLY I 101 -23.10 -1.23 38.08
CA GLY I 101 -23.40 -2.08 39.22
C GLY I 101 -24.86 -2.02 39.61
N GLY I 102 -25.23 -2.87 40.56
CA GLY I 102 -26.61 -2.91 41.00
C GLY I 102 -27.04 -1.75 41.87
N GLY I 103 -26.11 -0.86 42.21
CA GLY I 103 -26.41 0.22 43.11
C GLY I 103 -26.35 -0.22 44.56
N THR I 104 -26.27 0.78 45.44
CA THR I 104 -26.29 0.51 46.87
C THR I 104 -26.99 1.66 47.55
N ARG I 105 -27.88 1.33 48.50
CA ARG I 105 -28.72 2.32 49.17
C ARG I 105 -28.03 2.68 50.48
N LEU I 106 -27.19 3.70 50.43
CA LEU I 106 -26.58 4.22 51.64
C LEU I 106 -27.66 4.83 52.53
N THR I 107 -27.59 4.54 53.82
CA THR I 107 -28.60 5.01 54.75
C THR I 107 -27.92 5.49 56.02
N VAL I 108 -28.36 6.64 56.53
CA VAL I 108 -27.84 7.23 57.76
C VAL I 108 -28.96 7.20 58.80
N LEU I 109 -28.71 6.55 59.93
CA LEU I 109 -29.67 6.54 61.03
C LEU I 109 -29.51 7.85 61.80
N GLY I 110 -30.08 8.91 61.25
CA GLY I 110 -29.92 10.24 61.79
C GLY I 110 -30.38 10.37 63.23
N GLN I 111 -29.51 10.94 64.06
CA GLN I 111 -29.89 11.22 65.44
C GLN I 111 -31.12 12.12 65.58
N PRO I 112 -31.32 13.17 64.79
CA PRO I 112 -32.46 14.05 65.02
C PRO I 112 -33.79 13.28 65.05
N LYS I 113 -34.60 13.58 66.05
CA LYS I 113 -35.97 13.08 66.14
C LYS I 113 -36.88 14.30 65.99
N ALA I 114 -37.42 14.49 64.79
CA ALA I 114 -38.14 15.70 64.44
C ALA I 114 -39.63 15.50 64.58
N ALA I 115 -40.27 16.37 65.37
CA ALA I 115 -41.73 16.37 65.46
C ALA I 115 -42.32 17.00 64.19
N PRO I 116 -43.41 16.44 63.67
CA PRO I 116 -43.87 16.83 62.33
C PRO I 116 -44.61 18.16 62.33
N SER I 117 -44.67 18.75 61.14
CA SER I 117 -45.51 19.92 60.88
C SER I 117 -46.67 19.51 59.98
N VAL I 118 -47.89 19.77 60.43
CA VAL I 118 -49.10 19.27 59.78
C VAL I 118 -50.05 20.42 59.50
N THR I 119 -50.54 20.49 58.28
CA THR I 119 -51.56 21.46 57.87
C THR I 119 -52.71 20.71 57.23
N LEU I 120 -53.93 21.06 57.61
CA LEU I 120 -55.12 20.46 57.04
C LEU I 120 -55.84 21.49 56.18
N PHE I 121 -56.33 21.04 55.02
CA PHE I 121 -56.99 21.90 54.05
C PHE I 121 -58.35 21.29 53.71
N PRO I 122 -59.45 21.99 54.00
CA PRO I 122 -60.76 21.53 53.56
C PRO I 122 -60.88 21.64 52.05
N PRO I 123 -61.80 20.91 51.43
CA PRO I 123 -61.97 21.03 49.98
C PRO I 123 -62.36 22.44 49.59
N SER I 124 -61.85 22.88 48.44
CA SER I 124 -62.13 24.23 47.96
C SER I 124 -63.55 24.33 47.41
N SER I 125 -64.02 25.57 47.26
CA SER I 125 -65.34 25.79 46.68
C SER I 125 -65.39 25.30 45.24
N GLU I 126 -64.32 25.54 44.47
CA GLU I 126 -64.31 25.11 43.08
C GLU I 126 -64.43 23.61 42.96
N GLU I 127 -63.75 22.85 43.82
CA GLU I 127 -63.91 21.41 43.83
C GLU I 127 -65.33 21.01 44.17
N LEU I 128 -65.94 21.69 45.16
CA LEU I 128 -67.32 21.38 45.51
C LEU I 128 -68.24 21.54 44.32
N GLN I 129 -68.01 22.57 43.50
CA GLN I 129 -68.80 22.71 42.28
C GLN I 129 -68.55 21.57 41.31
N ALA I 130 -67.41 20.88 41.42
CA ALA I 130 -67.13 19.72 40.60
C ALA I 130 -67.70 18.43 41.18
N ASN I 131 -68.59 18.55 42.16
CA ASN I 131 -69.20 17.40 42.83
C ASN I 131 -68.12 16.47 43.41
N LYS I 132 -67.07 17.08 43.96
CA LYS I 132 -66.07 16.36 44.74
C LYS I 132 -65.82 17.12 46.03
N ALA I 133 -65.25 16.42 47.01
CA ALA I 133 -64.78 17.07 48.23
C ALA I 133 -63.60 16.27 48.75
N THR I 134 -62.42 16.86 48.71
CA THR I 134 -61.23 16.16 49.18
C THR I 134 -60.52 17.01 50.22
N LEU I 135 -60.21 16.41 51.36
CA LEU I 135 -59.46 17.04 52.43
C LEU I 135 -58.00 16.65 52.30
N VAL I 136 -57.11 17.62 52.42
CA VAL I 136 -55.67 17.41 52.22
C VAL I 136 -54.97 17.58 53.56
N CYS I 137 -54.19 16.57 53.95
CA CYS I 137 -53.45 16.60 55.21
C CYS I 137 -51.98 16.48 54.87
N LEU I 138 -51.25 17.58 55.05
CA LEU I 138 -49.84 17.66 54.67
C LEU I 138 -48.97 17.58 55.92
N ILE I 139 -48.01 16.65 55.92
CA ILE I 139 -47.10 16.45 57.03
C ILE I 139 -45.69 16.52 56.49
N SER I 140 -44.81 17.21 57.21
CA SER I 140 -43.44 17.36 56.73
C SER I 140 -42.47 17.47 57.90
N ASP I 141 -41.18 17.44 57.55
CA ASP I 141 -40.04 17.66 58.44
C ASP I 141 -40.16 16.88 59.75
N PHE I 142 -40.35 15.57 59.62
CA PHE I 142 -40.30 14.63 60.73
C PHE I 142 -39.25 13.57 60.41
N TYR I 143 -38.35 13.30 61.38
CA TYR I 143 -37.26 12.38 61.03
C TYR I 143 -37.70 10.92 61.05
N PRO I 144 -38.22 10.37 62.16
CA PRO I 144 -38.80 9.03 62.09
C PRO I 144 -40.05 9.04 61.22
N GLY I 145 -40.27 7.93 60.53
CA GLY I 145 -41.48 7.81 59.71
C GLY I 145 -42.73 7.85 60.58
N ALA I 146 -43.76 8.53 60.08
CA ALA I 146 -45.01 8.73 60.81
C ALA I 146 -46.05 7.73 60.33
N VAL I 147 -45.93 6.49 60.83
CA VAL I 147 -46.74 5.38 60.35
C VAL I 147 -48.22 5.59 60.67
N GLU I 148 -48.52 6.30 61.76
CA GLU I 148 -49.89 6.43 62.25
C GLU I 148 -50.51 7.73 61.76
N VAL I 149 -51.48 7.62 60.85
CA VAL I 149 -52.33 8.71 60.44
C VAL I 149 -53.77 8.20 60.43
N ALA I 150 -54.72 9.10 60.68
CA ALA I 150 -56.11 8.72 60.78
C ALA I 150 -57.00 9.92 60.50
N TRP I 151 -58.24 9.64 60.14
CA TRP I 151 -59.24 10.67 59.89
C TRP I 151 -60.43 10.42 60.80
N LYS I 152 -61.01 11.48 61.32
CA LYS I 152 -62.14 11.38 62.24
C LYS I 152 -63.22 12.37 61.82
N ALA I 153 -64.41 11.84 61.54
CA ALA I 153 -65.59 12.67 61.29
C ALA I 153 -66.37 12.75 62.60
N ASP I 154 -66.53 13.98 63.11
CA ASP I 154 -67.26 14.23 64.35
C ASP I 154 -66.68 13.43 65.51
N GLY I 155 -65.35 13.28 65.52
CA GLY I 155 -64.72 12.52 66.57
C GLY I 155 -64.87 11.02 66.45
N SER I 156 -65.28 10.53 65.28
CA SER I 156 -65.44 9.10 65.03
C SER I 156 -64.45 8.67 63.95
N ALA I 157 -63.73 7.58 64.20
CA ALA I 157 -62.74 7.12 63.24
C ALA I 157 -63.40 6.73 61.92
N VAL I 158 -62.86 7.25 60.81
CA VAL I 158 -63.40 7.03 59.48
C VAL I 158 -62.26 6.62 58.57
N ASN I 159 -62.52 5.64 57.70
CA ASN I 159 -61.54 5.18 56.71
C ASN I 159 -62.15 5.12 55.31
N ALA I 160 -63.21 5.90 55.05
CA ALA I 160 -63.88 5.91 53.76
C ALA I 160 -63.20 6.93 52.86
N GLY I 161 -62.41 6.45 51.90
CA GLY I 161 -61.74 7.33 50.97
C GLY I 161 -60.46 7.95 51.49
N VAL I 162 -59.63 7.15 52.16
CA VAL I 162 -58.37 7.61 52.74
C VAL I 162 -57.21 7.09 51.88
N GLU I 163 -56.35 8.00 51.45
CA GLU I 163 -55.14 7.66 50.72
C GLU I 163 -53.97 8.31 51.42
N THR I 164 -52.83 7.62 51.44
CA THR I 164 -51.67 8.10 52.17
C THR I 164 -50.40 7.65 51.46
N THR I 165 -49.48 8.57 51.24
CA THR I 165 -48.26 8.23 50.51
C THR I 165 -47.23 7.58 51.44
N LYS I 166 -46.33 6.83 50.83
CA LYS I 166 -45.18 6.32 51.56
C LYS I 166 -44.32 7.48 52.02
N PRO I 167 -43.88 7.51 53.28
CA PRO I 167 -43.02 8.60 53.74
C PRO I 167 -41.77 8.70 52.89
N SER I 168 -41.37 9.93 52.61
CA SER I 168 -40.24 10.14 51.71
C SER I 168 -39.48 11.38 52.15
N LYS I 169 -38.17 11.34 51.98
CA LYS I 169 -37.31 12.43 52.39
C LYS I 169 -37.56 13.65 51.51
N GLN I 170 -37.01 14.78 51.94
CA GLN I 170 -37.08 16.01 51.17
C GLN I 170 -35.71 16.67 51.14
N SER I 171 -35.64 17.91 50.65
CA SER I 171 -34.37 18.63 50.68
C SER I 171 -33.86 18.80 52.10
N ASN I 172 -34.74 18.79 53.09
CA ASN I 172 -34.35 18.90 54.49
C ASN I 172 -33.57 17.70 54.98
N ASN I 173 -33.56 16.61 54.21
CA ASN I 173 -33.14 15.28 54.67
C ASN I 173 -34.00 14.81 55.85
N LYS I 174 -35.19 15.38 55.98
CA LYS I 174 -36.23 14.88 56.86
C LYS I 174 -37.36 14.34 56.01
N TYR I 175 -38.34 13.71 56.65
CA TYR I 175 -39.36 12.96 55.94
C TYR I 175 -40.63 13.80 55.77
N ALA I 176 -41.32 13.55 54.65
CA ALA I 176 -42.56 14.23 54.33
C ALA I 176 -43.56 13.22 53.80
N ALA I 177 -44.85 13.54 53.97
CA ALA I 177 -45.92 12.68 53.49
C ALA I 177 -47.21 13.49 53.44
N SER I 178 -48.23 12.88 52.82
CA SER I 178 -49.50 13.55 52.59
C SER I 178 -50.61 12.51 52.60
N SER I 179 -51.80 12.95 53.00
CA SER I 179 -52.96 12.07 53.10
C SER I 179 -54.20 12.79 52.59
N TYR I 180 -54.92 12.16 51.68
CA TYR I 180 -56.13 12.74 51.10
C TYR I 180 -57.36 11.95 51.51
N LEU I 181 -58.37 12.65 52.00
CA LEU I 181 -59.66 12.05 52.34
C LEU I 181 -60.69 12.44 51.27
N SER I 182 -61.33 11.44 50.69
CA SER I 182 -62.31 11.66 49.63
C SER I 182 -63.71 11.55 50.19
N LEU I 183 -64.58 12.47 49.75
CA LEU I 183 -65.95 12.59 50.24
C LEU I 183 -66.79 13.24 49.15
N THR I 184 -68.09 12.96 49.18
CA THR I 184 -69.00 13.71 48.32
C THR I 184 -69.28 15.08 48.95
N SER I 185 -69.73 16.01 48.09
CA SER I 185 -70.00 17.37 48.55
C SER I 185 -71.02 17.38 49.67
N ASP I 186 -71.90 16.38 49.72
CA ASP I 186 -72.90 16.33 50.77
C ASP I 186 -72.27 15.99 52.12
N GLN I 187 -71.59 14.85 52.21
CA GLN I 187 -71.12 14.38 53.50
C GLN I 187 -70.14 15.36 54.15
N TRP I 188 -69.44 16.16 53.33
CA TRP I 188 -68.53 17.14 53.88
C TRP I 188 -69.28 18.18 54.72
N LYS I 189 -70.40 18.67 54.21
CA LYS I 189 -71.19 19.64 54.95
C LYS I 189 -72.05 18.99 56.02
N SER I 190 -72.50 17.75 55.78
CA SER I 190 -73.42 17.10 56.71
C SER I 190 -72.75 16.86 58.06
N HIS I 191 -71.54 16.32 58.06
CA HIS I 191 -70.85 16.02 59.30
C HIS I 191 -70.43 17.32 59.99
N LYS I 192 -70.38 17.27 61.31
CA LYS I 192 -70.13 18.48 62.11
C LYS I 192 -68.77 19.08 61.75
N SER I 193 -67.73 18.26 61.76
CA SER I 193 -66.37 18.70 61.45
C SER I 193 -65.49 17.48 61.30
N TYR I 194 -64.53 17.57 60.38
CA TYR I 194 -63.57 16.51 60.17
C TYR I 194 -62.23 16.87 60.81
N SER I 195 -61.40 15.85 61.02
CA SER I 195 -60.11 16.06 61.66
C SER I 195 -59.11 15.05 61.13
N CYS I 196 -57.89 15.52 60.88
CA CYS I 196 -56.77 14.66 60.54
C CYS I 196 -55.91 14.52 61.80
N GLN I 197 -55.79 13.29 62.30
CA GLN I 197 -55.04 12.98 63.50
C GLN I 197 -53.79 12.21 63.11
N VAL I 198 -52.63 12.65 63.59
CA VAL I 198 -51.35 12.06 63.20
C VAL I 198 -50.55 11.76 64.45
N THR I 199 -50.05 10.54 64.55
CA THR I 199 -49.17 10.11 65.62
C THR I 199 -47.80 9.77 65.04
N HIS I 200 -46.77 9.94 65.85
CA HIS I 200 -45.39 9.71 65.42
C HIS I 200 -44.53 9.58 66.67
N GLU I 201 -43.82 8.45 66.78
CA GLU I 201 -43.01 8.13 67.96
C GLU I 201 -43.83 8.23 69.25
N GLY I 202 -45.10 7.83 69.15
CA GLY I 202 -45.98 7.86 70.30
C GLY I 202 -46.48 9.23 70.70
N SER I 203 -46.32 10.24 69.85
CA SER I 203 -46.82 11.59 70.12
C SER I 203 -47.90 11.92 69.09
N THR I 204 -49.04 12.42 69.56
CA THR I 204 -50.20 12.62 68.72
C THR I 204 -50.54 14.11 68.63
N VAL I 205 -50.83 14.57 67.42
CA VAL I 205 -51.30 15.93 67.16
C VAL I 205 -52.35 15.87 66.07
N GLU I 206 -53.40 16.68 66.18
CA GLU I 206 -54.49 16.63 65.23
C GLU I 206 -54.93 18.03 64.84
N LYS I 207 -55.46 18.14 63.62
CA LYS I 207 -56.00 19.40 63.10
C LYS I 207 -57.41 19.18 62.62
N THR I 208 -58.30 20.10 62.97
CA THR I 208 -59.73 19.98 62.69
C THR I 208 -60.18 21.10 61.77
N VAL I 209 -61.06 20.76 60.81
CA VAL I 209 -61.68 21.75 59.93
C VAL I 209 -63.17 21.48 59.88
N ALA I 210 -63.93 22.53 59.58
CA ALA I 210 -65.37 22.50 59.48
C ALA I 210 -65.82 23.20 58.20
N PRO I 211 -66.93 22.76 57.61
CA PRO I 211 -67.38 23.38 56.35
C PRO I 211 -67.97 24.77 56.52
N ALA I 212 -68.34 25.15 57.74
CA ALA I 212 -69.01 26.44 57.96
C ALA I 212 -68.07 27.63 57.77
N GLU I 213 -66.78 27.40 57.59
CA GLU I 213 -65.84 28.50 57.39
C GLU I 213 -66.10 29.20 56.06
N CYS I 214 -66.24 30.53 56.13
CA CYS I 214 -66.49 31.44 55.00
C CYS I 214 -67.49 30.89 53.99
N SER I 215 -68.53 30.21 54.48
CA SER I 215 -69.57 29.68 53.60
C SER I 215 -70.80 30.58 53.63
N SER J 1 52.36 5.38 -4.73
CA SER J 1 52.01 6.78 -4.56
C SER J 1 52.15 7.21 -3.11
N TYR J 2 52.21 8.52 -2.88
CA TYR J 2 52.16 9.05 -1.53
C TYR J 2 50.86 8.64 -0.87
N GLU J 3 50.93 8.34 0.42
CA GLU J 3 49.77 7.81 1.14
C GLU J 3 49.72 8.38 2.55
N LEU J 4 48.64 8.08 3.25
CA LEU J 4 48.37 8.60 4.60
C LEU J 4 48.43 7.47 5.61
N THR J 5 48.99 7.76 6.78
CA THR J 5 49.20 6.78 7.84
C THR J 5 48.26 7.07 9.01
N GLN J 6 47.57 6.04 9.49
CA GLN J 6 46.73 6.15 10.67
C GLN J 6 47.02 5.02 11.64
N PRO J 7 46.83 5.24 12.94
CA PRO J 7 46.96 4.14 13.90
C PRO J 7 45.87 3.12 13.71
N ARG J 8 46.20 1.86 14.03
CA ARG J 8 45.25 0.77 13.81
C ARG J 8 44.00 0.93 14.66
N SER J 9 44.15 1.39 15.90
CA SER J 9 43.03 1.63 16.79
C SER J 9 43.52 2.42 17.99
N VAL J 10 42.59 3.07 18.68
CA VAL J 10 42.87 3.82 19.90
C VAL J 10 41.84 3.43 20.95
N SER J 11 42.32 3.00 22.12
CA SER J 11 41.47 2.60 23.23
C SER J 11 41.55 3.64 24.33
N VAL J 12 40.40 4.14 24.76
CA VAL J 12 40.32 5.17 25.79
C VAL J 12 39.23 4.85 26.78
N SER J 13 39.38 5.36 28.00
CA SER J 13 38.38 5.29 29.03
C SER J 13 37.27 6.31 28.76
N PRO J 14 36.09 6.15 29.38
CA PRO J 14 35.03 7.14 29.17
C PRO J 14 35.45 8.52 29.65
N GLY J 15 35.06 9.54 28.89
CA GLY J 15 35.40 10.91 29.22
C GLY J 15 36.82 11.32 28.92
N GLN J 16 37.63 10.41 28.38
CA GLN J 16 39.01 10.75 28.07
C GLN J 16 39.07 11.64 26.84
N THR J 17 40.27 12.14 26.55
CA THR J 17 40.51 13.02 25.41
C THR J 17 41.35 12.24 24.40
N ALA J 18 40.69 11.49 23.53
CA ALA J 18 41.37 10.66 22.55
C ALA J 18 42.11 11.51 21.53
N ARG J 19 43.21 10.95 21.02
CA ARG J 19 44.07 11.60 20.04
C ARG J 19 44.35 10.62 18.91
N ILE J 20 43.93 10.95 17.70
CA ILE J 20 44.13 10.12 16.52
C ILE J 20 44.99 10.89 15.52
N THR J 21 46.02 10.24 15.01
CA THR J 21 46.97 10.90 14.11
C THR J 21 46.76 10.48 12.67
N CYS J 22 47.21 11.34 11.76
CA CYS J 22 47.19 11.11 10.31
C CYS J 22 48.52 11.62 9.79
N GLY J 23 49.47 10.71 9.63
CA GLY J 23 50.80 11.09 9.19
C GLY J 23 50.89 11.28 7.70
N GLY J 24 52.01 11.87 7.28
CA GLY J 24 52.25 12.11 5.87
C GLY J 24 53.31 13.16 5.62
N ASP J 25 54.15 12.93 4.62
CA ASP J 25 55.22 13.86 4.30
C ASP J 25 54.64 15.20 3.90
N ASN J 26 54.93 16.22 4.69
CA ASN J 26 54.47 17.59 4.42
C ASN J 26 52.96 17.64 4.23
N ILE J 27 52.25 16.92 5.10
CA ILE J 27 50.80 16.88 5.03
C ILE J 27 50.20 18.24 5.31
N ALA J 28 50.97 19.15 5.94
CA ALA J 28 50.45 20.46 6.27
C ALA J 28 50.02 21.23 5.02
N SER J 29 50.79 21.10 3.94
CA SER J 29 50.48 21.84 2.71
C SER J 29 49.10 21.50 2.16
N LYS J 30 48.54 20.36 2.54
CA LYS J 30 47.20 19.98 2.14
C LYS J 30 46.26 19.99 3.33
N ASN J 31 45.01 20.36 3.07
CA ASN J 31 44.00 20.39 4.11
C ASN J 31 43.40 19.01 4.30
N VAL J 32 43.36 18.54 5.54
CA VAL J 32 42.90 17.20 5.87
C VAL J 32 41.49 17.30 6.43
N HIS J 33 40.61 16.43 5.97
CA HIS J 33 39.26 16.33 6.49
C HIS J 33 39.08 15.00 7.21
N TRP J 34 38.34 15.01 8.31
CA TRP J 34 38.10 13.82 9.10
C TRP J 34 36.65 13.40 8.94
N TYR J 35 36.46 12.13 8.58
CA TYR J 35 35.14 11.51 8.49
C TYR J 35 34.99 10.44 9.55
N GLN J 36 33.78 10.32 10.09
CA GLN J 36 33.44 9.31 11.09
C GLN J 36 32.44 8.34 10.48
N GLN J 37 32.74 7.04 10.57
CA GLN J 37 31.88 5.99 10.05
C GLN J 37 31.55 5.02 11.17
N LYS J 38 30.26 4.85 11.44
CA LYS J 38 29.83 3.85 12.41
C LYS J 38 30.09 2.44 11.88
N LEU J 39 29.74 1.45 12.69
CA LEU J 39 30.07 0.06 12.38
C LEU J 39 29.27 -0.43 11.19
N ALA J 40 29.95 -0.64 10.06
CA ALA J 40 29.36 -1.18 8.83
C ALA J 40 28.21 -0.31 8.32
N GLN J 41 28.35 1.02 8.44
CA GLN J 41 27.32 1.94 8.01
C GLN J 41 27.91 3.07 7.16
N ALA J 42 27.10 4.09 6.85
CA ALA J 42 27.56 5.19 6.02
C ALA J 42 28.42 6.15 6.83
N PRO J 43 29.55 6.60 6.30
CA PRO J 43 30.38 7.57 7.04
C PRO J 43 29.76 8.96 7.02
N VAL J 44 30.15 9.77 8.01
CA VAL J 44 29.69 11.14 8.15
C VAL J 44 30.89 12.05 8.34
N LEU J 45 30.93 13.15 7.60
CA LEU J 45 31.98 14.14 7.79
C LEU J 45 31.85 14.81 9.15
N VAL J 46 32.95 14.88 9.90
CA VAL J 46 32.97 15.52 11.20
C VAL J 46 33.87 16.74 11.24
N ILE J 47 35.01 16.71 10.54
CA ILE J 47 35.93 17.83 10.51
C ILE J 47 36.26 18.15 9.05
N TYR J 48 36.16 19.42 8.67
CA TYR J 48 36.52 19.85 7.34
C TYR J 48 37.36 21.12 7.42
N TYR J 49 38.36 21.21 6.54
CA TYR J 49 39.39 22.24 6.59
C TYR J 49 40.17 22.20 7.90
N ASP J 50 40.25 21.00 8.50
CA ASP J 50 41.13 20.70 9.63
C ASP J 50 40.70 21.34 10.95
N SER J 51 39.77 22.30 10.91
CA SER J 51 39.42 22.94 12.17
C SER J 51 37.92 23.08 12.35
N ASP J 52 37.17 23.09 11.25
CA ASP J 52 35.76 23.43 11.30
C ASP J 52 34.88 22.20 11.49
N ARG J 53 33.68 22.45 12.01
CA ARG J 53 32.69 21.40 12.21
C ARG J 53 31.39 21.76 11.49
N PRO J 54 30.79 20.82 10.76
CA PRO J 54 29.47 21.09 10.17
C PRO J 54 28.44 21.36 11.26
N SER J 55 27.48 22.24 10.94
CA SER J 55 26.45 22.63 11.89
C SER J 55 25.67 21.41 12.38
N GLY J 56 25.82 21.08 13.65
CA GLY J 56 25.24 19.86 14.21
C GLY J 56 26.26 18.87 14.74
N ILE J 57 27.56 19.13 14.61
CA ILE J 57 28.61 18.24 15.10
C ILE J 57 29.05 18.74 16.47
N PRO J 58 29.22 17.85 17.46
CA PRO J 58 29.61 18.30 18.80
C PRO J 58 30.94 19.04 18.81
N GLU J 59 31.03 20.04 19.70
CA GLU J 59 32.20 20.91 19.78
C GLU J 59 33.42 20.22 20.36
N ARG J 60 33.24 19.06 21.01
CA ARG J 60 34.38 18.37 21.61
C ARG J 60 35.35 17.82 20.56
N PHE J 61 34.95 17.82 19.28
CA PHE J 61 35.81 17.37 18.20
C PHE J 61 36.64 18.55 17.71
N SER J 62 37.95 18.34 17.54
CA SER J 62 38.80 19.43 17.06
C SER J 62 40.03 18.87 16.35
N GLY J 63 40.33 19.40 15.16
CA GLY J 63 41.45 18.95 14.38
C GLY J 63 42.60 19.95 14.32
N SER J 64 43.73 19.48 13.84
CA SER J 64 44.91 20.33 13.67
C SER J 64 45.81 19.70 12.60
N ASN J 65 46.63 20.56 11.98
CA ASN J 65 47.50 20.15 10.88
C ASN J 65 48.80 20.94 10.96
N SER J 66 49.91 20.25 11.23
CA SER J 66 51.23 20.88 11.23
C SER J 66 52.29 19.78 11.13
N GLY J 67 53.53 20.22 10.95
CA GLY J 67 54.62 19.27 10.84
C GLY J 67 54.37 18.31 9.70
N ASN J 68 54.37 17.01 10.03
CA ASN J 68 53.99 15.97 9.08
C ASN J 68 52.79 15.17 9.58
N THR J 69 52.00 15.71 10.52
CA THR J 69 50.92 14.93 11.11
C THR J 69 49.72 15.82 11.41
N ALA J 70 48.54 15.34 11.03
CA ALA J 70 47.28 16.00 11.38
C ALA J 70 46.60 15.22 12.49
N THR J 71 46.23 15.90 13.56
CA THR J 71 45.71 15.25 14.75
C THR J 71 44.25 15.62 14.98
N LEU J 72 43.42 14.61 15.22
CA LEU J 72 42.04 14.79 15.65
C LEU J 72 41.96 14.50 17.14
N THR J 73 41.42 15.45 17.90
CA THR J 73 41.37 15.40 19.35
C THR J 73 39.91 15.47 19.80
N ILE J 74 39.51 14.51 20.62
CA ILE J 74 38.12 14.35 21.06
C ILE J 74 38.11 14.27 22.58
N SER J 75 37.80 15.39 23.24
CA SER J 75 37.61 15.38 24.67
C SER J 75 36.21 14.90 25.02
N GLY J 76 36.05 14.40 26.25
CA GLY J 76 34.78 13.88 26.68
C GLY J 76 34.30 12.71 25.85
N VAL J 77 35.21 11.75 25.61
CA VAL J 77 34.90 10.60 24.76
C VAL J 77 33.76 9.81 25.38
N GLU J 78 32.78 9.45 24.55
CA GLU J 78 31.60 8.74 24.98
C GLU J 78 31.49 7.40 24.24
N ALA J 79 30.51 6.60 24.67
CA ALA J 79 30.24 5.34 23.98
C ALA J 79 29.63 5.54 22.61
N GLY J 80 28.99 6.70 22.36
CA GLY J 80 28.48 7.03 21.06
C GLY J 80 29.52 7.49 20.05
N ASP J 81 30.72 7.80 20.52
CA ASP J 81 31.84 8.16 19.66
C ASP J 81 32.64 6.95 19.20
N GLU J 82 32.27 5.75 19.64
CA GLU J 82 32.99 4.53 19.29
C GLU J 82 32.65 4.15 17.85
N ALA J 83 33.58 4.41 16.94
CA ALA J 83 33.39 4.12 15.52
C ALA J 83 34.74 4.27 14.81
N ASP J 84 34.71 4.19 13.48
CA ASP J 84 35.88 4.33 12.65
C ASP J 84 36.11 5.80 12.30
N TYR J 85 37.38 6.17 12.17
CA TYR J 85 37.77 7.55 11.85
C TYR J 85 38.79 7.53 10.73
N TYR J 86 38.48 8.23 9.64
CA TYR J 86 39.35 8.27 8.47
C TYR J 86 39.72 9.72 8.15
N CYS J 87 40.95 9.91 7.66
CA CYS J 87 41.44 11.20 7.24
C CYS J 87 41.62 11.20 5.72
N GLN J 88 40.97 12.14 5.05
CA GLN J 88 40.97 12.25 3.60
C GLN J 88 41.58 13.58 3.19
N VAL J 89 42.43 13.53 2.17
CA VAL J 89 43.06 14.73 1.62
C VAL J 89 42.90 14.70 0.10
N TRP J 90 43.05 15.89 -0.48
CA TRP J 90 43.16 16.03 -1.92
C TRP J 90 44.63 16.05 -2.30
N ASP J 91 45.01 15.16 -3.22
CA ASP J 91 46.39 15.02 -3.66
C ASP J 91 46.36 14.95 -5.19
N SER J 92 46.39 16.13 -5.83
CA SER J 92 46.49 16.17 -7.28
C SER J 92 47.87 15.76 -7.76
N TYR J 93 48.86 15.77 -6.86
CA TYR J 93 50.23 15.44 -7.24
C TYR J 93 50.32 14.01 -7.74
N SER J 94 49.73 13.06 -7.02
CA SER J 94 49.81 11.64 -7.38
C SER J 94 48.67 11.24 -8.32
N GLY J 95 48.55 11.97 -9.43
CA GLY J 95 47.54 11.66 -10.42
C GLY J 95 46.12 11.84 -9.91
N HIS J 96 45.86 12.97 -9.24
CA HIS J 96 44.52 13.36 -8.79
C HIS J 96 43.90 12.35 -7.83
N HIS J 97 44.74 11.76 -6.96
CA HIS J 97 44.27 10.70 -6.08
C HIS J 97 43.64 11.31 -4.83
N VAL J 98 42.33 11.14 -4.67
CA VAL J 98 41.66 11.45 -3.41
C VAL J 98 42.14 10.43 -2.38
N LEU J 99 42.91 10.88 -1.41
CA LEU J 99 43.63 9.97 -0.53
C LEU J 99 42.84 9.75 0.75
N PHE J 100 42.68 8.49 1.12
CA PHE J 100 42.06 8.10 2.38
C PHE J 100 43.10 7.43 3.28
N GLY J 101 43.13 7.82 4.54
CA GLY J 101 44.04 7.24 5.49
C GLY J 101 43.64 5.83 5.88
N GLY J 102 44.49 5.21 6.69
CA GLY J 102 44.28 3.83 7.10
C GLY J 102 43.09 3.61 8.03
N GLY J 103 42.54 4.67 8.59
CA GLY J 103 41.40 4.54 9.48
C GLY J 103 41.82 4.18 10.89
N THR J 104 41.00 4.54 11.87
CA THR J 104 41.29 4.24 13.27
C THR J 104 40.03 3.75 13.95
N ARG J 105 40.14 2.62 14.67
CA ARG J 105 39.04 2.04 15.41
C ARG J 105 39.10 2.58 16.84
N LEU J 106 38.38 3.66 17.10
CA LEU J 106 38.32 4.20 18.44
C LEU J 106 37.44 3.33 19.32
N THR J 107 38.04 2.71 20.33
CA THR J 107 37.34 1.84 21.25
C THR J 107 37.24 2.53 22.60
N VAL J 108 36.05 2.54 23.18
CA VAL J 108 35.80 3.18 24.46
C VAL J 108 35.42 2.09 25.46
N LEU J 109 36.17 2.00 26.56
CA LEU J 109 35.88 1.02 27.59
C LEU J 109 34.64 1.46 28.37
N GLY J 110 33.46 1.03 27.91
CA GLY J 110 32.21 1.54 28.45
C GLY J 110 31.60 0.72 29.58
N GLN J 111 30.64 -0.16 29.24
CA GLN J 111 30.00 -1.05 30.20
C GLN J 111 31.06 -1.82 30.99
N PRO J 112 30.75 -2.26 32.21
CA PRO J 112 31.73 -3.08 32.95
C PRO J 112 32.11 -4.31 32.13
N LYS J 113 33.38 -4.69 32.23
CA LYS J 113 33.89 -5.81 31.44
C LYS J 113 33.12 -7.09 31.73
N ALA J 114 32.37 -7.57 30.74
CA ALA J 114 31.43 -8.66 30.94
C ALA J 114 32.04 -9.97 30.44
N ALA J 115 32.05 -10.97 31.32
CA ALA J 115 32.48 -12.30 30.93
C ALA J 115 31.46 -12.93 29.98
N PRO J 116 31.92 -13.72 29.02
CA PRO J 116 31.00 -14.29 28.03
C PRO J 116 30.17 -15.44 28.59
N SER J 117 29.10 -15.76 27.86
CA SER J 117 28.30 -16.96 28.12
C SER J 117 28.41 -17.85 26.89
N VAL J 118 28.79 -19.11 27.10
CA VAL J 118 29.18 -20.02 26.04
C VAL J 118 28.27 -21.24 26.06
N THR J 119 27.76 -21.61 24.89
CA THR J 119 26.94 -22.80 24.73
C THR J 119 27.47 -23.62 23.57
N LEU J 120 27.54 -24.94 23.77
CA LEU J 120 28.07 -25.84 22.75
C LEU J 120 26.98 -26.83 22.35
N PHE J 121 26.83 -27.04 21.05
CA PHE J 121 25.81 -27.91 20.47
C PHE J 121 26.49 -28.99 19.62
N PRO J 122 26.36 -30.26 20.00
CA PRO J 122 26.88 -31.35 19.17
C PRO J 122 26.05 -31.51 17.91
N PRO J 123 26.53 -32.27 16.93
CA PRO J 123 25.76 -32.45 15.70
C PRO J 123 24.44 -33.18 15.97
N SER J 124 23.44 -32.85 15.16
CA SER J 124 22.15 -33.52 15.23
C SER J 124 22.23 -34.91 14.61
N SER J 125 21.33 -35.78 15.06
CA SER J 125 21.26 -37.11 14.47
C SER J 125 20.90 -37.05 13.00
N GLU J 126 20.01 -36.14 12.62
CA GLU J 126 19.67 -35.94 11.21
C GLU J 126 20.92 -35.65 10.40
N GLU J 127 21.73 -34.69 10.85
CA GLU J 127 22.96 -34.35 10.16
C GLU J 127 23.93 -35.53 10.15
N LEU J 128 23.90 -36.35 11.20
CA LEU J 128 24.73 -37.56 11.20
C LEU J 128 24.32 -38.49 10.07
N GLN J 129 23.02 -38.64 9.84
CA GLN J 129 22.58 -39.47 8.73
C GLN J 129 22.84 -38.83 7.36
N ALA J 130 23.14 -37.55 7.32
CA ALA J 130 23.47 -36.87 6.06
C ALA J 130 24.95 -36.97 5.72
N ASN J 131 25.70 -37.82 6.43
CA ASN J 131 27.15 -37.93 6.28
C ASN J 131 27.83 -36.59 6.55
N LYS J 132 27.40 -35.93 7.63
CA LYS J 132 28.03 -34.71 8.11
C LYS J 132 28.03 -34.72 9.63
N ALA J 133 28.86 -33.86 10.23
CA ALA J 133 28.80 -33.63 11.67
C ALA J 133 29.35 -32.24 11.96
N THR J 134 28.47 -31.28 12.21
CA THR J 134 28.90 -29.92 12.49
C THR J 134 28.56 -29.54 13.92
N LEU J 135 29.55 -29.06 14.65
CA LEU J 135 29.40 -28.61 16.02
C LEU J 135 29.31 -27.09 16.05
N VAL J 136 28.46 -26.57 16.93
CA VAL J 136 28.15 -25.14 16.98
C VAL J 136 28.52 -24.61 18.35
N CYS J 137 29.30 -23.52 18.40
CA CYS J 137 29.67 -22.89 19.66
C CYS J 137 29.22 -21.44 19.62
N LEU J 138 28.31 -21.08 20.52
CA LEU J 138 27.68 -19.76 20.53
C LEU J 138 28.14 -19.02 21.78
N ILE J 139 28.74 -17.84 21.58
CA ILE J 139 29.25 -17.02 22.65
C ILE J 139 28.47 -15.72 22.63
N SER J 140 28.02 -15.25 23.79
CA SER J 140 27.18 -14.06 23.79
C SER J 140 27.33 -13.30 25.09
N ASP J 141 26.98 -12.01 25.01
CA ASP J 141 26.89 -11.12 26.17
C ASP J 141 28.24 -10.98 26.87
N PHE J 142 29.24 -10.56 26.11
CA PHE J 142 30.54 -10.17 26.64
C PHE J 142 30.86 -8.79 26.11
N TYR J 143 31.28 -7.87 26.98
CA TYR J 143 31.42 -6.50 26.51
C TYR J 143 32.71 -6.30 25.70
N PRO J 144 33.89 -6.68 26.20
CA PRO J 144 35.09 -6.58 25.34
C PRO J 144 35.02 -7.57 24.19
N GLY J 145 35.36 -7.08 22.98
CA GLY J 145 35.25 -7.89 21.79
C GLY J 145 36.35 -8.91 21.59
N ALA J 146 37.43 -8.82 22.36
CA ALA J 146 38.56 -9.73 22.21
C ALA J 146 38.22 -11.11 22.73
N VAL J 147 37.81 -12.00 21.83
CA VAL J 147 37.43 -13.36 22.17
C VAL J 147 38.19 -14.31 21.26
N GLU J 148 38.77 -15.35 21.84
CA GLU J 148 39.54 -16.35 21.11
C GLU J 148 38.89 -17.71 21.31
N VAL J 149 38.57 -18.39 20.21
CA VAL J 149 37.90 -19.68 20.24
C VAL J 149 38.91 -20.75 19.86
N ALA J 150 39.02 -21.79 20.69
CA ALA J 150 39.89 -22.92 20.44
C ALA J 150 39.09 -24.21 20.62
N TRP J 151 39.35 -25.19 19.76
CA TRP J 151 38.61 -26.44 19.80
C TRP J 151 39.54 -27.56 20.23
N LYS J 152 39.04 -28.43 21.11
CA LYS J 152 39.77 -29.60 21.58
C LYS J 152 39.08 -30.87 21.13
N ALA J 153 39.84 -31.79 20.56
CA ALA J 153 39.41 -33.16 20.38
C ALA J 153 40.09 -33.97 21.48
N ASP J 154 39.28 -34.51 22.40
CA ASP J 154 39.78 -35.31 23.52
C ASP J 154 40.84 -34.56 24.33
N GLY J 155 40.61 -33.25 24.52
CA GLY J 155 41.57 -32.45 25.25
C GLY J 155 42.86 -32.18 24.52
N SER J 156 42.87 -32.26 23.19
CA SER J 156 44.03 -31.96 22.37
C SER J 156 43.66 -30.89 21.35
N ALA J 157 44.55 -29.93 21.14
CA ALA J 157 44.25 -28.79 20.28
C ALA J 157 43.96 -29.25 18.85
N VAL J 158 42.88 -28.74 18.28
CA VAL J 158 42.47 -29.05 16.90
C VAL J 158 41.84 -27.79 16.30
N ASN J 159 42.30 -27.41 15.12
CA ASN J 159 41.71 -26.28 14.39
C ASN J 159 41.30 -26.67 12.98
N ALA J 160 41.11 -27.96 12.71
CA ALA J 160 40.79 -28.45 11.38
C ALA J 160 39.32 -28.17 11.08
N GLY J 161 39.07 -27.23 10.16
CA GLY J 161 37.71 -26.91 9.78
C GLY J 161 37.00 -25.91 10.68
N VAL J 162 37.74 -25.12 11.42
CA VAL J 162 37.15 -24.14 12.32
C VAL J 162 36.79 -22.88 11.53
N GLU J 163 35.53 -22.49 11.61
CA GLU J 163 35.07 -21.21 11.08
C GLU J 163 34.62 -20.33 12.24
N THR J 164 35.02 -19.07 12.22
CA THR J 164 34.71 -18.15 13.30
C THR J 164 34.13 -16.88 12.71
N THR J 165 33.17 -16.30 13.44
CA THR J 165 32.52 -15.07 13.01
C THR J 165 33.27 -13.86 13.52
N LYS J 166 33.12 -12.76 12.80
CA LYS J 166 33.58 -11.47 13.30
C LYS J 166 32.68 -11.08 14.47
N PRO J 167 33.23 -10.82 15.65
CA PRO J 167 32.38 -10.46 16.80
C PRO J 167 31.50 -9.25 16.50
N SER J 168 30.27 -9.29 16.99
CA SER J 168 29.29 -8.24 16.71
C SER J 168 28.48 -7.97 17.97
N LYS J 169 27.90 -6.77 18.02
CA LYS J 169 27.09 -6.33 19.13
C LYS J 169 25.69 -6.93 19.04
N GLN J 170 24.89 -6.69 20.08
CA GLN J 170 23.52 -7.17 20.13
C GLN J 170 22.64 -6.05 20.69
N SER J 171 21.40 -6.39 21.04
CA SER J 171 20.50 -5.40 21.63
C SER J 171 21.02 -4.87 22.96
N ASN J 172 21.95 -5.59 23.59
CA ASN J 172 22.59 -5.14 24.82
C ASN J 172 23.73 -4.18 24.58
N ASN J 173 24.04 -3.88 23.31
CA ASN J 173 25.26 -3.17 22.93
C ASN J 173 26.51 -3.88 23.43
N LYS J 174 26.38 -5.15 23.79
CA LYS J 174 27.49 -6.01 24.13
C LYS J 174 27.72 -7.02 23.01
N TYR J 175 28.90 -7.63 23.01
CA TYR J 175 29.36 -8.36 21.85
C TYR J 175 28.99 -9.84 21.95
N ALA J 176 28.67 -10.42 20.79
CA ALA J 176 28.41 -11.85 20.67
C ALA J 176 29.12 -12.35 19.42
N ALA J 177 29.36 -13.66 19.39
CA ALA J 177 30.05 -14.27 18.26
C ALA J 177 29.71 -15.76 18.20
N SER J 178 30.05 -16.37 17.06
CA SER J 178 29.77 -17.78 16.85
C SER J 178 30.95 -18.43 16.14
N SER J 179 31.12 -19.72 16.41
CA SER J 179 32.11 -20.52 15.69
C SER J 179 31.53 -21.90 15.42
N TYR J 180 32.05 -22.54 14.37
CA TYR J 180 31.56 -23.83 13.94
C TYR J 180 32.74 -24.73 13.61
N LEU J 181 32.59 -26.02 13.90
CA LEU J 181 33.60 -27.03 13.61
C LEU J 181 32.98 -28.09 12.73
N SER J 182 33.69 -28.49 11.69
CA SER J 182 33.21 -29.50 10.75
C SER J 182 33.99 -30.80 10.97
N LEU J 183 33.26 -31.91 11.04
CA LEU J 183 33.81 -33.22 11.34
C LEU J 183 33.04 -34.26 10.56
N THR J 184 33.75 -35.29 10.10
CA THR J 184 33.10 -36.43 9.48
C THR J 184 32.32 -37.21 10.52
N SER J 185 31.33 -37.97 10.05
CA SER J 185 30.53 -38.79 10.96
C SER J 185 31.40 -39.76 11.73
N ASP J 186 32.50 -40.23 11.12
CA ASP J 186 33.39 -41.16 11.81
C ASP J 186 34.12 -40.48 12.96
N GLN J 187 34.72 -39.32 12.71
CA GLN J 187 35.61 -38.71 13.68
C GLN J 187 34.88 -38.06 14.85
N TRP J 188 33.61 -37.70 14.69
CA TRP J 188 32.84 -37.20 15.83
C TRP J 188 32.61 -38.30 16.85
N LYS J 189 32.38 -39.52 16.39
CA LYS J 189 32.14 -40.63 17.30
C LYS J 189 33.41 -41.32 17.76
N SER J 190 34.43 -41.38 16.91
CA SER J 190 35.66 -42.11 17.26
C SER J 190 36.41 -41.42 18.39
N HIS J 191 36.55 -40.10 18.33
CA HIS J 191 37.20 -39.38 19.42
C HIS J 191 36.30 -39.40 20.65
N LYS J 192 36.94 -39.42 21.83
CA LYS J 192 36.18 -39.50 23.07
C LYS J 192 35.19 -38.36 23.19
N SER J 193 35.68 -37.12 23.19
CA SER J 193 34.83 -35.97 23.38
C SER J 193 35.48 -34.76 22.74
N TYR J 194 34.65 -33.81 22.32
CA TYR J 194 35.16 -32.55 21.80
C TYR J 194 34.75 -31.42 22.74
N SER J 195 35.44 -30.30 22.63
CA SER J 195 35.19 -29.19 23.52
C SER J 195 35.45 -27.88 22.82
N CYS J 196 34.66 -26.87 23.17
CA CYS J 196 34.84 -25.50 22.72
C CYS J 196 35.32 -24.66 23.88
N GLN J 197 36.42 -23.94 23.68
CA GLN J 197 37.07 -23.14 24.69
C GLN J 197 37.09 -21.70 24.23
N VAL J 198 36.66 -20.80 25.11
CA VAL J 198 36.57 -19.37 24.81
C VAL J 198 37.44 -18.62 25.82
N THR J 199 38.42 -17.88 25.30
CA THR J 199 39.30 -17.08 26.12
C THR J 199 39.01 -15.61 25.86
N HIS J 200 38.87 -14.84 26.94
CA HIS J 200 38.34 -13.49 26.88
C HIS J 200 38.91 -12.71 28.05
N GLU J 201 39.72 -11.71 27.76
CA GLU J 201 40.35 -10.87 28.79
C GLU J 201 41.20 -11.71 29.74
N GLY J 202 41.83 -12.76 29.21
CA GLY J 202 42.61 -13.67 30.02
C GLY J 202 41.79 -14.67 30.81
N SER J 203 40.47 -14.66 30.65
CA SER J 203 39.57 -15.54 31.36
C SER J 203 39.08 -16.63 30.41
N THR J 204 39.22 -17.88 30.82
CA THR J 204 38.94 -19.01 29.96
C THR J 204 37.73 -19.79 30.48
N VAL J 205 36.80 -20.09 29.58
CA VAL J 205 35.63 -20.90 29.91
C VAL J 205 35.41 -21.89 28.77
N GLU J 206 35.18 -23.16 29.11
CA GLU J 206 35.05 -24.19 28.09
C GLU J 206 33.84 -25.08 28.38
N LYS J 207 33.20 -25.51 27.29
CA LYS J 207 32.08 -26.44 27.33
C LYS J 207 32.46 -27.68 26.52
N THR J 208 32.09 -28.85 27.02
CA THR J 208 32.50 -30.11 26.40
C THR J 208 31.28 -30.95 26.09
N VAL J 209 31.33 -31.66 24.95
CA VAL J 209 30.28 -32.57 24.55
C VAL J 209 30.89 -33.90 24.12
N ALA J 210 30.09 -34.96 24.22
CA ALA J 210 30.47 -36.31 23.87
C ALA J 210 29.39 -36.93 23.02
N PRO J 211 29.76 -37.87 22.13
CA PRO J 211 28.76 -38.41 21.19
C PRO J 211 27.87 -39.48 21.79
N ALA J 212 28.35 -40.16 22.83
CA ALA J 212 27.63 -41.29 23.38
C ALA J 212 26.31 -40.88 24.04
N GLU J 213 26.16 -39.61 24.38
CA GLU J 213 24.98 -39.14 25.11
C GLU J 213 24.10 -38.24 24.25
N ILE K 2 60.03 -4.60 -69.96
CA ILE K 2 60.21 -3.70 -68.84
C ILE K 2 60.62 -2.31 -69.33
N THR K 3 59.61 -1.51 -69.69
CA THR K 3 59.79 -0.16 -70.20
C THR K 3 59.06 0.86 -69.32
N ASN K 4 59.12 0.66 -68.01
CA ASN K 4 58.39 1.49 -67.05
C ASN K 4 59.36 2.13 -66.07
N LEU K 5 59.13 3.42 -65.79
CA LEU K 5 59.96 4.15 -64.84
C LEU K 5 59.57 3.82 -63.41
N CYS K 6 60.56 3.68 -62.56
CA CYS K 6 60.28 3.54 -61.14
C CYS K 6 59.69 4.85 -60.63
N PRO K 7 58.56 4.82 -59.94
CA PRO K 7 57.81 6.05 -59.63
C PRO K 7 58.34 6.77 -58.40
N PHE K 8 59.59 7.21 -58.47
CA PHE K 8 60.15 8.03 -57.40
C PHE K 8 59.39 9.32 -57.24
N GLY K 9 58.94 9.92 -58.36
CA GLY K 9 58.20 11.17 -58.28
C GLY K 9 56.98 11.09 -57.40
N GLU K 10 56.33 9.93 -57.36
CA GLU K 10 55.19 9.71 -56.51
C GLU K 10 55.59 9.18 -55.13
N VAL K 11 56.88 9.25 -54.80
CA VAL K 11 57.37 9.01 -53.44
C VAL K 11 57.79 10.31 -52.78
N PHE K 12 58.78 11.00 -53.35
CA PHE K 12 59.25 12.24 -52.75
C PHE K 12 58.17 13.32 -52.80
N ASN K 13 57.57 13.49 -53.99
CA ASN K 13 56.54 14.54 -54.16
C ASN K 13 55.16 14.02 -53.71
N ALA K 14 55.13 12.95 -52.91
CA ALA K 14 53.87 12.44 -52.40
C ALA K 14 53.25 13.42 -51.41
N THR K 15 51.93 13.36 -51.29
CA THR K 15 51.19 14.34 -50.49
C THR K 15 51.32 14.10 -49.00
N ARG K 16 51.42 12.83 -48.57
CA ARG K 16 51.43 12.51 -47.15
C ARG K 16 52.64 11.65 -46.81
N PHE K 17 53.25 11.93 -45.66
CA PHE K 17 54.39 11.17 -45.17
C PHE K 17 54.04 10.57 -43.81
N ALA K 18 54.68 9.45 -43.50
CA ALA K 18 54.42 8.73 -42.27
C ALA K 18 55.30 9.27 -41.13
N SER K 19 54.94 8.91 -39.91
CA SER K 19 55.75 9.27 -38.75
C SER K 19 57.04 8.46 -38.73
N VAL K 20 58.02 8.97 -38.00
CA VAL K 20 59.35 8.34 -38.02
C VAL K 20 59.31 6.96 -37.37
N TYR K 21 58.64 6.83 -36.23
CA TYR K 21 58.51 5.52 -35.61
C TYR K 21 57.55 4.63 -36.37
N ALA K 22 56.74 5.20 -37.25
CA ALA K 22 55.86 4.47 -38.15
C ALA K 22 56.28 4.70 -39.59
N TRP K 23 57.58 4.69 -39.85
CA TRP K 23 58.11 4.95 -41.18
C TRP K 23 57.60 3.90 -42.16
N ASN K 24 57.36 4.32 -43.40
CA ASN K 24 56.79 3.42 -44.40
C ASN K 24 57.85 3.02 -45.41
N ARG K 25 58.02 1.71 -45.57
CA ARG K 25 58.95 1.15 -46.54
C ARG K 25 58.19 0.63 -47.76
N LYS K 26 58.67 1.00 -48.94
CA LYS K 26 58.17 0.46 -50.20
C LYS K 26 59.27 -0.31 -50.90
N ARG K 27 58.94 -1.52 -51.35
CA ARG K 27 59.84 -2.30 -52.17
C ARG K 27 59.74 -1.86 -53.62
N ILE K 28 60.88 -1.80 -54.30
CA ILE K 28 60.99 -1.38 -55.68
C ILE K 28 61.63 -2.50 -56.46
N SER K 29 60.95 -2.94 -57.52
CA SER K 29 61.46 -4.00 -58.39
C SER K 29 60.87 -3.83 -59.78
N ASN K 30 61.55 -4.42 -60.75
CA ASN K 30 61.02 -4.63 -62.09
C ASN K 30 60.71 -3.31 -62.80
N CYS K 31 61.62 -2.35 -62.66
CA CYS K 31 61.53 -1.09 -63.41
C CYS K 31 62.94 -0.53 -63.53
N VAL K 32 63.06 0.52 -64.34
CA VAL K 32 64.32 1.22 -64.54
C VAL K 32 64.29 2.51 -63.74
N ALA K 33 65.34 2.73 -62.95
CA ALA K 33 65.41 3.83 -62.00
C ALA K 33 66.41 4.88 -62.49
N ASP K 34 65.89 6.02 -62.95
CA ASP K 34 66.74 7.14 -63.37
C ASP K 34 66.98 8.02 -62.16
N TYR K 35 68.05 7.71 -61.43
CA TYR K 35 68.39 8.49 -60.25
C TYR K 35 68.80 9.91 -60.60
N SER K 36 69.17 10.15 -61.87
CA SER K 36 69.63 11.47 -62.28
C SER K 36 68.62 12.55 -61.95
N VAL K 37 67.32 12.25 -62.10
CA VAL K 37 66.30 13.26 -61.87
C VAL K 37 66.34 13.75 -60.43
N LEU K 38 66.78 12.91 -59.50
CA LEU K 38 66.73 13.27 -58.09
C LEU K 38 67.78 14.33 -57.75
N TYR K 39 69.07 13.99 -57.90
CA TYR K 39 70.10 14.94 -57.49
C TYR K 39 70.21 16.12 -58.45
N ASN K 40 69.68 15.99 -59.67
CA ASN K 40 69.61 17.15 -60.56
C ASN K 40 68.47 18.09 -60.19
N SER K 41 67.47 17.61 -59.45
CA SER K 41 66.50 18.48 -58.80
C SER K 41 67.09 18.95 -57.47
N ALA K 42 68.07 19.85 -57.58
CA ALA K 42 68.98 20.16 -56.47
C ALA K 42 68.33 21.12 -55.47
N SER K 43 67.18 20.68 -54.95
CA SER K 43 66.49 21.37 -53.88
C SER K 43 66.60 20.64 -52.55
N PHE K 44 67.33 19.53 -52.50
CA PHE K 44 67.45 18.74 -51.28
C PHE K 44 68.50 19.38 -50.37
N SER K 45 68.10 19.74 -49.15
CA SER K 45 69.07 20.17 -48.17
C SER K 45 70.00 19.04 -47.79
N THR K 46 69.46 17.84 -47.60
CA THR K 46 70.25 16.67 -47.23
C THR K 46 70.27 15.71 -48.41
N PHE K 47 71.46 15.42 -48.91
CA PHE K 47 71.61 14.44 -49.99
C PHE K 47 72.99 13.79 -49.80
N LYS K 48 73.00 12.66 -49.11
CA LYS K 48 74.24 11.94 -48.83
C LYS K 48 74.15 10.53 -49.34
N CYS K 49 75.30 9.92 -49.63
CA CYS K 49 75.34 8.57 -50.16
C CYS K 49 76.50 7.81 -49.54
N TYR K 50 76.22 6.57 -49.12
CA TYR K 50 77.17 5.71 -48.43
C TYR K 50 77.38 4.46 -49.27
N GLY K 51 78.62 4.22 -49.67
CA GLY K 51 79.01 3.06 -50.46
C GLY K 51 78.97 3.28 -51.96
N VAL K 52 77.96 3.98 -52.46
CA VAL K 52 77.73 4.14 -53.88
C VAL K 52 77.86 5.60 -54.27
N SER K 53 78.47 5.85 -55.43
CA SER K 53 78.58 7.19 -55.96
C SER K 53 77.24 7.64 -56.54
N PRO K 54 76.75 8.82 -56.17
CA PRO K 54 75.40 9.24 -56.58
C PRO K 54 75.22 9.43 -58.07
N THR K 55 76.15 10.14 -58.72
CA THR K 55 75.98 10.48 -60.13
C THR K 55 76.09 9.24 -61.01
N LYS K 56 76.86 8.24 -60.60
CA LYS K 56 77.01 7.03 -61.38
C LYS K 56 75.97 5.96 -61.04
N LEU K 57 75.04 6.29 -60.14
CA LEU K 57 73.98 5.34 -59.79
C LEU K 57 73.16 4.95 -61.00
N ASN K 58 73.09 5.82 -62.01
CA ASN K 58 72.35 5.52 -63.22
C ASN K 58 72.98 4.39 -64.03
N ASP K 59 74.18 3.94 -63.65
CA ASP K 59 74.84 2.82 -64.33
C ASP K 59 74.96 1.59 -63.43
N LEU K 60 74.11 1.47 -62.41
CA LEU K 60 74.14 0.37 -61.46
C LEU K 60 72.83 -0.39 -61.52
N CYS K 61 72.91 -1.72 -61.36
CA CYS K 61 71.75 -2.59 -61.38
C CYS K 61 71.57 -3.23 -60.01
N PHE K 62 70.33 -3.29 -59.54
CA PHE K 62 70.01 -3.87 -58.25
C PHE K 62 68.86 -4.86 -58.39
N THR K 63 68.84 -5.86 -57.51
CA THR K 63 67.74 -6.80 -57.48
C THR K 63 66.50 -6.18 -56.85
N ASN K 64 66.69 -5.39 -55.80
CA ASN K 64 65.58 -4.70 -55.15
C ASN K 64 66.06 -3.36 -54.60
N VAL K 65 65.11 -2.46 -54.43
CA VAL K 65 65.36 -1.21 -53.73
C VAL K 65 64.32 -1.10 -52.63
N TYR K 66 64.68 -0.40 -51.56
CA TYR K 66 63.72 -0.08 -50.51
C TYR K 66 63.75 1.40 -50.24
N ALA K 67 62.58 2.03 -50.29
CA ALA K 67 62.43 3.45 -50.01
C ALA K 67 61.68 3.59 -48.69
N ASP K 68 62.32 4.18 -47.71
CA ASP K 68 61.73 4.41 -46.40
C ASP K 68 61.43 5.88 -46.26
N SER K 69 60.16 6.23 -46.09
CA SER K 69 59.71 7.61 -46.00
C SER K 69 59.22 7.89 -44.58
N PHE K 70 59.65 9.04 -44.04
CA PHE K 70 59.13 9.53 -42.76
C PHE K 70 59.42 11.02 -42.64
N VAL K 71 59.08 11.58 -41.48
CA VAL K 71 59.25 13.00 -41.19
C VAL K 71 59.86 13.14 -39.80
N ILE K 72 60.87 14.01 -39.67
CA ILE K 72 61.49 14.29 -38.39
C ILE K 72 61.79 15.78 -38.31
N ARG K 73 62.10 16.26 -37.11
CA ARG K 73 62.47 17.66 -37.01
C ARG K 73 63.92 17.86 -37.49
N GLY K 74 64.27 19.11 -37.74
CA GLY K 74 65.51 19.41 -38.44
C GLY K 74 66.74 18.91 -37.72
N ASP K 75 66.84 19.21 -36.42
CA ASP K 75 68.06 18.87 -35.69
C ASP K 75 68.27 17.36 -35.58
N GLU K 76 67.21 16.57 -35.66
CA GLU K 76 67.34 15.13 -35.64
C GLU K 76 67.78 14.56 -36.98
N VAL K 77 67.79 15.38 -38.03
CA VAL K 77 68.15 14.91 -39.37
C VAL K 77 69.54 14.28 -39.36
N ARG K 78 70.49 14.92 -38.69
CA ARG K 78 71.86 14.41 -38.69
C ARG K 78 71.99 13.07 -37.97
N GLN K 79 70.98 12.63 -37.23
CA GLN K 79 71.03 11.29 -36.64
C GLN K 79 70.76 10.19 -37.66
N ILE K 80 70.34 10.54 -38.87
CA ILE K 80 70.05 9.53 -39.90
C ILE K 80 71.37 9.26 -40.62
N ALA K 81 72.18 8.41 -40.02
CA ALA K 81 73.49 8.02 -40.55
C ALA K 81 74.05 6.88 -39.71
N PRO K 82 74.86 6.00 -40.29
CA PRO K 82 75.46 4.92 -39.51
C PRO K 82 76.39 5.47 -38.43
N GLY K 83 76.42 4.76 -37.31
CA GLY K 83 77.24 5.18 -36.18
C GLY K 83 76.69 6.35 -35.41
N GLN K 84 75.49 6.81 -35.73
CA GLN K 84 74.89 7.97 -35.09
C GLN K 84 73.96 7.53 -33.96
N THR K 85 73.97 8.29 -32.87
CA THR K 85 73.19 7.96 -31.70
C THR K 85 72.37 9.18 -31.27
N GLY K 86 71.29 8.91 -30.57
CA GLY K 86 70.37 9.95 -30.14
C GLY K 86 68.99 9.37 -29.93
N LYS K 87 67.99 10.24 -29.97
CA LYS K 87 66.62 9.79 -29.79
C LYS K 87 66.15 8.94 -30.95
N ILE K 88 66.15 9.50 -32.16
CA ILE K 88 65.60 8.80 -33.33
C ILE K 88 66.40 7.55 -33.63
N ALA K 89 67.74 7.65 -33.58
CA ALA K 89 68.58 6.51 -33.94
C ALA K 89 68.35 5.34 -33.00
N ASP K 90 68.31 5.60 -31.69
CA ASP K 90 68.17 4.51 -30.73
C ASP K 90 66.74 3.98 -30.65
N TYR K 91 65.72 4.81 -30.88
CA TYR K 91 64.35 4.42 -30.59
C TYR K 91 63.39 4.47 -31.77
N ASN K 92 63.73 5.12 -32.86
CA ASN K 92 62.76 5.36 -33.93
C ASN K 92 63.14 4.69 -35.24
N TYR K 93 64.35 4.93 -35.75
CA TYR K 93 64.76 4.34 -37.02
C TYR K 93 66.27 4.29 -37.06
N LYS K 94 66.84 3.09 -37.09
CA LYS K 94 68.28 2.90 -36.98
C LYS K 94 68.82 2.32 -38.29
N LEU K 95 69.88 2.93 -38.80
CA LEU K 95 70.65 2.61 -40.00
C LEU K 95 71.76 1.62 -39.66
N PRO K 96 72.03 0.65 -40.53
CA PRO K 96 73.06 -0.34 -40.24
C PRO K 96 74.46 0.20 -40.50
N ASP K 97 75.44 -0.51 -39.95
CA ASP K 97 76.83 -0.10 -40.09
C ASP K 97 77.31 -0.16 -41.53
N ASP K 98 76.62 -0.91 -42.39
CA ASP K 98 77.04 -1.17 -43.76
C ASP K 98 76.03 -0.61 -44.76
N PHE K 99 75.46 0.55 -44.44
CA PHE K 99 74.40 1.10 -45.29
C PHE K 99 74.91 1.38 -46.69
N THR K 100 74.49 0.58 -47.66
CA THR K 100 74.85 0.76 -49.06
C THR K 100 73.65 1.42 -49.74
N GLY K 101 73.66 2.74 -49.75
CA GLY K 101 72.51 3.48 -50.26
C GLY K 101 72.63 4.94 -49.89
N CYS K 102 71.54 5.66 -50.14
CA CYS K 102 71.55 7.10 -49.97
C CYS K 102 70.46 7.57 -49.01
N VAL K 103 70.65 8.79 -48.52
CA VAL K 103 69.73 9.45 -47.61
C VAL K 103 69.43 10.83 -48.18
N ILE K 104 68.15 11.12 -48.39
CA ILE K 104 67.69 12.39 -48.93
C ILE K 104 66.68 12.98 -47.96
N ALA K 105 66.71 14.30 -47.81
CA ALA K 105 65.80 14.96 -46.90
C ALA K 105 65.68 16.43 -47.28
N TRP K 106 64.48 16.97 -47.10
CA TRP K 106 64.24 18.37 -47.41
C TRP K 106 63.21 18.94 -46.45
N ASN K 107 63.29 20.25 -46.25
CA ASN K 107 62.35 20.94 -45.37
C ASN K 107 60.94 20.83 -45.94
N SER K 108 59.99 20.56 -45.06
CA SER K 108 58.57 20.51 -45.42
C SER K 108 57.75 21.29 -44.40
N ASN K 109 58.28 22.43 -43.97
CA ASN K 109 57.53 23.29 -43.04
C ASN K 109 56.21 23.73 -43.66
N ASN K 110 56.25 24.16 -44.92
CA ASN K 110 55.07 24.65 -45.60
C ASN K 110 54.01 23.57 -45.80
N LEU K 111 54.40 22.29 -45.71
CA LEU K 111 53.43 21.20 -45.77
C LEU K 111 53.03 20.73 -44.38
N ASP K 112 54.01 20.33 -43.57
CA ASP K 112 53.78 19.55 -42.36
C ASP K 112 53.69 20.39 -41.09
N SER K 113 53.81 21.72 -41.19
CA SER K 113 53.60 22.60 -40.05
C SER K 113 52.28 23.35 -40.27
N LYS K 114 51.29 23.04 -39.44
CA LYS K 114 50.03 23.75 -39.48
C LYS K 114 50.04 24.90 -38.49
N VAL K 115 49.25 25.92 -38.77
CA VAL K 115 49.12 27.02 -37.83
C VAL K 115 48.52 26.50 -36.54
N GLY K 116 49.14 26.85 -35.41
CA GLY K 116 48.70 26.33 -34.14
C GLY K 116 49.20 24.95 -33.82
N GLY K 117 49.99 24.34 -34.70
CA GLY K 117 50.63 23.08 -34.38
C GLY K 117 50.01 21.86 -35.03
N ASN K 118 50.75 21.24 -35.95
CA ASN K 118 50.37 19.95 -36.52
C ASN K 118 51.02 18.86 -35.68
N TYR K 119 50.24 18.28 -34.77
CA TYR K 119 50.74 17.30 -33.82
C TYR K 119 50.57 15.86 -34.31
N ASN K 120 50.16 15.67 -35.56
CA ASN K 120 49.89 14.33 -36.06
C ASN K 120 51.17 13.53 -36.29
N TYR K 121 52.32 14.19 -36.41
CA TYR K 121 53.60 13.50 -36.58
C TYR K 121 54.17 13.20 -35.20
N LEU K 122 54.46 11.92 -34.96
CA LEU K 122 54.96 11.46 -33.66
C LEU K 122 56.37 10.95 -33.76
N TYR K 123 56.93 10.65 -32.59
CA TYR K 123 58.22 9.98 -32.48
C TYR K 123 58.28 9.26 -31.14
N ARG K 124 58.93 8.10 -31.15
CA ARG K 124 59.04 7.31 -29.92
C ARG K 124 59.95 8.01 -28.94
N LEU K 125 59.52 8.07 -27.68
CA LEU K 125 60.28 8.76 -26.64
C LEU K 125 61.05 7.83 -25.73
N PHE K 126 60.49 6.66 -25.40
CA PHE K 126 61.17 5.68 -24.56
C PHE K 126 61.03 4.29 -25.14
N ARG K 127 62.03 3.45 -24.85
CA ARG K 127 62.00 2.04 -25.19
C ARG K 127 62.92 1.30 -24.22
N LYS K 128 62.59 0.03 -23.99
CA LYS K 128 63.39 -0.78 -23.07
C LYS K 128 64.74 -1.18 -23.68
N SER K 129 64.91 -1.04 -25.00
CA SER K 129 66.18 -1.29 -25.64
C SER K 129 66.25 -0.50 -26.94
N ASN K 130 67.46 -0.37 -27.47
CA ASN K 130 67.66 0.32 -28.74
C ASN K 130 67.08 -0.49 -29.89
N LEU K 131 66.93 0.17 -31.03
CA LEU K 131 66.43 -0.50 -32.22
C LEU K 131 67.54 -1.21 -32.97
N LYS K 132 67.24 -2.40 -33.46
CA LYS K 132 68.11 -3.07 -34.42
C LYS K 132 67.97 -2.39 -35.79
N PRO K 133 68.94 -2.57 -36.68
CA PRO K 133 68.88 -1.89 -37.97
C PRO K 133 67.60 -2.22 -38.73
N PHE K 134 67.02 -1.19 -39.35
CA PHE K 134 65.80 -1.31 -40.16
C PHE K 134 64.66 -1.93 -39.35
N GLU K 135 64.58 -1.64 -38.06
CA GLU K 135 63.49 -2.14 -37.24
C GLU K 135 62.43 -1.06 -37.06
N ARG K 136 61.18 -1.49 -37.01
CA ARG K 136 60.04 -0.60 -36.77
C ARG K 136 59.30 -1.09 -35.54
N ASP K 137 59.13 -0.21 -34.56
CA ASP K 137 58.31 -0.47 -33.39
C ASP K 137 57.09 0.44 -33.43
N ILE K 138 55.91 -0.14 -33.25
CA ILE K 138 54.66 0.60 -33.28
C ILE K 138 53.78 0.31 -32.08
N SER K 139 54.24 -0.52 -31.14
CA SER K 139 53.51 -0.77 -29.91
C SER K 139 53.46 0.50 -29.07
N THR K 140 52.37 0.64 -28.31
CA THR K 140 52.16 1.79 -27.45
C THR K 140 52.10 1.38 -25.97
N GLU K 141 52.82 0.33 -25.62
CA GLU K 141 52.85 -0.16 -24.24
C GLU K 141 53.52 0.88 -23.34
N ILE K 142 52.91 1.14 -22.19
CA ILE K 142 53.35 2.23 -21.32
C ILE K 142 54.74 1.95 -20.77
N TYR K 143 55.63 2.93 -20.92
CA TYR K 143 56.99 2.76 -20.45
C TYR K 143 57.05 2.79 -18.93
N GLN K 144 57.81 1.86 -18.35
CA GLN K 144 58.07 1.82 -16.92
C GLN K 144 59.43 2.44 -16.66
N ALA K 145 59.43 3.64 -16.09
CA ALA K 145 60.66 4.28 -15.62
C ALA K 145 60.80 4.19 -14.11
N GLY K 146 59.90 3.47 -13.44
CA GLY K 146 59.94 3.38 -12.00
C GLY K 146 60.12 1.97 -11.46
N SER K 147 59.70 1.75 -10.21
CA SER K 147 59.89 0.45 -9.58
C SER K 147 58.81 -0.54 -9.98
N THR K 148 57.55 -0.24 -9.63
CA THR K 148 56.44 -1.16 -9.83
C THR K 148 55.99 -1.17 -11.30
N PRO K 149 55.32 -2.24 -11.73
CA PRO K 149 54.90 -2.34 -13.14
C PRO K 149 53.94 -1.22 -13.53
N CYS K 150 53.99 -0.85 -14.82
CA CYS K 150 53.19 0.23 -15.37
C CYS K 150 51.93 -0.35 -16.03
N ASN K 151 50.77 0.05 -15.53
CA ASN K 151 49.48 -0.25 -16.15
C ASN K 151 48.80 1.07 -16.48
N GLY K 152 48.81 1.44 -17.75
CA GLY K 152 48.29 2.72 -18.18
C GLY K 152 49.26 3.85 -17.87
N VAL K 153 48.95 5.04 -18.42
CA VAL K 153 49.79 6.21 -18.21
C VAL K 153 49.65 6.77 -16.80
N GLU K 154 48.79 6.18 -15.98
CA GLU K 154 48.52 6.72 -14.65
C GLU K 154 49.72 6.62 -13.72
N GLY K 155 49.82 7.57 -12.80
CA GLY K 155 50.86 7.57 -11.79
C GLY K 155 52.19 8.08 -12.32
N PHE K 156 53.12 8.29 -11.38
CA PHE K 156 54.47 8.68 -11.75
C PHE K 156 55.17 7.53 -12.48
N ASN K 157 56.22 7.88 -13.22
CA ASN K 157 57.11 6.92 -13.85
C ASN K 157 56.41 5.98 -14.81
N CYS K 158 55.17 6.29 -15.18
CA CYS K 158 54.42 5.54 -16.19
C CYS K 158 54.06 6.52 -17.30
N TYR K 159 54.76 6.42 -18.43
CA TYR K 159 54.60 7.35 -19.53
C TYR K 159 54.15 6.64 -20.78
N PHE K 160 53.22 7.26 -21.50
CA PHE K 160 52.94 6.86 -22.86
C PHE K 160 54.21 7.04 -23.69
N PRO K 161 54.67 6.01 -24.40
CA PRO K 161 56.00 6.05 -25.00
C PRO K 161 56.11 6.83 -26.31
N LEU K 162 55.10 7.60 -26.68
CA LEU K 162 55.12 8.33 -27.95
C LEU K 162 54.86 9.80 -27.71
N GLN K 163 55.58 10.66 -28.42
CA GLN K 163 55.46 12.09 -28.29
C GLN K 163 55.08 12.71 -29.63
N SER K 164 54.34 13.81 -29.56
CA SER K 164 53.83 14.49 -30.74
C SER K 164 54.73 15.67 -31.11
N TYR K 165 55.06 15.78 -32.39
CA TYR K 165 55.85 16.91 -32.87
C TYR K 165 54.98 18.17 -32.93
N GLY K 166 55.51 19.26 -32.38
CA GLY K 166 54.78 20.51 -32.37
C GLY K 166 55.04 21.39 -33.58
N PHE K 167 54.81 20.85 -34.76
CA PHE K 167 55.18 21.54 -36.00
C PHE K 167 54.33 22.79 -36.17
N GLN K 168 54.99 23.95 -36.19
CA GLN K 168 54.33 25.21 -36.42
C GLN K 168 55.13 26.04 -37.42
N PRO K 169 54.46 26.92 -38.18
CA PRO K 169 55.19 27.68 -39.20
C PRO K 169 56.30 28.52 -38.62
N THR K 170 56.11 29.05 -37.43
CA THR K 170 57.11 29.89 -36.78
C THR K 170 58.16 29.08 -36.03
N ASN K 171 58.09 27.75 -36.09
CA ASN K 171 58.99 26.92 -35.30
C ASN K 171 60.44 27.11 -35.75
N GLY K 172 61.37 26.81 -34.85
CA GLY K 172 62.77 26.93 -35.18
C GLY K 172 63.16 25.97 -36.29
N VAL K 173 64.18 26.38 -37.06
CA VAL K 173 64.60 25.58 -38.20
C VAL K 173 65.07 24.20 -37.75
N GLY K 174 65.60 24.10 -36.53
CA GLY K 174 65.92 22.79 -35.99
C GLY K 174 64.69 21.99 -35.58
N TYR K 175 63.60 22.68 -35.27
CA TYR K 175 62.34 22.04 -34.91
C TYR K 175 61.34 22.02 -36.06
N GLN K 176 61.73 22.48 -37.24
CA GLN K 176 60.84 22.46 -38.40
C GLN K 176 60.77 21.04 -38.99
N PRO K 177 59.65 20.69 -39.61
CA PRO K 177 59.52 19.34 -40.16
C PRO K 177 60.31 19.18 -41.45
N TYR K 178 61.01 18.06 -41.55
CA TYR K 178 61.75 17.68 -42.74
C TYR K 178 61.30 16.28 -43.16
N ARG K 179 61.05 16.12 -44.44
CA ARG K 179 60.70 14.84 -45.03
C ARG K 179 61.98 14.14 -45.45
N VAL K 180 62.09 12.86 -45.08
CA VAL K 180 63.29 12.07 -45.29
C VAL K 180 62.92 10.80 -46.03
N VAL K 181 63.68 10.50 -47.08
CA VAL K 181 63.59 9.26 -47.83
C VAL K 181 64.94 8.57 -47.77
N VAL K 182 64.94 7.31 -47.35
CA VAL K 182 66.13 6.46 -47.33
C VAL K 182 66.01 5.49 -48.48
N LEU K 183 67.06 5.41 -49.29
CA LEU K 183 67.09 4.52 -50.45
C LEU K 183 68.16 3.46 -50.20
N SER K 184 67.72 2.26 -49.84
CA SER K 184 68.61 1.14 -49.60
C SER K 184 68.64 0.26 -50.85
N PHE K 185 69.84 -0.12 -51.27
CA PHE K 185 70.06 -0.85 -52.52
C PHE K 185 70.40 -2.29 -52.16
N GLU K 186 69.48 -3.21 -52.42
CA GLU K 186 69.66 -4.61 -52.03
C GLU K 186 69.92 -5.44 -53.27
N LEU K 187 71.01 -6.20 -53.26
CA LEU K 187 71.38 -7.10 -54.34
C LEU K 187 71.34 -8.53 -53.81
N LEU K 188 70.36 -9.31 -54.27
CA LEU K 188 70.23 -10.70 -53.87
C LEU K 188 70.94 -11.60 -54.86
N HIS K 189 71.06 -12.88 -54.49
CA HIS K 189 71.66 -13.87 -55.38
C HIS K 189 70.64 -14.28 -56.44
N ALA K 190 70.08 -13.29 -57.13
CA ALA K 190 69.02 -13.48 -58.10
C ALA K 190 69.17 -12.39 -59.15
N PRO K 191 68.56 -12.56 -60.32
CA PRO K 191 68.65 -11.52 -61.35
C PRO K 191 68.16 -10.17 -60.85
N ALA K 192 68.90 -9.13 -61.20
CA ALA K 192 68.55 -7.78 -60.79
C ALA K 192 67.28 -7.32 -61.47
N THR K 193 66.43 -6.60 -60.72
CA THR K 193 65.17 -6.10 -61.25
C THR K 193 65.12 -4.59 -61.38
N VAL K 194 65.96 -3.86 -60.66
CA VAL K 194 66.02 -2.41 -60.74
C VAL K 194 67.36 -2.02 -61.36
N CYS K 195 67.30 -1.18 -62.39
CA CYS K 195 68.51 -0.77 -63.09
C CYS K 195 68.41 0.70 -63.45
N GLY K 196 69.56 1.35 -63.56
CA GLY K 196 69.59 2.72 -64.03
C GLY K 196 69.49 2.79 -65.54
N PRO K 197 69.42 4.03 -66.06
CA PRO K 197 69.39 4.27 -67.51
C PRO K 197 70.66 3.77 -68.20
N VAL L 2 19.34 17.10 2.40
CA VAL L 2 19.95 16.39 1.29
C VAL L 2 20.06 14.91 1.59
N GLN L 3 19.51 14.08 0.70
CA GLN L 3 19.55 12.63 0.84
C GLN L 3 20.01 12.00 -0.47
N LEU L 4 20.75 10.90 -0.35
CA LEU L 4 21.27 10.13 -1.47
C LEU L 4 20.71 8.72 -1.39
N VAL L 5 19.87 8.37 -2.35
CA VAL L 5 19.16 7.09 -2.37
C VAL L 5 19.90 6.17 -3.32
N GLN L 6 20.53 5.14 -2.80
CA GLN L 6 21.29 4.22 -3.62
C GLN L 6 20.41 3.04 -4.06
N SER L 7 20.91 2.29 -5.03
CA SER L 7 20.21 1.13 -5.53
C SER L 7 20.33 -0.03 -4.55
N GLY L 8 19.67 -1.15 -4.87
CA GLY L 8 19.77 -2.32 -4.04
C GLY L 8 21.14 -2.96 -4.12
N ALA L 9 21.46 -3.72 -3.07
CA ALA L 9 22.75 -4.39 -2.96
C ALA L 9 22.77 -5.58 -3.92
N GLU L 10 23.06 -5.28 -5.19
CA GLU L 10 23.12 -6.34 -6.19
C GLU L 10 24.36 -7.20 -5.98
N VAL L 11 24.28 -8.44 -6.46
CA VAL L 11 25.36 -9.42 -6.33
C VAL L 11 25.45 -10.21 -7.63
N LYS L 12 26.67 -10.33 -8.16
CA LYS L 12 26.92 -10.98 -9.45
C LYS L 12 27.94 -12.10 -9.28
N LYS L 13 28.27 -12.74 -10.40
CA LYS L 13 29.23 -13.82 -10.57
C LYS L 13 30.53 -13.28 -11.11
N PRO L 14 31.64 -14.03 -11.00
CA PRO L 14 32.93 -13.50 -11.44
C PRO L 14 32.94 -13.14 -12.91
N GLY L 15 33.47 -11.95 -13.21
CA GLY L 15 33.55 -11.47 -14.58
C GLY L 15 32.33 -10.77 -15.12
N ALA L 16 31.39 -10.37 -14.25
CA ALA L 16 30.14 -9.78 -14.69
C ALA L 16 30.21 -8.26 -14.63
N SER L 17 29.14 -7.62 -15.09
CA SER L 17 28.99 -6.17 -15.04
C SER L 17 27.82 -5.84 -14.11
N VAL L 18 28.06 -4.93 -13.18
CA VAL L 18 27.03 -4.50 -12.23
C VAL L 18 26.96 -2.98 -12.26
N LYS L 19 25.74 -2.45 -12.32
CA LYS L 19 25.49 -1.02 -12.35
C LYS L 19 24.68 -0.63 -11.11
N LEU L 20 25.09 0.43 -10.45
CA LEU L 20 24.39 0.95 -9.28
C LEU L 20 23.92 2.37 -9.54
N SER L 21 22.80 2.72 -8.92
CA SER L 21 22.18 4.03 -9.04
C SER L 21 22.34 4.81 -7.74
N CYS L 22 22.17 6.13 -7.85
CA CYS L 22 22.25 7.02 -6.70
C CYS L 22 21.47 8.28 -7.07
N LYS L 23 20.28 8.45 -6.49
CA LYS L 23 19.44 9.59 -6.79
C LYS L 23 19.53 10.61 -5.66
N ALA L 24 19.71 11.88 -6.03
CA ALA L 24 19.91 12.96 -5.08
C ALA L 24 18.59 13.67 -4.79
N SER L 25 18.50 14.23 -3.59
CA SER L 25 17.32 14.99 -3.20
C SER L 25 17.74 16.20 -2.37
N GLY L 26 16.86 17.19 -2.32
CA GLY L 26 17.01 18.32 -1.42
C GLY L 26 17.97 19.40 -1.88
N TYR L 27 18.52 19.31 -3.08
CA TYR L 27 19.45 20.34 -3.53
C TYR L 27 19.48 20.36 -5.05
N THR L 28 20.00 21.46 -5.60
CA THR L 28 20.16 21.60 -7.05
C THR L 28 21.14 20.56 -7.57
N PHE L 29 20.62 19.61 -8.35
CA PHE L 29 21.36 18.37 -8.63
C PHE L 29 22.67 18.63 -9.37
N THR L 30 22.66 19.53 -10.35
CA THR L 30 23.79 19.69 -11.25
C THR L 30 24.94 20.49 -10.64
N SER L 31 24.76 21.09 -9.46
CA SER L 31 25.79 21.95 -8.91
C SER L 31 26.97 21.14 -8.37
N TYR L 32 26.71 20.07 -7.62
CA TYR L 32 27.75 19.31 -6.94
C TYR L 32 28.08 18.03 -7.71
N SER L 33 29.37 17.78 -7.88
CA SER L 33 29.80 16.52 -8.48
C SER L 33 29.47 15.37 -7.55
N ILE L 34 29.29 14.19 -8.14
CA ILE L 34 28.96 12.98 -7.40
C ILE L 34 30.15 12.03 -7.49
N ASN L 35 30.70 11.67 -6.33
CA ASN L 35 31.85 10.79 -6.24
C ASN L 35 31.40 9.41 -5.76
N TRP L 36 32.28 8.43 -5.97
CA TRP L 36 32.02 7.05 -5.55
C TRP L 36 33.21 6.56 -4.74
N VAL L 37 32.94 5.93 -3.60
CA VAL L 37 33.99 5.35 -2.75
C VAL L 37 33.53 3.98 -2.28
N ARG L 38 34.42 2.99 -2.38
CA ARG L 38 34.08 1.62 -2.02
C ARG L 38 34.93 1.15 -0.84
N GLN L 39 34.32 0.35 0.03
CA GLN L 39 34.97 -0.20 1.21
C GLN L 39 34.89 -1.72 1.16
N ALA L 40 36.04 -2.37 1.03
CA ALA L 40 36.10 -3.81 1.23
C ALA L 40 35.81 -4.13 2.68
N PRO L 41 35.11 -5.22 2.97
CA PRO L 41 34.80 -5.55 4.37
C PRO L 41 36.06 -5.75 5.18
N GLY L 42 36.06 -5.16 6.39
CA GLY L 42 37.21 -5.23 7.27
C GLY L 42 38.38 -4.38 6.85
N GLN L 43 38.20 -3.53 5.84
CA GLN L 43 39.29 -2.74 5.28
C GLN L 43 38.84 -1.29 5.14
N GLY L 44 39.71 -0.47 4.57
CA GLY L 44 39.50 0.96 4.49
C GLY L 44 38.68 1.39 3.30
N LEU L 45 38.82 2.67 2.95
CA LEU L 45 38.02 3.31 1.91
C LEU L 45 38.87 3.50 0.66
N GLU L 46 38.31 3.14 -0.50
CA GLU L 46 38.99 3.31 -1.78
C GLU L 46 38.20 4.29 -2.63
N TRP L 47 38.86 5.37 -3.04
CA TRP L 47 38.23 6.31 -3.95
C TRP L 47 38.15 5.69 -5.35
N MET L 48 36.98 5.83 -5.99
CA MET L 48 36.74 5.26 -7.30
C MET L 48 36.71 6.28 -8.42
N GLY L 49 36.28 7.51 -8.15
CA GLY L 49 36.17 8.54 -9.15
C GLY L 49 34.96 9.40 -8.89
N TRP L 50 34.65 10.24 -9.87
CA TRP L 50 33.49 11.12 -9.77
C TRP L 50 33.00 11.50 -11.16
N VAL L 51 31.78 12.02 -11.19
CA VAL L 51 31.17 12.55 -12.40
C VAL L 51 30.44 13.85 -12.04
N ASN L 52 30.58 14.86 -12.89
CA ASN L 52 29.91 16.13 -12.67
C ASN L 52 28.56 16.11 -13.38
N PRO L 53 27.45 16.27 -12.65
CA PRO L 53 26.13 16.25 -13.32
C PRO L 53 25.88 17.46 -14.21
N SER L 54 26.64 18.54 -14.05
CA SER L 54 26.42 19.73 -14.87
C SER L 54 26.79 19.47 -16.33
N ASN L 55 27.96 18.90 -16.56
CA ASN L 55 28.45 18.67 -17.92
C ASN L 55 28.71 17.21 -18.25
N GLY L 56 28.82 16.33 -17.25
CA GLY L 56 29.06 14.93 -17.49
C GLY L 56 30.51 14.51 -17.49
N VAL L 57 31.42 15.35 -17.00
CA VAL L 57 32.84 15.00 -16.99
C VAL L 57 33.09 13.90 -15.97
N THR L 58 33.68 12.80 -16.43
CA THR L 58 33.93 11.64 -15.58
C THR L 58 35.43 11.49 -15.37
N VAL L 59 35.85 11.49 -14.11
CA VAL L 59 37.23 11.27 -13.72
C VAL L 59 37.30 9.96 -12.95
N TYR L 60 38.22 9.09 -13.36
CA TYR L 60 38.32 7.75 -12.80
C TYR L 60 39.66 7.59 -12.07
N ALA L 61 39.63 6.84 -10.97
CA ALA L 61 40.84 6.56 -10.23
C ALA L 61 41.77 5.67 -11.05
N GLN L 62 43.05 5.75 -10.69
CA GLN L 62 44.07 5.06 -11.49
C GLN L 62 43.92 3.54 -11.45
N LYS L 63 43.31 3.02 -10.40
CA LYS L 63 43.20 1.57 -10.24
C LYS L 63 42.07 0.98 -11.08
N PHE L 64 40.98 1.71 -11.27
CA PHE L 64 39.76 1.14 -11.82
C PHE L 64 39.43 1.59 -13.23
N GLN L 65 40.11 2.60 -13.77
CA GLN L 65 39.76 3.08 -15.09
C GLN L 65 40.01 1.99 -16.13
N GLY L 66 39.18 1.98 -17.17
CA GLY L 66 39.12 0.86 -18.08
C GLY L 66 38.11 -0.20 -17.69
N ARG L 67 37.48 -0.06 -16.53
CA ARG L 67 36.40 -0.92 -16.10
C ARG L 67 35.19 -0.17 -15.55
N VAL L 68 35.35 1.09 -15.16
CA VAL L 68 34.30 1.86 -14.50
C VAL L 68 33.79 2.93 -15.46
N THR L 69 32.47 3.04 -15.57
CA THR L 69 31.84 4.10 -16.34
C THR L 69 30.80 4.79 -15.48
N MET L 70 30.91 6.11 -15.35
CA MET L 70 30.01 6.90 -14.53
C MET L 70 29.13 7.77 -15.42
N THR L 71 27.83 7.81 -15.12
CA THR L 71 26.85 8.49 -15.95
C THR L 71 25.93 9.35 -15.10
N ARG L 72 25.27 10.29 -15.77
CA ARG L 72 24.38 11.24 -15.11
C ARG L 72 23.04 11.27 -15.84
N ASP L 73 22.00 11.66 -15.09
CA ASP L 73 20.64 11.76 -15.63
C ASP L 73 19.99 12.94 -14.94
N THR L 74 20.04 14.11 -15.58
CA THR L 74 19.52 15.33 -14.99
C THR L 74 18.00 15.40 -15.02
N SER L 75 17.36 14.69 -15.96
CA SER L 75 15.91 14.68 -16.01
C SER L 75 15.28 13.93 -14.84
N THR L 76 16.04 13.06 -14.17
CA THR L 76 15.54 12.32 -13.01
C THR L 76 16.34 12.62 -11.75
N SER L 77 17.27 13.58 -11.79
CA SER L 77 18.10 13.95 -10.64
C SER L 77 18.83 12.73 -10.09
N THR L 78 19.50 12.00 -10.98
CA THR L 78 20.12 10.74 -10.59
C THR L 78 21.49 10.62 -11.24
N ALA L 79 22.36 9.83 -10.62
CA ALA L 79 23.66 9.46 -11.18
C ALA L 79 23.81 7.95 -11.06
N TYR L 80 24.70 7.39 -11.87
CA TYR L 80 24.90 5.95 -11.87
C TYR L 80 26.38 5.64 -12.10
N MET L 81 26.79 4.46 -11.66
CA MET L 81 28.15 3.99 -11.91
C MET L 81 28.13 2.50 -12.17
N GLU L 82 28.81 2.08 -13.23
CA GLU L 82 28.87 0.69 -13.67
C GLU L 82 30.31 0.19 -13.59
N LEU L 83 30.50 -0.98 -13.01
CA LEU L 83 31.79 -1.64 -12.96
C LEU L 83 31.69 -2.99 -13.65
N SER L 84 32.69 -3.29 -14.49
CA SER L 84 32.71 -4.50 -15.30
C SER L 84 33.99 -5.29 -15.05
N SER L 85 33.96 -6.56 -15.47
CA SER L 85 35.04 -7.51 -15.21
C SER L 85 35.30 -7.65 -13.71
N LEU L 86 34.28 -8.16 -13.02
CA LEU L 86 34.31 -8.23 -11.56
C LEU L 86 35.25 -9.34 -11.10
N ARG L 87 36.26 -8.97 -10.32
CA ARG L 87 37.14 -9.93 -9.67
C ARG L 87 36.62 -10.23 -8.28
N PHE L 88 37.08 -11.35 -7.72
CA PHE L 88 36.66 -11.74 -6.38
C PHE L 88 36.99 -10.67 -5.35
N GLU L 89 38.05 -9.91 -5.60
CA GLU L 89 38.46 -8.85 -4.68
C GLU L 89 37.49 -7.68 -4.69
N ASP L 90 36.70 -7.53 -5.75
CA ASP L 90 35.80 -6.39 -5.86
C ASP L 90 34.69 -6.40 -4.83
N THR L 91 34.57 -7.49 -4.04
CA THR L 91 33.56 -7.58 -3.00
C THR L 91 33.70 -6.43 -2.01
N ALA L 92 32.71 -5.53 -2.00
CA ALA L 92 32.79 -4.33 -1.18
C ALA L 92 31.41 -3.70 -1.10
N VAL L 93 31.27 -2.76 -0.17
CA VAL L 93 30.09 -1.91 -0.09
C VAL L 93 30.46 -0.56 -0.70
N TYR L 94 29.63 -0.11 -1.64
CA TYR L 94 29.92 1.06 -2.46
C TYR L 94 28.98 2.19 -2.04
N TYR L 95 29.56 3.37 -1.81
CA TYR L 95 28.82 4.56 -1.41
C TYR L 95 29.02 5.65 -2.45
N CYS L 96 27.98 6.47 -2.59
CA CYS L 96 28.01 7.66 -3.42
C CYS L 96 27.94 8.88 -2.52
N ALA L 97 28.74 9.91 -2.84
CA ALA L 97 28.90 11.07 -1.98
C ALA L 97 28.86 12.35 -2.80
N ARG L 98 28.52 13.43 -2.12
CA ARG L 98 28.39 14.75 -2.74
C ARG L 98 29.67 15.54 -2.51
N GLU L 99 30.27 16.03 -3.60
CA GLU L 99 31.48 16.85 -3.52
C GLU L 99 31.05 18.29 -3.33
N ARG L 100 30.99 18.72 -2.06
CA ARG L 100 30.55 20.07 -1.77
C ARG L 100 31.53 21.11 -2.30
N ASP L 101 32.84 20.82 -2.22
CA ASP L 101 33.85 21.74 -2.72
C ASP L 101 34.74 21.01 -3.72
N GLN L 102 35.07 21.70 -4.81
CA GLN L 102 35.88 21.12 -5.87
C GLN L 102 37.36 21.44 -5.71
N LEU L 103 37.69 22.68 -5.35
CA LEU L 103 39.09 23.07 -5.17
C LEU L 103 39.72 22.32 -4.00
N VAL L 104 38.98 22.13 -2.92
CA VAL L 104 39.39 21.28 -1.80
C VAL L 104 38.38 20.14 -1.72
N VAL L 105 38.82 18.93 -2.04
CA VAL L 105 37.91 17.80 -2.17
C VAL L 105 37.51 17.33 -0.77
N TYR L 106 36.23 17.48 -0.44
CA TYR L 106 35.66 16.88 0.74
C TYR L 106 34.19 16.62 0.49
N PHE L 107 33.58 15.79 1.32
CA PHE L 107 32.21 15.34 1.12
C PHE L 107 31.38 15.62 2.35
N ASP L 108 30.21 16.22 2.16
CA ASP L 108 29.32 16.56 3.27
C ASP L 108 28.30 15.47 3.55
N HIS L 109 27.79 14.83 2.51
CA HIS L 109 26.72 13.84 2.63
C HIS L 109 27.17 12.52 2.01
N TRP L 110 26.53 11.43 2.47
CA TRP L 110 26.90 10.09 2.04
C TRP L 110 25.65 9.26 1.81
N GLY L 111 25.75 8.31 0.88
CA GLY L 111 24.71 7.33 0.70
C GLY L 111 24.86 6.16 1.65
N GLN L 112 23.76 5.43 1.83
CA GLN L 112 23.77 4.29 2.75
C GLN L 112 24.66 3.16 2.23
N GLY L 113 24.87 3.08 0.92
CA GLY L 113 25.76 2.10 0.34
C GLY L 113 25.02 0.88 -0.17
N ALA L 114 25.69 0.12 -1.02
CA ALA L 114 25.16 -1.13 -1.55
C ALA L 114 26.27 -2.18 -1.56
N LEU L 115 25.90 -3.42 -1.19
CA LEU L 115 26.86 -4.50 -1.08
C LEU L 115 26.95 -5.29 -2.38
N VAL L 116 28.13 -5.35 -2.96
CA VAL L 116 28.40 -6.16 -4.14
C VAL L 116 29.40 -7.23 -3.74
N THR L 117 28.99 -8.49 -3.81
CA THR L 117 29.84 -9.61 -3.46
C THR L 117 30.08 -10.45 -4.70
N VAL L 118 31.34 -10.63 -5.06
CA VAL L 118 31.72 -11.38 -6.26
C VAL L 118 32.21 -12.75 -5.82
N SER L 119 31.50 -13.80 -6.23
CA SER L 119 31.91 -15.16 -5.95
C SER L 119 31.25 -16.09 -6.96
N SER L 120 31.76 -17.31 -7.03
CA SER L 120 31.18 -18.34 -7.89
C SER L 120 29.69 -18.49 -7.57
N ALA L 121 28.88 -18.65 -8.62
CA ALA L 121 27.43 -18.52 -8.49
C ALA L 121 26.85 -19.43 -7.43
N SER L 122 26.92 -20.75 -7.65
CA SER L 122 26.65 -21.75 -6.62
C SER L 122 25.29 -21.55 -5.92
N THR L 123 24.32 -20.93 -6.61
CA THR L 123 23.05 -20.60 -5.97
C THR L 123 22.36 -21.86 -5.44
N LYS L 124 22.22 -21.93 -4.12
CA LYS L 124 21.66 -23.11 -3.48
C LYS L 124 20.86 -22.68 -2.25
N GLY L 125 19.78 -23.40 -1.98
CA GLY L 125 18.98 -23.18 -0.80
C GLY L 125 19.64 -23.74 0.43
N PRO L 126 19.11 -23.33 1.59
CA PRO L 126 19.71 -23.77 2.85
C PRO L 126 19.30 -25.19 3.23
N SER L 127 20.11 -25.78 4.10
CA SER L 127 19.75 -27.02 4.77
C SER L 127 19.46 -26.71 6.23
N VAL L 128 18.42 -27.32 6.79
CA VAL L 128 17.95 -27.00 8.12
C VAL L 128 18.09 -28.22 9.01
N PHE L 129 18.75 -28.05 10.16
CA PHE L 129 18.87 -29.07 11.19
C PHE L 129 18.40 -28.53 12.53
N PRO L 130 17.85 -29.38 13.38
CA PRO L 130 17.52 -28.94 14.74
C PRO L 130 18.67 -29.17 15.70
N LEU L 131 18.87 -28.22 16.60
CA LEU L 131 19.86 -28.28 17.66
C LEU L 131 19.09 -28.49 18.96
N ALA L 132 18.98 -29.76 19.36
CA ALA L 132 18.09 -30.13 20.45
C ALA L 132 18.64 -29.64 21.78
N PRO L 133 17.77 -29.40 22.76
CA PRO L 133 18.24 -29.05 24.11
C PRO L 133 18.81 -30.28 24.81
N SER L 134 20.08 -30.21 25.18
CA SER L 134 20.73 -31.32 25.85
C SER L 134 20.35 -31.32 27.34
N SER L 135 20.80 -32.37 28.04
CA SER L 135 20.63 -32.41 29.49
C SER L 135 21.50 -31.38 30.20
N ARG L 136 22.55 -30.89 29.54
CA ARG L 136 23.31 -29.74 30.05
C ARG L 136 22.71 -28.41 29.60
N SER L 137 21.73 -28.44 28.70
CA SER L 137 20.94 -27.27 28.34
C SER L 137 19.71 -27.14 29.23
N THR L 138 18.99 -28.25 29.44
CA THR L 138 17.83 -28.26 30.33
C THR L 138 18.20 -27.88 31.76
N SER L 139 19.48 -27.99 32.11
CA SER L 139 19.90 -27.74 33.49
C SER L 139 19.76 -26.26 33.86
N GLU L 140 20.28 -25.36 33.03
CA GLU L 140 19.90 -23.96 33.14
C GLU L 140 18.39 -23.89 32.91
N SER L 141 17.63 -23.51 33.95
CA SER L 141 16.18 -23.74 33.93
C SER L 141 15.54 -23.17 32.67
N THR L 142 16.07 -22.05 32.19
CA THR L 142 15.80 -21.57 30.83
C THR L 142 16.80 -22.28 29.91
N ALA L 143 16.38 -23.43 29.39
CA ALA L 143 17.24 -24.26 28.55
C ALA L 143 17.52 -23.57 27.22
N ALA L 144 18.49 -24.13 26.49
CA ALA L 144 18.92 -23.59 25.22
C ALA L 144 18.66 -24.60 24.11
N LEU L 145 18.07 -24.13 23.01
CA LEU L 145 17.88 -24.97 21.84
C LEU L 145 17.79 -24.08 20.62
N GLY L 146 17.95 -24.66 19.43
CA GLY L 146 17.97 -23.80 18.27
C GLY L 146 17.83 -24.53 16.95
N CYS L 147 18.05 -23.79 15.89
CA CYS L 147 18.06 -24.29 14.52
C CYS L 147 19.46 -24.13 13.94
N LEU L 148 19.66 -24.70 12.75
CA LEU L 148 20.95 -24.65 12.07
C LEU L 148 20.70 -24.56 10.58
N VAL L 149 21.02 -23.40 9.99
CA VAL L 149 20.91 -23.15 8.58
C VAL L 149 22.28 -23.30 7.95
N LYS L 150 22.37 -24.12 6.91
CA LYS L 150 23.66 -24.52 6.34
C LYS L 150 23.69 -24.27 4.84
N ASP L 151 24.90 -24.03 4.33
CA ASP L 151 25.33 -24.00 2.93
C ASP L 151 24.28 -23.48 1.96
N TYR L 152 23.86 -22.24 2.14
CA TYR L 152 23.01 -21.51 1.20
C TYR L 152 23.80 -20.35 0.61
N PHE L 153 23.65 -20.13 -0.71
CA PHE L 153 24.52 -19.14 -1.33
C PHE L 153 24.16 -17.67 -1.07
N PRO L 154 22.99 -17.17 -1.50
CA PRO L 154 22.74 -15.73 -1.39
C PRO L 154 22.65 -15.29 0.07
N GLU L 155 23.29 -14.17 0.37
CA GLU L 155 23.44 -13.74 1.77
C GLU L 155 22.14 -13.52 2.53
N PRO L 156 21.05 -12.97 1.95
CA PRO L 156 19.88 -12.70 2.80
C PRO L 156 19.05 -13.96 3.04
N VAL L 157 18.85 -14.30 4.31
CA VAL L 157 17.97 -15.39 4.71
C VAL L 157 17.32 -15.01 6.03
N THR L 158 16.05 -15.35 6.19
CA THR L 158 15.29 -15.02 7.38
C THR L 158 15.06 -16.28 8.22
N VAL L 159 15.21 -16.14 9.53
CA VAL L 159 14.84 -17.18 10.48
C VAL L 159 13.90 -16.58 11.50
N SER L 160 12.69 -17.11 11.58
CA SER L 160 11.68 -16.61 12.51
C SER L 160 11.18 -17.77 13.35
N TRP L 161 11.10 -17.56 14.65
CA TRP L 161 10.64 -18.62 15.54
C TRP L 161 9.14 -18.50 15.77
N ASN L 162 8.43 -19.60 15.54
CA ASN L 162 6.98 -19.66 15.69
C ASN L 162 6.30 -18.57 14.84
N SER L 163 6.66 -18.54 13.56
CA SER L 163 6.05 -17.63 12.59
C SER L 163 6.10 -16.18 13.07
N GLY L 164 7.25 -15.79 13.60
CA GLY L 164 7.43 -14.42 14.07
C GLY L 164 6.60 -14.09 15.29
N SER L 165 6.58 -14.98 16.28
CA SER L 165 5.91 -14.69 17.55
C SER L 165 6.88 -14.66 18.72
N LEU L 166 7.68 -15.72 18.90
CA LEU L 166 8.60 -15.81 20.03
C LEU L 166 9.83 -14.93 19.73
N THR L 167 10.01 -13.87 20.52
CA THR L 167 11.12 -12.96 20.25
C THR L 167 12.01 -12.71 21.45
N SER L 168 11.46 -12.65 22.66
CA SER L 168 12.28 -12.38 23.84
C SER L 168 13.09 -13.64 24.18
N GLY L 169 14.42 -13.48 24.28
CA GLY L 169 15.28 -14.61 24.54
C GLY L 169 15.78 -15.35 23.32
N VAL L 170 15.73 -14.74 22.13
CA VAL L 170 16.15 -15.37 20.90
C VAL L 170 17.30 -14.57 20.31
N HIS L 171 18.31 -15.27 19.81
CA HIS L 171 19.46 -14.64 19.16
C HIS L 171 19.76 -15.37 17.86
N THR L 172 19.72 -14.65 16.75
CA THR L 172 20.08 -15.19 15.45
C THR L 172 21.47 -14.68 15.09
N PHE L 173 22.41 -15.59 14.92
CA PHE L 173 23.81 -15.23 14.80
C PHE L 173 24.18 -14.87 13.37
N PRO L 174 25.22 -14.07 13.19
CA PRO L 174 25.68 -13.76 11.83
C PRO L 174 26.11 -15.01 11.09
N ALA L 175 25.79 -15.04 9.80
CA ALA L 175 26.20 -16.16 8.96
C ALA L 175 27.72 -16.15 8.79
N VAL L 176 28.28 -17.33 8.62
CA VAL L 176 29.71 -17.51 8.40
C VAL L 176 29.93 -17.94 6.95
N LEU L 177 30.87 -17.29 6.28
CA LEU L 177 31.31 -17.74 4.97
C LEU L 177 32.26 -18.92 5.17
N GLN L 178 31.77 -20.12 4.91
CA GLN L 178 32.63 -21.29 4.99
C GLN L 178 33.68 -21.25 3.89
N SER L 179 34.82 -21.88 4.15
CA SER L 179 35.89 -21.92 3.16
C SER L 179 35.42 -22.54 1.86
N SER L 180 34.40 -23.39 1.91
CA SER L 180 33.80 -23.96 0.71
C SER L 180 33.06 -22.92 -0.13
N GLY L 181 32.84 -21.72 0.41
CA GLY L 181 32.17 -20.68 -0.33
C GLY L 181 30.68 -20.54 -0.06
N LEU L 182 30.17 -21.17 0.99
CA LEU L 182 28.75 -21.16 1.29
C LEU L 182 28.52 -20.63 2.70
N TYR L 183 27.32 -20.09 2.90
CA TYR L 183 26.97 -19.50 4.18
C TYR L 183 26.39 -20.54 5.15
N SER L 184 26.32 -20.15 6.41
CA SER L 184 25.68 -20.94 7.45
C SER L 184 25.46 -20.08 8.69
N LEU L 185 24.26 -20.12 9.25
CA LEU L 185 23.99 -19.37 10.47
C LEU L 185 23.11 -20.20 11.40
N SER L 186 23.24 -19.92 12.70
CA SER L 186 22.51 -20.64 13.73
C SER L 186 21.68 -19.65 14.54
N SER L 187 20.42 -19.98 14.76
CA SER L 187 19.51 -19.20 15.59
C SER L 187 19.19 -19.99 16.84
N VAL L 188 19.43 -19.38 18.00
CA VAL L 188 19.27 -20.06 19.28
C VAL L 188 18.22 -19.32 20.10
N VAL L 189 17.65 -20.04 21.07
CA VAL L 189 16.57 -19.51 21.89
C VAL L 189 16.66 -20.15 23.27
N THR L 190 16.24 -19.39 24.28
CA THR L 190 16.39 -19.75 25.69
C THR L 190 15.00 -19.76 26.33
N VAL L 191 14.49 -20.96 26.60
CA VAL L 191 13.09 -21.13 27.01
C VAL L 191 13.02 -21.93 28.30
N PRO L 192 12.13 -21.60 29.24
CA PRO L 192 12.09 -22.33 30.51
C PRO L 192 11.82 -23.82 30.32
N SER L 193 12.42 -24.61 31.21
CA SER L 193 12.18 -26.05 31.22
C SER L 193 10.73 -26.40 31.48
N SER L 194 9.98 -25.49 32.10
CA SER L 194 8.60 -25.77 32.48
C SER L 194 7.68 -25.98 31.30
N SER L 195 8.13 -25.66 30.08
CA SER L 195 7.29 -25.77 28.89
C SER L 195 7.87 -26.68 27.83
N LEU L 196 8.95 -27.40 28.13
CA LEU L 196 9.63 -28.19 27.10
C LEU L 196 8.72 -29.28 26.55
N GLY L 197 7.96 -29.95 27.41
CA GLY L 197 6.98 -30.89 26.92
C GLY L 197 5.73 -30.19 26.42
N THR L 198 5.26 -29.22 27.20
CA THR L 198 4.01 -28.52 26.90
C THR L 198 4.08 -27.73 25.59
N GLN L 199 4.90 -26.69 25.56
CA GLN L 199 4.91 -25.81 24.40
C GLN L 199 5.67 -26.44 23.25
N THR L 200 5.28 -26.07 22.04
CA THR L 200 5.91 -26.55 20.82
C THR L 200 6.68 -25.40 20.17
N TYR L 201 7.96 -25.63 19.90
CA TYR L 201 8.84 -24.62 19.29
C TYR L 201 9.25 -25.10 17.90
N VAL L 202 8.84 -24.35 16.89
CA VAL L 202 9.17 -24.64 15.51
C VAL L 202 9.81 -23.40 14.91
N CYS L 203 10.94 -23.57 14.25
CA CYS L 203 11.57 -22.43 13.59
C CYS L 203 11.30 -22.48 12.10
N ASN L 204 11.22 -21.30 11.51
CA ASN L 204 10.76 -21.11 10.14
C ASN L 204 11.89 -20.42 9.39
N VAL L 205 12.53 -21.16 8.49
CA VAL L 205 13.61 -20.62 7.69
C VAL L 205 13.03 -20.24 6.33
N ASN L 206 13.22 -18.99 5.96
CA ASN L 206 12.70 -18.44 4.72
C ASN L 206 13.88 -17.91 3.91
N HIS L 207 14.17 -18.57 2.79
CA HIS L 207 15.26 -18.19 1.90
C HIS L 207 14.59 -17.76 0.60
N LYS L 208 14.26 -16.47 0.51
CA LYS L 208 13.59 -15.96 -0.68
C LYS L 208 14.42 -16.11 -1.95
N PRO L 209 15.71 -15.80 -1.98
CA PRO L 209 16.43 -15.90 -3.26
C PRO L 209 16.41 -17.28 -3.88
N SER L 210 16.44 -18.33 -3.07
CA SER L 210 16.26 -19.69 -3.56
C SER L 210 14.80 -20.14 -3.53
N ASN L 211 13.91 -19.29 -3.01
CA ASN L 211 12.48 -19.59 -2.90
C ASN L 211 12.26 -20.91 -2.15
N THR L 212 12.66 -20.90 -0.87
CA THR L 212 12.62 -22.10 -0.06
C THR L 212 12.13 -21.74 1.34
N LYS L 213 10.97 -22.25 1.72
CA LYS L 213 10.42 -22.09 3.06
C LYS L 213 10.42 -23.45 3.73
N VAL L 214 11.07 -23.54 4.90
CA VAL L 214 11.21 -24.79 5.62
C VAL L 214 10.77 -24.57 7.06
N ASP L 215 9.91 -25.45 7.56
CA ASP L 215 9.38 -25.38 8.92
C ASP L 215 9.92 -26.59 9.68
N LYS L 216 10.87 -26.36 10.59
CA LYS L 216 11.49 -27.45 11.32
C LYS L 216 11.07 -27.37 12.78
N ARG L 217 10.40 -28.42 13.25
CA ARG L 217 10.07 -28.54 14.66
C ARG L 217 11.31 -28.93 15.45
N VAL L 218 11.60 -28.19 16.52
CA VAL L 218 12.72 -28.50 17.40
C VAL L 218 12.18 -29.42 18.49
N GLU L 219 12.42 -30.71 18.33
CA GLU L 219 11.98 -31.71 19.30
C GLU L 219 12.95 -31.72 20.48
N ILE L 220 12.79 -32.69 21.37
CA ILE L 220 13.65 -32.85 22.53
C ILE L 220 14.20 -34.27 22.49
N LYS L 221 15.51 -34.39 22.29
CA LYS L 221 16.14 -35.71 22.24
C LYS L 221 16.04 -36.39 23.60
N THR L 222 15.75 -37.70 23.58
CA THR L 222 15.43 -38.41 24.82
C THR L 222 16.65 -38.56 25.72
N CYS L 223 17.78 -38.97 25.15
CA CYS L 223 18.99 -39.18 25.94
C CYS L 223 20.25 -38.81 25.17
C1 NAG M . 0.79 -11.64 36.80
C2 NAG M . 1.65 -11.95 38.01
C3 NAG M . 2.62 -13.08 37.71
C4 NAG M . 2.30 -13.76 36.38
C5 NAG M . 2.20 -12.78 35.21
C6 NAG M . 1.49 -13.44 34.04
C7 NAG M . 2.84 -9.87 37.55
C8 NAG M . 4.20 -10.17 36.98
N2 NAG M . 2.37 -10.77 38.42
O3 NAG M . 2.55 -14.05 38.76
O4 NAG M . 3.32 -14.71 36.10
O5 NAG M . 1.51 -11.59 35.56
O6 NAG M . 0.09 -13.56 34.32
O7 NAG M . 2.23 -8.87 37.23
C1 NAG N . -14.25 -22.29 -20.99
C2 NAG N . -14.88 -23.18 -22.05
C3 NAG N . -14.06 -23.20 -23.32
C4 NAG N . -13.27 -21.91 -23.49
C5 NAG N . -12.34 -21.64 -22.31
C6 NAG N . -12.17 -20.15 -22.08
C7 NAG N . -16.13 -25.22 -21.62
C8 NAG N . -16.45 -25.78 -22.97
N2 NAG N . -15.00 -24.53 -21.53
O3 NAG N . -14.94 -23.36 -24.44
O4 NAG N . -12.50 -21.98 -24.69
O5 NAG N . -12.82 -22.25 -21.11
O6 NAG N . -13.12 -19.42 -22.85
O7 NAG N . -16.85 -25.38 -20.66
C1 GOL O . -62.61 31.57 66.18
O1 GOL O . -63.40 31.39 67.32
C2 GOL O . -61.87 32.92 66.34
O2 GOL O . -60.91 33.11 65.37
C3 GOL O . -62.97 34.00 66.30
O3 GOL O . -62.33 35.23 66.42
C1 GOL P . -55.00 -0.09 33.45
O1 GOL P . -54.49 -0.83 32.37
C2 GOL P . -55.77 -1.08 34.36
O2 GOL P . -56.58 -1.93 33.64
C3 GOL P . -54.65 -1.85 35.13
O3 GOL P . -55.28 -2.52 36.18
C1 GOL Q . 35.05 -15.77 -19.76
O1 GOL Q . 35.45 -15.49 -21.06
C2 GOL Q . 36.17 -15.26 -18.82
O2 GOL Q . 36.28 -16.03 -17.67
C3 GOL Q . 35.79 -13.80 -18.50
O3 GOL Q . 36.69 -13.34 -17.54
C1 NAG R . 61.53 28.21 2.54
C2 NAG R . 60.69 28.95 3.58
C3 NAG R . 61.24 30.35 3.86
C4 NAG R . 62.74 30.30 4.09
C5 NAG R . 63.43 29.55 2.96
C6 NAG R . 64.93 29.50 3.17
C7 NAG R . 58.64 30.11 2.95
C8 NAG R . 57.69 30.43 4.05
N2 NAG R . 59.31 28.98 3.12
O3 NAG R . 60.63 30.91 5.02
O4 NAG R . 63.24 31.64 4.16
O5 NAG R . 62.91 28.23 2.92
O6 NAG R . 65.51 30.79 2.96
O7 NAG R . 58.78 30.83 1.97
C1 GOL S . 48.53 10.53 30.93
O1 GOL S . 48.25 11.50 29.97
C2 GOL S . 47.22 10.28 31.70
O2 GOL S . 47.33 9.18 32.54
C3 GOL S . 46.95 11.59 32.48
O3 GOL S . 45.98 11.30 33.42
C1 GOL T . 35.96 -15.37 5.87
O1 GOL T . 35.89 -14.75 4.63
C2 GOL T . 34.89 -14.72 6.79
O2 GOL T . 34.78 -15.35 8.01
C3 GOL T . 35.35 -13.25 6.94
O3 GOL T . 34.41 -12.63 7.75
C1 GOL U . 24.71 -45.22 11.69
O1 GOL U . 25.19 -44.10 11.00
C2 GOL U . 24.72 -44.85 13.19
O2 GOL U . 23.97 -43.72 13.46
C3 GOL U . 24.16 -46.10 13.91
O3 GOL U . 23.98 -45.75 15.24
C1 NAG V . 59.19 16.34 -57.93
C2 NAG V . 60.06 15.26 -58.55
C3 NAG V . 61.38 15.86 -59.02
C4 NAG V . 61.11 17.04 -59.92
C5 NAG V . 60.19 18.04 -59.23
C6 NAG V . 59.88 19.22 -60.13
C7 NAG V . 60.82 13.04 -57.94
C8 NAG V . 61.37 12.22 -56.83
N2 NAG V . 60.28 14.20 -57.58
O3 NAG V . 62.15 14.89 -59.73
O4 NAG V . 62.35 17.68 -60.25
O5 NAG V . 58.98 17.38 -58.87
O6 NAG V . 61.06 20.00 -60.31
O7 NAG V . 60.86 12.66 -59.10
C1 GOL W . 77.99 14.02 -39.68
O1 GOL W . 77.76 14.92 -40.74
C2 GOL W . 77.11 14.47 -38.50
O2 GOL W . 77.29 13.67 -37.39
C3 GOL W . 77.49 15.94 -38.23
O3 GOL W . 76.75 16.35 -37.13
C1 GOL X . 4.20 -22.08 5.10
O1 GOL X . 5.07 -23.15 4.93
C2 GOL X . 4.88 -21.10 6.07
O2 GOL X . 6.04 -20.55 5.54
C3 GOL X . 3.81 -20.02 6.37
O3 GOL X . 4.41 -19.06 7.18
C1 GOL Y . 37.95 3.06 -22.73
O1 GOL Y . 37.38 4.09 -23.49
C2 GOL Y . 36.79 2.13 -22.29
O2 GOL Y . 37.26 1.00 -21.65
C3 GOL Y . 35.91 3.01 -21.37
O3 GOL Y . 35.30 3.95 -22.18
C1 GOL Z . 20.30 -1.36 -12.80
O1 GOL Z . 20.73 -2.68 -12.72
C2 GOL Z . 19.29 -1.16 -11.65
O2 GOL Z . 19.84 -1.47 -10.41
C3 GOL Z . 18.87 0.34 -11.73
O3 GOL Z . 17.95 0.56 -10.72
#